data_1URL
# 
_entry.id   1URL 
# 
_audit_conform.dict_name       mmcif_pdbx.dic 
_audit_conform.dict_version    5.382 
_audit_conform.dict_location   http://mmcif.pdb.org/dictionaries/ascii/mmcif_pdbx.dic 
# 
loop_
_database_2.database_id 
_database_2.database_code 
_database_2.pdbx_database_accession 
_database_2.pdbx_DOI 
PDB   1URL         pdb_00001url 10.2210/pdb1url/pdb 
PDBE  EBI-13865    ?            ?                   
WWPDB D_1290013865 ?            ?                   
# 
loop_
_pdbx_database_related.db_name 
_pdbx_database_related.db_id 
_pdbx_database_related.content_type 
_pdbx_database_related.details 
PDB 1OD7 unspecified 
'N-TERMINAL OF SIALOADHESIN IN COMPLEX WITH ME-A-9-N-(NAPHTHYL-2-CARBONYL)-AMINO-9- DEOXY-NEU5AC (NAP COMPOUND)' 
PDB 1OD9 unspecified 'N-TERMINAL OF SIALOADHESIN IN COMPLEX WITH ME-A-9-N-BENZOYL-AMINO-9-DEOXY-NEU5AC ( BENZ COMPOUND)' 
PDB 1ODA unspecified 
'N-TERMINAL OF SIALOADHESIN IN COMPLEX WITH ME-A-9-N-(BIPHENYL-4-CARBONYL)-AMINO-9- DEOXY-NEU5AC (BIP COMPOUND)' 
PDB 1QFO unspecified 
;N-TERMINAL DOMAIN OF SIALOADHESIN (MOUSE) IN COMPLEX WITH 3'SIALYLLACTOSE
;
PDB 1QFP unspecified 'N-TERMINAL DOMAIN OF SIALOADHESIN (MOUSE)' 
# 
_pdbx_database_status.status_code                     REL 
_pdbx_database_status.entry_id                        1URL 
_pdbx_database_status.deposit_site                    PDBE 
_pdbx_database_status.process_site                    PDBE 
_pdbx_database_status.SG_entry                        . 
_pdbx_database_status.recvd_initial_deposition_date   2003-10-31 
_pdbx_database_status.pdb_format_compatible           Y 
_pdbx_database_status.status_code_sf                  REL 
_pdbx_database_status.status_code_mr                  ? 
_pdbx_database_status.status_code_cs                  ? 
_pdbx_database_status.methods_development_category    ? 
_pdbx_database_status.status_code_nmr_data            ? 
# 
loop_
_audit_author.name 
_audit_author.pdbx_ordinal 
_audit_author.identifier_ORCID 
'Bukrinsky, J.T.' 1 ? 
'Hilaire, P.M.S.' 2 ? 
'Meldal, M.'      3 ? 
'Crocker, P.R.'   4 ? 
'Henriksen, A.'   5 ? 
# 
loop_
_citation.id 
_citation.title 
_citation.journal_abbrev 
_citation.journal_volume 
_citation.page_first 
_citation.page_last 
_citation.year 
_citation.journal_id_ASTM 
_citation.country 
_citation.journal_id_ISSN 
_citation.journal_id_CSD 
_citation.book_publisher 
_citation.pdbx_database_id_PubMed 
_citation.pdbx_database_id_DOI 
primary 'Complex of Sialoadhesin with a Glycopeptide Ligand'                                                                
Biochim.Biophys.Acta 1702 173 ? 2004 BBACAQ NE 0006-3002 0113 ? 15488769 10.1016/J.BBAPAP.2004.08.015    
1       
;Crystal Structure of the N-Terminal Domain of Sialoadhesin in Complex with 3' Sialyllactose at 1.85 A Resolution.
;
Mol.Cell             1    719 ? 1998 MOCEFL US 1097-2765 2168 ? 9660955  '10.1016/S1097-2765(00)80071-4' 
# 
loop_
_citation_author.citation_id 
_citation_author.name 
_citation_author.ordinal 
_citation_author.identifier_ORCID 
primary 'Bukrinsky, J.T.' 1  ? 
primary 'Hilaire, P.M.S.' 2  ? 
primary 'Meldal, M.'      3  ? 
primary 'Crocker, P.R.'   4  ? 
primary 'Henriksen, A.'   5  ? 
1       'May, A.P.'       6  ? 
1       'Robinson, R.C.'  7  ? 
1       'Vinson, M.'      8  ? 
1       'Crocker, P.R.'   9  ? 
1       'Jones, E.Y.'     10 ? 
# 
_cell.entry_id           1URL 
_cell.length_a           42.230 
_cell.length_b           78.460 
_cell.length_c           34.220 
_cell.angle_alpha        90.00 
_cell.angle_beta         90.00 
_cell.angle_gamma        90.00 
_cell.Z_PDB              4 
_cell.pdbx_unique_axis   ? 
# 
_symmetry.entry_id                         1URL 
_symmetry.space_group_name_H-M             'P 21 21 2' 
_symmetry.pdbx_full_space_group_name_H-M   ? 
_symmetry.cell_setting                     ? 
_symmetry.Int_Tables_number                18 
# 
loop_
_entity.id 
_entity.type 
_entity.src_method 
_entity.pdbx_description 
_entity.formula_weight 
_entity.pdbx_number_of_molecules 
_entity.pdbx_ec 
_entity.pdbx_mutation 
_entity.pdbx_fragment 
_entity.details 
1 polymer     man SIALOADHESIN                     13204.021 1  ? ? 'N-TERMINAL DOMAIN, RESIDUES 20-137' ? 
2 polymer     syn ALA-GLY-HIS-THR-TRP-GLY-HIA      764.812   1  ? ? ?                                    
'HIA IS A MODIFIED HISTIDINE, O-SIALIC ACID BOUND ON THR B 4' 
3 non-polymer man 'N-acetyl-alpha-neuraminic acid' 309.270   1  ? ? ?                                    ? 
4 water       nat water                            18.015    18 ? ? ?                                    ? 
# 
_entity_name_com.entity_id   1 
_entity_name_com.name        'SIALIC ACID BINDING IG-LIKE LECTIN-1, SIGLEC-1' 
# 
loop_
_entity_poly.entity_id 
_entity_poly.type 
_entity_poly.nstd_linkage 
_entity_poly.nstd_monomer 
_entity_poly.pdbx_seq_one_letter_code 
_entity_poly.pdbx_seq_one_letter_code_can 
_entity_poly.pdbx_strand_id 
_entity_poly.pdbx_target_identifier 
1 'polypeptide(L)' no no  
;TWGVSSPKNVQGLSGSCLLIPCIFSYPADVPVSNGITAIWYYDYSGKRQVVIHSGDPKLVDKRFRGRAELMGNMDHKVCN
LLLKDLKPEDSGTYNFRFEISDSNRWLDVKGTTVTVTT
;
;TWGVSSPKNVQGLSGSCLLIPCIFSYPADVPVSNGITAIWYYDYSGKRQVVIHSGDPKLVDKRFRGRAELMGNMDHKVCN
LLLKDLKPEDSGTYNFRFEISDSNRWLDVKGTTVTVTT
;
A ? 
2 'polypeptide(L)' no yes 'AGHTWG(HIA)' AGHTWGH B ? 
# 
loop_
_entity_poly_seq.entity_id 
_entity_poly_seq.num 
_entity_poly_seq.mon_id 
_entity_poly_seq.hetero 
1 1   THR n 
1 2   TRP n 
1 3   GLY n 
1 4   VAL n 
1 5   SER n 
1 6   SER n 
1 7   PRO n 
1 8   LYS n 
1 9   ASN n 
1 10  VAL n 
1 11  GLN n 
1 12  GLY n 
1 13  LEU n 
1 14  SER n 
1 15  GLY n 
1 16  SER n 
1 17  CYS n 
1 18  LEU n 
1 19  LEU n 
1 20  ILE n 
1 21  PRO n 
1 22  CYS n 
1 23  ILE n 
1 24  PHE n 
1 25  SER n 
1 26  TYR n 
1 27  PRO n 
1 28  ALA n 
1 29  ASP n 
1 30  VAL n 
1 31  PRO n 
1 32  VAL n 
1 33  SER n 
1 34  ASN n 
1 35  GLY n 
1 36  ILE n 
1 37  THR n 
1 38  ALA n 
1 39  ILE n 
1 40  TRP n 
1 41  TYR n 
1 42  TYR n 
1 43  ASP n 
1 44  TYR n 
1 45  SER n 
1 46  GLY n 
1 47  LYS n 
1 48  ARG n 
1 49  GLN n 
1 50  VAL n 
1 51  VAL n 
1 52  ILE n 
1 53  HIS n 
1 54  SER n 
1 55  GLY n 
1 56  ASP n 
1 57  PRO n 
1 58  LYS n 
1 59  LEU n 
1 60  VAL n 
1 61  ASP n 
1 62  LYS n 
1 63  ARG n 
1 64  PHE n 
1 65  ARG n 
1 66  GLY n 
1 67  ARG n 
1 68  ALA n 
1 69  GLU n 
1 70  LEU n 
1 71  MET n 
1 72  GLY n 
1 73  ASN n 
1 74  MET n 
1 75  ASP n 
1 76  HIS n 
1 77  LYS n 
1 78  VAL n 
1 79  CYS n 
1 80  ASN n 
1 81  LEU n 
1 82  LEU n 
1 83  LEU n 
1 84  LYS n 
1 85  ASP n 
1 86  LEU n 
1 87  LYS n 
1 88  PRO n 
1 89  GLU n 
1 90  ASP n 
1 91  SER n 
1 92  GLY n 
1 93  THR n 
1 94  TYR n 
1 95  ASN n 
1 96  PHE n 
1 97  ARG n 
1 98  PHE n 
1 99  GLU n 
1 100 ILE n 
1 101 SER n 
1 102 ASP n 
1 103 SER n 
1 104 ASN n 
1 105 ARG n 
1 106 TRP n 
1 107 LEU n 
1 108 ASP n 
1 109 VAL n 
1 110 LYS n 
1 111 GLY n 
1 112 THR n 
1 113 THR n 
1 114 VAL n 
1 115 THR n 
1 116 VAL n 
1 117 THR n 
1 118 THR n 
2 1   ALA n 
2 2   GLY n 
2 3   HIS n 
2 4   THR n 
2 5   TRP n 
2 6   GLY n 
2 7   HIA n 
# 
_entity_src_gen.entity_id                          1 
_entity_src_gen.pdbx_src_id                        1 
_entity_src_gen.pdbx_alt_source_flag               sample 
_entity_src_gen.pdbx_seq_type                      ? 
_entity_src_gen.pdbx_beg_seq_num                   ? 
_entity_src_gen.pdbx_end_seq_num                   ? 
_entity_src_gen.gene_src_common_name               MOUSE 
_entity_src_gen.gene_src_genus                     ? 
_entity_src_gen.pdbx_gene_src_gene                 ? 
_entity_src_gen.gene_src_species                   ? 
_entity_src_gen.gene_src_strain                    ? 
_entity_src_gen.gene_src_tissue                    ? 
_entity_src_gen.gene_src_tissue_fraction           ? 
_entity_src_gen.gene_src_details                   ? 
_entity_src_gen.pdbx_gene_src_fragment             ? 
_entity_src_gen.pdbx_gene_src_scientific_name      'MUS MUSCULUS' 
_entity_src_gen.pdbx_gene_src_ncbi_taxonomy_id     10090 
_entity_src_gen.pdbx_gene_src_variant              ? 
_entity_src_gen.pdbx_gene_src_cell_line            ? 
_entity_src_gen.pdbx_gene_src_atcc                 ? 
_entity_src_gen.pdbx_gene_src_organ                ? 
_entity_src_gen.pdbx_gene_src_organelle            ? 
_entity_src_gen.pdbx_gene_src_cell                 ? 
_entity_src_gen.pdbx_gene_src_cellular_location    ? 
_entity_src_gen.host_org_common_name               ? 
_entity_src_gen.pdbx_host_org_scientific_name      'CRICETULUS GRISEUS' 
_entity_src_gen.pdbx_host_org_ncbi_taxonomy_id     10029 
_entity_src_gen.host_org_genus                     ? 
_entity_src_gen.pdbx_host_org_gene                 ? 
_entity_src_gen.pdbx_host_org_organ                ? 
_entity_src_gen.host_org_species                   ? 
_entity_src_gen.pdbx_host_org_tissue               ? 
_entity_src_gen.pdbx_host_org_tissue_fraction      ? 
_entity_src_gen.pdbx_host_org_strain               ? 
_entity_src_gen.pdbx_host_org_variant              ? 
_entity_src_gen.pdbx_host_org_cell_line            ? 
_entity_src_gen.pdbx_host_org_atcc                 ? 
_entity_src_gen.pdbx_host_org_culture_collection   ? 
_entity_src_gen.pdbx_host_org_cell                 ? 
_entity_src_gen.pdbx_host_org_organelle            ? 
_entity_src_gen.pdbx_host_org_cellular_location    ? 
_entity_src_gen.pdbx_host_org_vector_type          PLASMID 
_entity_src_gen.pdbx_host_org_vector               ? 
_entity_src_gen.host_org_details                   ? 
_entity_src_gen.expression_system_id               ? 
_entity_src_gen.plasmid_name                       PEE14 
_entity_src_gen.plasmid_details                    ? 
_entity_src_gen.pdbx_description                   ? 
# 
_pdbx_entity_src_syn.entity_id              2 
_pdbx_entity_src_syn.pdbx_src_id            1 
_pdbx_entity_src_syn.pdbx_alt_source_flag   sample 
_pdbx_entity_src_syn.pdbx_beg_seq_num       ? 
_pdbx_entity_src_syn.pdbx_end_seq_num       ? 
_pdbx_entity_src_syn.organism_scientific    'synthetic construct' 
_pdbx_entity_src_syn.organism_common_name   ? 
_pdbx_entity_src_syn.ncbi_taxonomy_id       32630 
_pdbx_entity_src_syn.details                ? 
# 
loop_
_struct_ref.id 
_struct_ref.db_name 
_struct_ref.db_code 
_struct_ref.entity_id 
_struct_ref.pdbx_seq_one_letter_code 
_struct_ref.pdbx_align_begin 
_struct_ref.pdbx_db_accession 
_struct_ref.pdbx_db_isoform 
1 UNP SN_MOUSE 1 ? ? Q62230 ? 
2 PDB 1URL     2 ? ? 1URL   ? 
# 
loop_
_struct_ref_seq.align_id 
_struct_ref_seq.ref_id 
_struct_ref_seq.pdbx_PDB_id_code 
_struct_ref_seq.pdbx_strand_id 
_struct_ref_seq.seq_align_beg 
_struct_ref_seq.pdbx_seq_align_beg_ins_code 
_struct_ref_seq.seq_align_end 
_struct_ref_seq.pdbx_seq_align_end_ins_code 
_struct_ref_seq.pdbx_db_accession 
_struct_ref_seq.db_align_beg 
_struct_ref_seq.pdbx_db_align_beg_ins_code 
_struct_ref_seq.db_align_end 
_struct_ref_seq.pdbx_db_align_end_ins_code 
_struct_ref_seq.pdbx_auth_seq_align_beg 
_struct_ref_seq.pdbx_auth_seq_align_end 
1 1 1URL A 1 ? 118 ? Q62230 20 ? 137 ? 1 118 
2 2 1URL B 1 ? 7   ? 1URL   1  ? 7   ? 1 7   
# 
loop_
_chem_comp.id 
_chem_comp.type 
_chem_comp.mon_nstd_flag 
_chem_comp.name 
_chem_comp.pdbx_synonyms 
_chem_comp.formula 
_chem_comp.formula_weight 
ALA 'L-peptide linking'           y ALANINE                          ? 'C3 H7 N O2'     89.093  
ARG 'L-peptide linking'           y ARGININE                         ? 'C6 H15 N4 O2 1' 175.209 
ASN 'L-peptide linking'           y ASPARAGINE                       ? 'C4 H8 N2 O3'    132.118 
ASP 'L-peptide linking'           y 'ASPARTIC ACID'                  ? 'C4 H7 N O4'     133.103 
CYS 'L-peptide linking'           y CYSTEINE                         ? 'C3 H7 N O2 S'   121.158 
GLN 'L-peptide linking'           y GLUTAMINE                        ? 'C5 H10 N2 O3'   146.144 
GLU 'L-peptide linking'           y 'GLUTAMIC ACID'                  ? 'C5 H9 N O4'     147.129 
GLY 'peptide linking'             y GLYCINE                          ? 'C2 H5 N O2'     75.067  
HIA 'L-peptide linking'           n 'L-HISTIDINE AMIDE'              L-HISTIDINAMIDE 'C6 H10 N4 O'    154.170 
HIS 'L-peptide linking'           y HISTIDINE                        ? 'C6 H10 N3 O2 1' 156.162 
HOH non-polymer                   . WATER                            ? 'H2 O'           18.015  
ILE 'L-peptide linking'           y ISOLEUCINE                       ? 'C6 H13 N O2'    131.173 
LEU 'L-peptide linking'           y LEUCINE                          ? 'C6 H13 N O2'    131.173 
LYS 'L-peptide linking'           y LYSINE                           ? 'C6 H15 N2 O2 1' 147.195 
MET 'L-peptide linking'           y METHIONINE                       ? 'C5 H11 N O2 S'  149.211 
PHE 'L-peptide linking'           y PHENYLALANINE                    ? 'C9 H11 N O2'    165.189 
PRO 'L-peptide linking'           y PROLINE                          ? 'C5 H9 N O2'     115.130 
SER 'L-peptide linking'           y SERINE                           ? 'C3 H7 N O3'     105.093 
SIA 'D-saccharide, alpha linking' . 'N-acetyl-alpha-neuraminic acid' 
'N-acetylneuraminic acid; sialic acid; alpha-sialic acid; O-SIALIC ACID' 'C11 H19 N O9'   309.270 
THR 'L-peptide linking'           y THREONINE                        ? 'C4 H9 N O3'     119.119 
TRP 'L-peptide linking'           y TRYPTOPHAN                       ? 'C11 H12 N2 O2'  204.225 
TYR 'L-peptide linking'           y TYROSINE                         ? 'C9 H11 N O3'    181.189 
VAL 'L-peptide linking'           y VALINE                           ? 'C5 H11 N O2'    117.146 
# 
_exptl.entry_id          1URL 
_exptl.method            'X-RAY DIFFRACTION' 
_exptl.crystals_number   1 
# 
_exptl_crystal.id                    1 
_exptl_crystal.density_meas          ? 
_exptl_crystal.density_Matthews      2.07 
_exptl_crystal.density_percent_sol   40.6 
_exptl_crystal.description           ? 
# 
_exptl_crystal_grow.crystal_id      1 
_exptl_crystal_grow.method          ? 
_exptl_crystal_grow.temp            ? 
_exptl_crystal_grow.temp_details    ? 
_exptl_crystal_grow.pH              5.60 
_exptl_crystal_grow.pdbx_pH_range   ? 
_exptl_crystal_grow.pdbx_details    '30% PEG4000, 0.1 M NA-CITRATE, 0.2 M AMSO4 PH 5.6' 
# 
_diffrn.id                     1 
_diffrn.ambient_temp           100.0 
_diffrn.ambient_temp_details   ? 
_diffrn.crystal_id             1 
# 
_diffrn_detector.diffrn_id              1 
_diffrn_detector.detector               CCD 
_diffrn_detector.type                   MARRESEARCH 
_diffrn_detector.pdbx_collection_date   2002-04-15 
_diffrn_detector.details                MIRRORS 
# 
_diffrn_radiation.diffrn_id                        1 
_diffrn_radiation.wavelength_id                    1 
_diffrn_radiation.pdbx_monochromatic_or_laue_m_l   M 
_diffrn_radiation.monochromator                    ? 
_diffrn_radiation.pdbx_diffrn_protocol             'SINGLE WAVELENGTH' 
_diffrn_radiation.pdbx_scattering_type             x-ray 
# 
_diffrn_radiation_wavelength.id           1 
_diffrn_radiation_wavelength.wavelength   1.192 
_diffrn_radiation_wavelength.wt           1.0 
# 
_diffrn_source.diffrn_id                   1 
_diffrn_source.source                      SYNCHROTRON 
_diffrn_source.type                        'MAX II BEAMLINE I711' 
_diffrn_source.pdbx_synchrotron_site       'MAX II' 
_diffrn_source.pdbx_synchrotron_beamline   I711 
_diffrn_source.pdbx_wavelength             1.192 
_diffrn_source.pdbx_wavelength_list        ? 
# 
_reflns.pdbx_diffrn_id               1 
_reflns.pdbx_ordinal                 1 
_reflns.entry_id                     1URL 
_reflns.observed_criterion_sigma_I   ? 
_reflns.observed_criterion_sigma_F   ? 
_reflns.d_resolution_low             28.700 
_reflns.d_resolution_high            2.400 
_reflns.number_obs                   4194 
_reflns.number_all                   ? 
_reflns.percent_possible_obs         87.7 
_reflns.pdbx_Rmerge_I_obs            0.08100 
_reflns.pdbx_Rsym_value              ? 
_reflns.pdbx_netI_over_sigmaI        7.5000 
_reflns.B_iso_Wilson_estimate        44.6 
_reflns.pdbx_redundancy              3.800 
# 
_reflns_shell.pdbx_diffrn_id         1 
_reflns_shell.pdbx_ordinal           1 
_reflns_shell.d_res_high             2.40 
_reflns_shell.d_res_low              2.52 
_reflns_shell.percent_possible_all   73.4 
_reflns_shell.Rmerge_I_obs           0.47300 
_reflns_shell.pdbx_Rsym_value        ? 
_reflns_shell.meanI_over_sigI_obs    1.600 
_reflns_shell.pdbx_redundancy        2.40 
# 
_refine.pdbx_refine_id                           'X-RAY DIFFRACTION' 
_refine.entry_id                                 1URL 
_refine.pdbx_diffrn_id                           1 
_refine.pdbx_TLS_residual_ADP_flag               ? 
_refine.ls_number_reflns_obs                     4168 
_refine.ls_number_reflns_all                     ? 
_refine.pdbx_ls_sigma_I                          ? 
_refine.pdbx_ls_sigma_F                          0.0 
_refine.pdbx_data_cutoff_high_absF               659043.58 
_refine.pdbx_data_cutoff_low_absF                ? 
_refine.pdbx_data_cutoff_high_rms_absF           ? 
_refine.ls_d_res_low                             28.74 
_refine.ls_d_res_high                            2.40 
_refine.ls_percent_reflns_obs                    86.8 
_refine.ls_R_factor_obs                          0.225 
_refine.ls_R_factor_all                          ? 
_refine.ls_R_factor_R_work                       0.225 
_refine.ls_R_factor_R_free                       0.273 
_refine.ls_R_factor_R_free_error                 0.018 
_refine.ls_R_factor_R_free_error_details         ? 
_refine.ls_percent_reflns_R_free                 5.4 
_refine.ls_number_reflns_R_free                  224 
_refine.ls_number_parameters                     ? 
_refine.ls_number_restraints                     ? 
_refine.occupancy_min                            ? 
_refine.occupancy_max                            ? 
_refine.correlation_coeff_Fo_to_Fc               ? 
_refine.correlation_coeff_Fo_to_Fc_free          ? 
_refine.B_iso_mean                               49.2 
_refine.aniso_B[1][1]                            -10.17 
_refine.aniso_B[2][2]                            -6.77 
_refine.aniso_B[3][3]                            16.93 
_refine.aniso_B[1][2]                            0.00 
_refine.aniso_B[1][3]                            0.00 
_refine.aniso_B[2][3]                            0.00 
_refine.solvent_model_details                    'FLAT MODEL' 
_refine.solvent_model_param_ksol                 0.366536 
_refine.solvent_model_param_bsol                 52.2074 
_refine.pdbx_solvent_vdw_probe_radii             ? 
_refine.pdbx_solvent_ion_probe_radii             ? 
_refine.pdbx_solvent_shrinkage_radii             ? 
_refine.pdbx_ls_cross_valid_method               THROUGHOUT 
_refine.details                                  'CYS A 17 MAKES A DISULPHIDE BOND WITH A SYMMETRY RELATED MOLECULE' 
_refine.pdbx_starting_model                      'PDB ENTRY 1QFO' 
_refine.pdbx_method_to_determine_struct          'MOLECULAR REPLACEMENT' 
_refine.pdbx_isotropic_thermal_model             RESTRAINED 
_refine.pdbx_stereochemistry_target_values       MLF 
_refine.pdbx_stereochem_target_val_spec_case     ? 
_refine.pdbx_R_Free_selection_details            RANDOM 
_refine.pdbx_overall_ESU_R                       ? 
_refine.pdbx_overall_ESU_R_Free                  ? 
_refine.overall_SU_ML                            ? 
_refine.pdbx_overall_phase_error                 ? 
_refine.overall_SU_B                             ? 
_refine.overall_SU_R_Cruickshank_DPI             ? 
_refine.pdbx_overall_SU_R_free_Cruickshank_DPI   ? 
_refine.pdbx_overall_SU_R_Blow_DPI               ? 
_refine.pdbx_overall_SU_R_free_Blow_DPI          ? 
# 
_refine_analyze.pdbx_refine_id                  'X-RAY DIFFRACTION' 
_refine_analyze.entry_id                        1URL 
_refine_analyze.Luzzati_coordinate_error_obs    0.34 
_refine_analyze.Luzzati_sigma_a_obs             0.48 
_refine_analyze.Luzzati_d_res_low_obs           5.00 
_refine_analyze.Luzzati_coordinate_error_free   0.43 
_refine_analyze.Luzzati_sigma_a_free            0.58 
_refine_analyze.Luzzati_d_res_low_free          ? 
_refine_analyze.number_disordered_residues      ? 
_refine_analyze.occupancy_sum_hydrogen          ? 
_refine_analyze.occupancy_sum_non_hydrogen      ? 
# 
_refine_hist.pdbx_refine_id                   'X-RAY DIFFRACTION' 
_refine_hist.cycle_id                         LAST 
_refine_hist.pdbx_number_atoms_protein        966 
_refine_hist.pdbx_number_atoms_nucleic_acid   0 
_refine_hist.pdbx_number_atoms_ligand         20 
_refine_hist.number_atoms_solvent             18 
_refine_hist.number_atoms_total               1004 
_refine_hist.d_res_high                       2.40 
_refine_hist.d_res_low                        28.74 
# 
loop_
_refine_ls_restr.type 
_refine_ls_restr.dev_ideal 
_refine_ls_restr.dev_ideal_target 
_refine_ls_restr.weight 
_refine_ls_restr.number 
_refine_ls_restr.pdbx_refine_id 
_refine_ls_restr.pdbx_restraint_function 
c_bond_d                0.007 ?    ? ? 'X-RAY DIFFRACTION' ? 
c_bond_d_na             ?     ?    ? ? 'X-RAY DIFFRACTION' ? 
c_bond_d_prot           ?     ?    ? ? 'X-RAY DIFFRACTION' ? 
c_angle_d               ?     ?    ? ? 'X-RAY DIFFRACTION' ? 
c_angle_d_na            ?     ?    ? ? 'X-RAY DIFFRACTION' ? 
c_angle_d_prot          ?     ?    ? ? 'X-RAY DIFFRACTION' ? 
c_angle_deg             1.3   ?    ? ? 'X-RAY DIFFRACTION' ? 
c_angle_deg_na          ?     ?    ? ? 'X-RAY DIFFRACTION' ? 
c_angle_deg_prot        ?     ?    ? ? 'X-RAY DIFFRACTION' ? 
c_dihedral_angle_d      24.7  ?    ? ? 'X-RAY DIFFRACTION' ? 
c_dihedral_angle_d_na   ?     ?    ? ? 'X-RAY DIFFRACTION' ? 
c_dihedral_angle_d_prot ?     ?    ? ? 'X-RAY DIFFRACTION' ? 
c_improper_angle_d      0.82  ?    ? ? 'X-RAY DIFFRACTION' ? 
c_improper_angle_d_na   ?     ?    ? ? 'X-RAY DIFFRACTION' ? 
c_improper_angle_d_prot ?     ?    ? ? 'X-RAY DIFFRACTION' ? 
c_mcbond_it             2.00  1.50 ? ? 'X-RAY DIFFRACTION' ? 
c_mcangle_it            3.62  2.00 ? ? 'X-RAY DIFFRACTION' ? 
c_scbond_it             1.83  2.00 ? ? 'X-RAY DIFFRACTION' ? 
c_scangle_it            2.99  2.50 ? ? 'X-RAY DIFFRACTION' ? 
# 
_refine_ls_shell.pdbx_refine_id                   'X-RAY DIFFRACTION' 
_refine_ls_shell.pdbx_total_number_of_bins_used   6 
_refine_ls_shell.d_res_high                       2.40 
_refine_ls_shell.d_res_low                        2.55 
_refine_ls_shell.number_reflns_R_work             566 
_refine_ls_shell.R_factor_R_work                  0.372 
_refine_ls_shell.percent_reflns_obs               77.6 
_refine_ls_shell.R_factor_R_free                  0.394 
_refine_ls_shell.R_factor_R_free_error            0.066 
_refine_ls_shell.percent_reflns_R_free            6.0 
_refine_ls_shell.number_reflns_R_free             36 
_refine_ls_shell.number_reflns_all                ? 
_refine_ls_shell.R_factor_all                     ? 
# 
loop_
_pdbx_xplor_file.pdbx_refine_id 
_pdbx_xplor_file.serial_no 
_pdbx_xplor_file.param_file 
_pdbx_xplor_file.topol_file 
'X-RAY DIFFRACTION' 1 PROTEIN_REP.PARAM  PROTEIN.TOP      
'X-RAY DIFFRACTION' 2 CARBOHYDRATE.PARAM CARBOHYDRATE.TOP 
'X-RAY DIFFRACTION' 3 WATER_REP.PARAM    WATER.TOP        
# 
_struct.entry_id                  1URL 
_struct.title                     'N-TERMINAL DOMAIN OF SIALOADHESIN (MOUSE) IN COMPLEX WITH GLYCOPEPTIDE' 
_struct.pdbx_model_details        ? 
_struct.pdbx_CASP_flag            ? 
_struct.pdbx_model_type_details   ? 
# 
_struct_keywords.entry_id        1URL 
_struct_keywords.pdbx_keywords   'SUGAR BINDING PROTEIN/IMMUNE SYSTEM' 
_struct_keywords.text            
;LECTIN/IG-DOMAIN, SIALOADHESIN, OLIGOSACCHARIDE MIMICS, MOLECULAR MIMICRY, CELL ADHESION, LECTIN, IMMUNOGLOBULIN DOMAIN, SUGAR BINDING PROTEIN IMMUNE SYSTEM COMPLEX, SUGAR BINDING PROTEIN, IMMUNE SYSTEM, SUGAR BINDING PROTEIN-IMMUNE SYSTEM complex
;
# 
loop_
_struct_asym.id 
_struct_asym.pdbx_blank_PDB_chainid_flag 
_struct_asym.pdbx_modified 
_struct_asym.entity_id 
_struct_asym.details 
A N N 1 ? 
B N N 2 ? 
C N N 3 ? 
D N N 4 ? 
# 
_struct_biol.id        1 
_struct_biol.details   
;THE ENTRY IS MARKED AS DIMERIC AS PEPTIDE                    
  CHAIN B IS IN COMPLEX WITH PROTEIN CHAIN A FOR                      
  THE HETERO-ASSEMBLY DESCRIBED BY REMARK 350.
;
# 
loop_
_struct_conf.conf_type_id 
_struct_conf.id 
_struct_conf.pdbx_PDB_helix_id 
_struct_conf.beg_label_comp_id 
_struct_conf.beg_label_asym_id 
_struct_conf.beg_label_seq_id 
_struct_conf.pdbx_beg_PDB_ins_code 
_struct_conf.end_label_comp_id 
_struct_conf.end_label_asym_id 
_struct_conf.end_label_seq_id 
_struct_conf.pdbx_end_PDB_ins_code 
_struct_conf.beg_auth_comp_id 
_struct_conf.beg_auth_asym_id 
_struct_conf.beg_auth_seq_id 
_struct_conf.end_auth_comp_id 
_struct_conf.end_auth_asym_id 
_struct_conf.end_auth_seq_id 
_struct_conf.pdbx_PDB_helix_class 
_struct_conf.details 
_struct_conf.pdbx_PDB_helix_length 
HELX_P HELX_P1 1 ASP A 56 ? VAL A 60 ? ASP A 56 VAL A 60 5 ? 5 
HELX_P HELX_P2 2 LYS A 87 ? SER A 91 ? LYS A 87 SER A 91 5 ? 5 
# 
_struct_conf_type.id          HELX_P 
_struct_conf_type.criteria    ? 
_struct_conf_type.reference   ? 
# 
loop_
_struct_conn.id 
_struct_conn.conn_type_id 
_struct_conn.pdbx_leaving_atom_flag 
_struct_conn.pdbx_PDB_id 
_struct_conn.ptnr1_label_asym_id 
_struct_conn.ptnr1_label_comp_id 
_struct_conn.ptnr1_label_seq_id 
_struct_conn.ptnr1_label_atom_id 
_struct_conn.pdbx_ptnr1_label_alt_id 
_struct_conn.pdbx_ptnr1_PDB_ins_code 
_struct_conn.pdbx_ptnr1_standard_comp_id 
_struct_conn.ptnr1_symmetry 
_struct_conn.ptnr2_label_asym_id 
_struct_conn.ptnr2_label_comp_id 
_struct_conn.ptnr2_label_seq_id 
_struct_conn.ptnr2_label_atom_id 
_struct_conn.pdbx_ptnr2_label_alt_id 
_struct_conn.pdbx_ptnr2_PDB_ins_code 
_struct_conn.ptnr1_auth_asym_id 
_struct_conn.ptnr1_auth_comp_id 
_struct_conn.ptnr1_auth_seq_id 
_struct_conn.ptnr2_auth_asym_id 
_struct_conn.ptnr2_auth_comp_id 
_struct_conn.ptnr2_auth_seq_id 
_struct_conn.ptnr2_symmetry 
_struct_conn.pdbx_ptnr3_label_atom_id 
_struct_conn.pdbx_ptnr3_label_seq_id 
_struct_conn.pdbx_ptnr3_label_comp_id 
_struct_conn.pdbx_ptnr3_label_asym_id 
_struct_conn.pdbx_ptnr3_label_alt_id 
_struct_conn.pdbx_ptnr3_PDB_ins_code 
_struct_conn.details 
_struct_conn.pdbx_dist_value 
_struct_conn.pdbx_value_order 
_struct_conn.pdbx_role 
disulf1 disulf ?    ? A CYS 17 SG  ? ? ? 1_555 A CYS 17 SG ? ? A CYS 17 A CYS 17   2_555 ? ? ? ? ? ? ? 2.151 ? ? 
disulf2 disulf ?    ? A CYS 22 SG  ? ? ? 1_555 A CYS 79 SG ? ? A CYS 22 A CYS 79   1_555 ? ? ? ? ? ? ? 2.025 ? ? 
covale1 covale one  ? B THR 4  OG1 ? ? ? 1_555 C SIA .  C2 ? ? B THR 4  B SIA 1004 1_555 ? ? ? ? ? ? ? 1.388 ? ? 
covale2 covale both ? B GLY 6  C   ? ? ? 1_555 B HIA 7  N  ? ? B GLY 6  B HIA 7    1_555 ? ? ? ? ? ? ? 1.332 ? ? 
# 
loop_
_struct_conn_type.id 
_struct_conn_type.criteria 
_struct_conn_type.reference 
disulf ? ? 
covale ? ? 
# 
loop_
_struct_sheet.id 
_struct_sheet.type 
_struct_sheet.number_strands 
_struct_sheet.details 
AA ? 2 ? 
AB ? 5 ? 
AC ? 4 ? 
AD ? 3 ? 
# 
loop_
_struct_sheet_order.sheet_id 
_struct_sheet_order.range_id_1 
_struct_sheet_order.range_id_2 
_struct_sheet_order.offset 
_struct_sheet_order.sense 
AA 1 2 ? anti-parallel 
AB 1 2 ? parallel      
AB 2 3 ? anti-parallel 
AB 3 4 ? anti-parallel 
AB 4 5 ? anti-parallel 
AC 1 2 ? parallel      
AC 2 3 ? anti-parallel 
AC 3 4 ? anti-parallel 
AD 1 2 ? anti-parallel 
AD 2 3 ? anti-parallel 
# 
loop_
_struct_sheet_range.sheet_id 
_struct_sheet_range.id 
_struct_sheet_range.beg_label_comp_id 
_struct_sheet_range.beg_label_asym_id 
_struct_sheet_range.beg_label_seq_id 
_struct_sheet_range.pdbx_beg_PDB_ins_code 
_struct_sheet_range.end_label_comp_id 
_struct_sheet_range.end_label_asym_id 
_struct_sheet_range.end_label_seq_id 
_struct_sheet_range.pdbx_end_PDB_ins_code 
_struct_sheet_range.beg_auth_comp_id 
_struct_sheet_range.beg_auth_asym_id 
_struct_sheet_range.beg_auth_seq_id 
_struct_sheet_range.end_auth_comp_id 
_struct_sheet_range.end_auth_asym_id 
_struct_sheet_range.end_auth_seq_id 
AA 1 GLY A 3   ? SER A 5   ? GLY A 3   SER A 5   
AA 2 ILE A 23  ? SER A 25  ? ILE A 23  SER A 25  
AB 1 ASN A 9   ? LEU A 13  ? ASN A 9   LEU A 13  
AB 2 THR A 112 ? THR A 117 ? THR A 112 THR A 117 
AB 3 GLY A 92  ? SER A 101 ? GLY A 92  SER A 101 
AB 4 THR A 37  ? TYR A 42  ? THR A 37  TYR A 42  
AB 5 GLN A 49  ? HIS A 53  ? GLN A 49  HIS A 53  
AC 1 ASN A 9   ? LEU A 13  ? ASN A 9   LEU A 13  
AC 2 THR A 112 ? THR A 117 ? THR A 112 THR A 117 
AC 3 GLY A 92  ? SER A 101 ? GLY A 92  SER A 101 
AC 4 ASN A 104 ? LEU A 107 ? ASN A 104 LEU A 107 
AD 1 LEU A 18  ? ILE A 20  ? LEU A 18  ILE A 20  
AD 2 ASN A 80  ? LEU A 83  ? ASN A 80  LEU A 83  
AD 3 ALA A 68  ? MET A 71  ? ALA A 68  MET A 71  
# 
loop_
_pdbx_struct_sheet_hbond.sheet_id 
_pdbx_struct_sheet_hbond.range_id_1 
_pdbx_struct_sheet_hbond.range_id_2 
_pdbx_struct_sheet_hbond.range_1_label_atom_id 
_pdbx_struct_sheet_hbond.range_1_label_comp_id 
_pdbx_struct_sheet_hbond.range_1_label_asym_id 
_pdbx_struct_sheet_hbond.range_1_label_seq_id 
_pdbx_struct_sheet_hbond.range_1_PDB_ins_code 
_pdbx_struct_sheet_hbond.range_1_auth_atom_id 
_pdbx_struct_sheet_hbond.range_1_auth_comp_id 
_pdbx_struct_sheet_hbond.range_1_auth_asym_id 
_pdbx_struct_sheet_hbond.range_1_auth_seq_id 
_pdbx_struct_sheet_hbond.range_2_label_atom_id 
_pdbx_struct_sheet_hbond.range_2_label_comp_id 
_pdbx_struct_sheet_hbond.range_2_label_asym_id 
_pdbx_struct_sheet_hbond.range_2_label_seq_id 
_pdbx_struct_sheet_hbond.range_2_PDB_ins_code 
_pdbx_struct_sheet_hbond.range_2_auth_atom_id 
_pdbx_struct_sheet_hbond.range_2_auth_comp_id 
_pdbx_struct_sheet_hbond.range_2_auth_asym_id 
_pdbx_struct_sheet_hbond.range_2_auth_seq_id 
AA 1 2 N SER A 5   ? N SER A 5   O ILE A 23  ? O ILE A 23  
AB 1 2 N VAL A 10  ? N VAL A 10  O THR A 113 ? O THR A 113 
AB 2 3 N VAL A 114 ? N VAL A 114 O GLY A 92  ? O GLY A 92  
AB 3 4 N GLU A 99  ? N GLU A 99  O THR A 37  ? O THR A 37  
AB 4 5 N TYR A 42  ? N TYR A 42  O GLN A 49  ? O GLN A 49  
AC 1 2 N VAL A 10  ? N VAL A 10  O THR A 113 ? O THR A 113 
AC 2 3 N VAL A 114 ? N VAL A 114 O GLY A 92  ? O GLY A 92  
AC 3 4 N ILE A 100 ? N ILE A 100 O ASN A 104 ? O ASN A 104 
AD 1 2 N ILE A 20  ? N ILE A 20  O LEU A 81  ? O LEU A 81  
AD 2 3 N LEU A 82  ? N LEU A 82  O GLU A 69  ? O GLU A 69  
# 
_atom_sites.entry_id                    1URL 
_atom_sites.fract_transf_matrix[1][1]   -0.01221796 
_atom_sites.fract_transf_matrix[1][2]   0.02004091 
_atom_sites.fract_transf_matrix[1][3]   -0.00313464 
_atom_sites.fract_transf_matrix[2][1]   -0.01091564 
_atom_sites.fract_transf_matrix[2][2]   -0.00653238 
_atom_sites.fract_transf_matrix[2][3]   0.00078221 
_atom_sites.fract_transf_matrix[3][1]   -0.00046483 
_atom_sites.fract_transf_matrix[3][2]   0.00423853 
_atom_sites.fract_transf_matrix[3][3]   0.02891025 
_atom_sites.fract_transf_vector[1]      0.185667 
_atom_sites.fract_transf_vector[2]      0.161909 
_atom_sites.fract_transf_vector[3]      0.354204 
# 
loop_
_atom_type.symbol 
C 
N 
O 
S 
# 
loop_
_atom_site.group_PDB 
_atom_site.id 
_atom_site.type_symbol 
_atom_site.label_atom_id 
_atom_site.label_alt_id 
_atom_site.label_comp_id 
_atom_site.label_asym_id 
_atom_site.label_entity_id 
_atom_site.label_seq_id 
_atom_site.pdbx_PDB_ins_code 
_atom_site.Cartn_x 
_atom_site.Cartn_y 
_atom_site.Cartn_z 
_atom_site.occupancy 
_atom_site.B_iso_or_equiv 
_atom_site.pdbx_formal_charge 
_atom_site.auth_seq_id 
_atom_site.auth_comp_id 
_atom_site.auth_asym_id 
_atom_site.auth_atom_id 
_atom_site.pdbx_PDB_model_num 
ATOM   1    N N   . THR A 1 1   ? -11.504 -14.901 5.083   1.00 36.74  ? 1    THR A N   1 
ATOM   2    C CA  . THR A 1 1   ? -12.224 -13.750 4.457   1.00 36.76  ? 1    THR A CA  1 
ATOM   3    C C   . THR A 1 1   ? -11.228 -12.694 3.951   1.00 35.45  ? 1    THR A C   1 
ATOM   4    O O   . THR A 1 1   ? -10.015 -12.891 4.031   1.00 34.79  ? 1    THR A O   1 
ATOM   5    C CB  . THR A 1 1   ? -13.195 -13.098 5.472   1.00 38.27  ? 1    THR A CB  1 
ATOM   6    O OG1 . THR A 1 1   ? -12.448 -12.538 6.561   1.00 41.21  ? 1    THR A OG1 1 
ATOM   7    C CG2 . THR A 1 1   ? -14.152 -14.136 6.027   1.00 36.57  ? 1    THR A CG2 1 
ATOM   8    N N   . TRP A 1 2   ? -11.746 -11.581 3.429   1.00 35.14  ? 2    TRP A N   1 
ATOM   9    C CA  . TRP A 1 2   ? -10.914 -10.494 2.913   1.00 32.51  ? 2    TRP A CA  1 
ATOM   10   C C   . TRP A 1 2   ? -10.345 -9.669  4.044   1.00 31.50  ? 2    TRP A C   1 
ATOM   11   O O   . TRP A 1 2   ? -11.030 -9.411  5.031   1.00 31.37  ? 2    TRP A O   1 
ATOM   12   C CB  . TRP A 1 2   ? -11.723 -9.547  2.042   1.00 34.78  ? 2    TRP A CB  1 
ATOM   13   C CG  . TRP A 1 2   ? -12.358 -10.164 0.875   1.00 36.51  ? 2    TRP A CG  1 
ATOM   14   C CD1 . TRP A 1 2   ? -13.499 -10.894 0.859   1.00 37.19  ? 2    TRP A CD1 1 
ATOM   15   C CD2 . TRP A 1 2   ? -11.910 -10.079 -0.475  1.00 37.32  ? 2    TRP A CD2 1 
ATOM   16   N NE1 . TRP A 1 2   ? -13.803 -11.271 -0.425  1.00 39.56  ? 2    TRP A NE1 1 
ATOM   17   C CE2 . TRP A 1 2   ? -12.841 -10.780 -1.267  1.00 37.81  ? 2    TRP A CE2 1 
ATOM   18   C CE3 . TRP A 1 2   ? -10.810 -9.475  -1.097  1.00 38.17  ? 2    TRP A CE3 1 
ATOM   19   C CZ2 . TRP A 1 2   ? -12.709 -10.899 -2.648  1.00 39.33  ? 2    TRP A CZ2 1 
ATOM   20   C CZ3 . TRP A 1 2   ? -10.674 -9.594  -2.473  1.00 39.72  ? 2    TRP A CZ3 1 
ATOM   21   C CH2 . TRP A 1 2   ? -11.621 -10.302 -3.233  1.00 41.07  ? 2    TRP A CH2 1 
ATOM   22   N N   . GLY A 1 3   ? -9.105  -9.224  3.889   1.00 29.66  ? 3    GLY A N   1 
ATOM   23   C CA  . GLY A 1 3   ? -8.495  -8.425  4.926   1.00 27.80  ? 3    GLY A CA  1 
ATOM   24   C C   . GLY A 1 3   ? -7.030  -8.158  4.683   1.00 28.73  ? 3    GLY A C   1 
ATOM   25   O O   . GLY A 1 3   ? -6.424  -8.680  3.747   1.00 27.69  ? 3    GLY A O   1 
ATOM   26   N N   . VAL A 1 4   ? -6.454  -7.331  5.544   1.00 28.83  ? 4    VAL A N   1 
ATOM   27   C CA  . VAL A 1 4   ? -5.056  -6.971  5.435   1.00 27.54  ? 4    VAL A CA  1 
ATOM   28   C C   . VAL A 1 4   ? -4.519  -6.773  6.850   1.00 29.07  ? 4    VAL A C   1 
ATOM   29   O O   . VAL A 1 4   ? -5.163  -6.120  7.670   1.00 27.54  ? 4    VAL A O   1 
ATOM   30   C CB  . VAL A 1 4   ? -4.912  -5.668  4.616   1.00 26.98  ? 4    VAL A CB  1 
ATOM   31   C CG1 . VAL A 1 4   ? -3.459  -5.256  4.524   1.00 26.17  ? 4    VAL A CG1 1 
ATOM   32   C CG2 . VAL A 1 4   ? -5.487  -5.873  3.223   1.00 25.20  ? 4    VAL A CG2 1 
ATOM   33   N N   . SER A 1 5   ? -3.357  -7.362  7.141   1.00 29.87  ? 5    SER A N   1 
ATOM   34   C CA  . SER A 1 5   ? -2.750  -7.232  8.463   1.00 29.43  ? 5    SER A CA  1 
ATOM   35   C C   . SER A 1 5   ? -1.484  -6.398  8.391   1.00 28.88  ? 5    SER A C   1 
ATOM   36   O O   . SER A 1 5   ? -0.545  -6.725  7.669   1.00 26.00  ? 5    SER A O   1 
ATOM   37   C CB  . SER A 1 5   ? -2.430  -8.606  9.064   1.00 30.40  ? 5    SER A CB  1 
ATOM   38   O OG  . SER A 1 5   ? -3.597  -9.233  9.569   1.00 31.48  ? 5    SER A OG  1 
ATOM   39   N N   . SER A 1 6   ? -1.482  -5.312  9.153   1.00 29.31  ? 6    SER A N   1 
ATOM   40   C CA  . SER A 1 6   ? -0.360  -4.395  9.199   1.00 29.37  ? 6    SER A CA  1 
ATOM   41   C C   . SER A 1 6   ? -0.449  -3.627  10.500  1.00 31.50  ? 6    SER A C   1 
ATOM   42   O O   . SER A 1 6   ? -1.515  -3.534  11.104  1.00 31.97  ? 6    SER A O   1 
ATOM   43   C CB  . SER A 1 6   ? -0.416  -3.411  8.019   1.00 27.88  ? 6    SER A CB  1 
ATOM   44   O OG  . SER A 1 6   ? -1.660  -2.717  7.962   1.00 23.96  ? 6    SER A OG  1 
ATOM   45   N N   . PRO A 1 7   ? 0.675   -3.079  10.966  1.00 33.76  ? 7    PRO A N   1 
ATOM   46   C CA  . PRO A 1 7   ? 0.584   -2.328  12.217  1.00 34.12  ? 7    PRO A CA  1 
ATOM   47   C C   . PRO A 1 7   ? -0.295  -1.090  11.997  1.00 35.44  ? 7    PRO A C   1 
ATOM   48   O O   . PRO A 1 7   ? -0.420  -0.607  10.867  1.00 35.10  ? 7    PRO A O   1 
ATOM   49   C CB  . PRO A 1 7   ? 2.042   -1.992  12.518  1.00 34.12  ? 7    PRO A CB  1 
ATOM   50   C CG  . PRO A 1 7   ? 2.684   -1.960  11.151  1.00 33.67  ? 7    PRO A CG  1 
ATOM   51   C CD  . PRO A 1 7   ? 2.062   -3.138  10.468  1.00 32.90  ? 7    PRO A CD  1 
ATOM   52   N N   . LYS A 1 8   ? -0.912  -0.590  13.064  1.00 35.94  ? 8    LYS A N   1 
ATOM   53   C CA  . LYS A 1 8   ? -1.764  0.589   12.950  1.00 36.83  ? 8    LYS A CA  1 
ATOM   54   C C   . LYS A 1 8   ? -0.953  1.892   12.935  1.00 37.61  ? 8    LYS A C   1 
ATOM   55   O O   . LYS A 1 8   ? -1.348  2.868   12.287  1.00 34.99  ? 8    LYS A O   1 
ATOM   56   C CB  . LYS A 1 8   ? -2.788  0.636   14.091  1.00 35.20  ? 8    LYS A CB  1 
ATOM   57   C CG  . LYS A 1 8   ? -3.826  1.725   13.878  1.00 39.93  ? 8    LYS A CG  1 
ATOM   58   C CD  . LYS A 1 8   ? -4.808  1.844   15.030  1.00 42.55  ? 8    LYS A CD  1 
ATOM   59   C CE  . LYS A 1 8   ? -5.711  3.066   14.862  1.00 44.07  ? 8    LYS A CE  1 
ATOM   60   N NZ  . LYS A 1 8   ? -6.796  3.148   15.897  1.00 45.44  ? 8    LYS A NZ  1 
ATOM   61   N N   . ASN A 1 9   ? 0.177   1.891   13.648  1.00 40.14  ? 9    ASN A N   1 
ATOM   62   C CA  . ASN A 1 9   ? 1.069   3.055   13.737  1.00 43.07  ? 9    ASN A CA  1 
ATOM   63   C C   . ASN A 1 9   ? 2.518   2.607   13.591  1.00 43.06  ? 9    ASN A C   1 
ATOM   64   O O   . ASN A 1 9   ? 2.876   1.538   14.060  1.00 45.60  ? 9    ASN A O   1 
ATOM   65   C CB  . ASN A 1 9   ? 0.926   3.752   15.092  1.00 44.16  ? 9    ASN A CB  1 
ATOM   66   C CG  . ASN A 1 9   ? -0.506  4.122   15.411  1.00 48.97  ? 9    ASN A CG  1 
ATOM   67   O OD1 . ASN A 1 9   ? -1.167  4.835   14.646  1.00 51.83  ? 9    ASN A OD1 1 
ATOM   68   N ND2 . ASN A 1 9   ? -0.995  3.645   16.550  1.00 49.22  ? 9    ASN A ND2 1 
ATOM   69   N N   . VAL A 1 10  ? 3.346   3.427   12.952  1.00 43.24  ? 10   VAL A N   1 
ATOM   70   C CA  . VAL A 1 10  ? 4.764   3.114   12.761  1.00 42.48  ? 10   VAL A CA  1 
ATOM   71   C C   . VAL A 1 10  ? 5.585   4.394   12.753  1.00 44.18  ? 10   VAL A C   1 
ATOM   72   O O   . VAL A 1 10  ? 5.170   5.397   12.165  1.00 42.21  ? 10   VAL A O   1 
ATOM   73   C CB  . VAL A 1 10  ? 5.010   2.366   11.438  1.00 40.81  ? 10   VAL A CB  1 
ATOM   74   C CG1 . VAL A 1 10  ? 6.471   2.327   11.136  1.00 41.76  ? 10   VAL A CG1 1 
ATOM   75   C CG2 . VAL A 1 10  ? 4.501   0.949   11.547  1.00 42.97  ? 10   VAL A CG2 1 
ATOM   76   N N   . GLN A 1 11  ? 6.749   4.356   13.403  1.00 45.86  ? 11   GLN A N   1 
ATOM   77   C CA  . GLN A 1 11  ? 7.617   5.523   13.478  1.00 48.07  ? 11   GLN A CA  1 
ATOM   78   C C   . GLN A 1 11  ? 9.044   5.314   12.993  1.00 47.95  ? 11   GLN A C   1 
ATOM   79   O O   . GLN A 1 11  ? 9.679   4.307   13.301  1.00 47.06  ? 11   GLN A O   1 
ATOM   80   C CB  . GLN A 1 11  ? 7.633   6.080   14.902  1.00 50.50  ? 11   GLN A CB  1 
ATOM   81   C CG  . GLN A 1 11  ? 6.368   6.869   15.229  1.00 57.86  ? 11   GLN A CG  1 
ATOM   82   C CD  . GLN A 1 11  ? 6.450   7.651   16.533  1.00 60.60  ? 11   GLN A CD  1 
ATOM   83   O OE1 . GLN A 1 11  ? 7.401   8.406   16.765  1.00 62.84  ? 11   GLN A OE1 1 
ATOM   84   N NE2 . GLN A 1 11  ? 5.440   7.484   17.386  1.00 61.95  ? 11   GLN A NE2 1 
ATOM   85   N N   . GLY A 1 12  ? 9.531   6.291   12.231  1.00 48.37  ? 12   GLY A N   1 
ATOM   86   C CA  . GLY A 1 12  ? 10.877  6.233   11.694  1.00 48.98  ? 12   GLY A CA  1 
ATOM   87   C C   . GLY A 1 12  ? 11.636  7.550   11.772  1.00 48.89  ? 12   GLY A C   1 
ATOM   88   O O   . GLY A 1 12  ? 11.045  8.618   11.953  1.00 47.20  ? 12   GLY A O   1 
ATOM   89   N N   . LEU A 1 13  ? 12.957  7.455   11.632  1.00 49.71  ? 13   LEU A N   1 
ATOM   90   C CA  . LEU A 1 13  ? 13.853  8.611   11.676  1.00 48.55  ? 13   LEU A CA  1 
ATOM   91   C C   . LEU A 1 13  ? 14.026  9.230   10.296  1.00 46.47  ? 13   LEU A C   1 
ATOM   92   O O   . LEU A 1 13  ? 14.148  8.522   9.294   1.00 44.72  ? 13   LEU A O   1 
ATOM   93   C CB  . LEU A 1 13  ? 15.231  8.199   12.199  1.00 49.91  ? 13   LEU A CB  1 
ATOM   94   C CG  . LEU A 1 13  ? 15.339  7.591   13.597  1.00 50.51  ? 13   LEU A CG  1 
ATOM   95   C CD1 . LEU A 1 13  ? 16.787  7.208   13.875  1.00 50.84  ? 13   LEU A CD1 1 
ATOM   96   C CD2 . LEU A 1 13  ? 14.845  8.589   14.627  1.00 52.31  ? 13   LEU A CD2 1 
ATOM   97   N N   . SER A 1 14  ? 14.043  10.555  10.252  1.00 45.55  ? 14   SER A N   1 
ATOM   98   C CA  . SER A 1 14  ? 14.212  11.264  8.997   1.00 44.69  ? 14   SER A CA  1 
ATOM   99   C C   . SER A 1 14  ? 15.559  10.811  8.424   1.00 44.85  ? 14   SER A C   1 
ATOM   100  O O   . SER A 1 14  ? 16.503  10.564  9.178   1.00 44.95  ? 14   SER A O   1 
ATOM   101  C CB  . SER A 1 14  ? 14.209  12.774  9.264   1.00 44.09  ? 14   SER A CB  1 
ATOM   102  O OG  . SER A 1 14  ? 14.025  13.523  8.076   1.00 44.79  ? 14   SER A OG  1 
ATOM   103  N N   . GLY A 1 15  ? 15.647  10.670  7.106   1.00 44.72  ? 15   GLY A N   1 
ATOM   104  C CA  . GLY A 1 15  ? 16.904  10.250  6.505   1.00 44.39  ? 15   GLY A CA  1 
ATOM   105  C C   . GLY A 1 15  ? 17.090  8.746   6.436   1.00 43.82  ? 15   GLY A C   1 
ATOM   106  O O   . GLY A 1 15  ? 17.739  8.238   5.524   1.00 45.36  ? 15   GLY A O   1 
ATOM   107  N N   . SER A 1 16  ? 16.527  8.034   7.406   1.00 43.28  ? 16   SER A N   1 
ATOM   108  C CA  . SER A 1 16  ? 16.615  6.578   7.454   1.00 41.42  ? 16   SER A CA  1 
ATOM   109  C C   . SER A 1 16  ? 15.619  5.951   6.483   1.00 39.61  ? 16   SER A C   1 
ATOM   110  O O   . SER A 1 16  ? 15.303  6.529   5.447   1.00 40.83  ? 16   SER A O   1 
ATOM   111  C CB  . SER A 1 16  ? 16.325  6.079   8.870   1.00 42.53  ? 16   SER A CB  1 
ATOM   112  O OG  . SER A 1 16  ? 16.421  4.664   8.937   1.00 45.89  ? 16   SER A OG  1 
ATOM   113  N N   . CYS A 1 17  ? 15.130  4.763   6.817   1.00 37.98  ? 17   CYS A N   1 
ATOM   114  C CA  . CYS A 1 17  ? 14.163  4.076   5.973   1.00 34.81  ? 17   CYS A CA  1 
ATOM   115  C C   . CYS A 1 17  ? 13.142  3.402   6.870   1.00 34.48  ? 17   CYS A C   1 
ATOM   116  O O   . CYS A 1 17  ? 13.372  3.226   8.067   1.00 33.80  ? 17   CYS A O   1 
ATOM   117  C CB  . CYS A 1 17  ? 14.853  3.021   5.109   1.00 34.41  ? 17   CYS A CB  1 
ATOM   118  S SG  . CYS A 1 17  ? 15.476  1.593   6.041   1.00 33.88  ? 17   CYS A SG  1 
ATOM   119  N N   . LEU A 1 18  ? 12.020  3.010   6.283   1.00 34.90  ? 18   LEU A N   1 
ATOM   120  C CA  . LEU A 1 18  ? 10.960  2.363   7.038   1.00 33.83  ? 18   LEU A CA  1 
ATOM   121  C C   . LEU A 1 18  ? 10.362  1.194   6.270   1.00 33.43  ? 18   LEU A C   1 
ATOM   122  O O   . LEU A 1 18  ? 10.165  1.271   5.061   1.00 35.17  ? 18   LEU A O   1 
ATOM   123  C CB  . LEU A 1 18  ? 9.860   3.376   7.340   1.00 33.60  ? 18   LEU A CB  1 
ATOM   124  C CG  . LEU A 1 18  ? 8.813   2.964   8.365   1.00 33.14  ? 18   LEU A CG  1 
ATOM   125  C CD1 . LEU A 1 18  ? 9.461   2.824   9.733   1.00 35.13  ? 18   LEU A CD1 1 
ATOM   126  C CD2 . LEU A 1 18  ? 7.731   4.003   8.409   1.00 33.70  ? 18   LEU A CD2 1 
ATOM   127  N N   . LEU A 1 19  ? 10.076  0.110   6.977   1.00 32.23  ? 19   LEU A N   1 
ATOM   128  C CA  . LEU A 1 19  ? 9.472   -1.059  6.356   1.00 32.10  ? 19   LEU A CA  1 
ATOM   129  C C   . LEU A 1 19  ? 8.173   -1.370  7.096   1.00 31.63  ? 19   LEU A C   1 
ATOM   130  O O   . LEU A 1 19  ? 8.176   -1.584  8.309   1.00 31.38  ? 19   LEU A O   1 
ATOM   131  C CB  . LEU A 1 19  ? 10.430  -2.262  6.415   1.00 31.08  ? 19   LEU A CB  1 
ATOM   132  C CG  . LEU A 1 19  ? 10.071  -3.593  5.730   1.00 29.95  ? 19   LEU A CG  1 
ATOM   133  C CD1 . LEU A 1 19  ? 8.956   -4.259  6.469   1.00 30.78  ? 19   LEU A CD1 1 
ATOM   134  C CD2 . LEU A 1 19  ? 9.671   -3.381  4.288   1.00 28.89  ? 19   LEU A CD2 1 
ATOM   135  N N   . ILE A 1 20  ? 7.064   -1.376  6.357   1.00 30.41  ? 20   ILE A N   1 
ATOM   136  C CA  . ILE A 1 20  ? 5.744   -1.670  6.917   1.00 30.23  ? 20   ILE A CA  1 
ATOM   137  C C   . ILE A 1 20  ? 5.259   -3.096  6.622   1.00 27.91  ? 20   ILE A C   1 
ATOM   138  O O   . ILE A 1 20  ? 4.859   -3.413  5.503   1.00 24.45  ? 20   ILE A O   1 
ATOM   139  C CB  . ILE A 1 20  ? 4.700   -0.709  6.362   1.00 29.26  ? 20   ILE A CB  1 
ATOM   140  C CG1 . ILE A 1 20  ? 5.171   0.735   6.567   1.00 28.20  ? 20   ILE A CG1 1 
ATOM   141  C CG2 . ILE A 1 20  ? 3.351   -0.973  7.035   1.00 30.43  ? 20   ILE A CG2 1 
ATOM   142  C CD1 . ILE A 1 20  ? 4.358   1.770   5.814   1.00 24.12  ? 20   ILE A CD1 1 
ATOM   143  N N   . PRO A 1 21  ? 5.311   -3.985  7.620   1.00 29.37  ? 21   PRO A N   1 
ATOM   144  C CA  . PRO A 1 21  ? 4.842   -5.355  7.359   1.00 32.22  ? 21   PRO A CA  1 
ATOM   145  C C   . PRO A 1 21  ? 3.379   -5.329  6.919   1.00 31.06  ? 21   PRO A C   1 
ATOM   146  O O   . PRO A 1 21  ? 2.580   -4.530  7.419   1.00 32.05  ? 21   PRO A O   1 
ATOM   147  C CB  . PRO A 1 21  ? 5.060   -6.073  8.698   1.00 29.74  ? 21   PRO A CB  1 
ATOM   148  C CG  . PRO A 1 21  ? 5.148   -4.938  9.717   1.00 32.17  ? 21   PRO A CG  1 
ATOM   149  C CD  . PRO A 1 21  ? 5.879   -3.858  8.975   1.00 31.06  ? 21   PRO A CD  1 
ATOM   150  N N   . CYS A 1 22  ? 3.030   -6.205  5.989   1.00 29.12  ? 22   CYS A N   1 
ATOM   151  C CA  . CYS A 1 22  ? 1.681   -6.225  5.471   1.00 29.78  ? 22   CYS A CA  1 
ATOM   152  C C   . CYS A 1 22  ? 1.339   -7.553  4.820   1.00 29.65  ? 22   CYS A C   1 
ATOM   153  O O   . CYS A 1 22  ? 2.123   -8.077  4.037   1.00 30.47  ? 22   CYS A O   1 
ATOM   154  C CB  . CYS A 1 22  ? 1.558   -5.098  4.454   1.00 29.45  ? 22   CYS A CB  1 
ATOM   155  S SG  . CYS A 1 22  ? 0.038   -5.062  3.464   1.00 31.02  ? 22   CYS A SG  1 
ATOM   156  N N   . ILE A 1 23  ? 0.173   -8.090  5.158   1.00 29.84  ? 23   ILE A N   1 
ATOM   157  C CA  . ILE A 1 23  ? -0.316  -9.344  4.589   1.00 33.00  ? 23   ILE A CA  1 
ATOM   158  C C   . ILE A 1 23  ? -1.810  -9.213  4.330   1.00 35.52  ? 23   ILE A C   1 
ATOM   159  O O   . ILE A 1 23  ? -2.534  -8.586  5.111   1.00 34.40  ? 23   ILE A O   1 
ATOM   160  C CB  . ILE A 1 23  ? -0.079  -10.562 5.517   1.00 31.40  ? 23   ILE A CB  1 
ATOM   161  C CG1 . ILE A 1 23  ? -0.223  -10.149 6.979   1.00 31.97  ? 23   ILE A CG1 1 
ATOM   162  C CG2 . ILE A 1 23  ? 1.279   -11.174 5.239   1.00 32.14  ? 23   ILE A CG2 1 
ATOM   163  C CD1 . ILE A 1 23  ? -0.022  -11.280 7.951   1.00 30.70  ? 23   ILE A CD1 1 
ATOM   164  N N   . PHE A 1 24  ? -2.264  -9.806  3.228   1.00 38.59  ? 24   PHE A N   1 
ATOM   165  C CA  . PHE A 1 24  ? -3.666  -9.746  2.831   1.00 41.78  ? 24   PHE A CA  1 
ATOM   166  C C   . PHE A 1 24  ? -4.226  -11.145 2.561   1.00 44.95  ? 24   PHE A C   1 
ATOM   167  O O   . PHE A 1 24  ? -3.478  -12.086 2.301   1.00 45.15  ? 24   PHE A O   1 
ATOM   168  C CB  . PHE A 1 24  ? -3.799  -8.883  1.570   1.00 40.80  ? 24   PHE A CB  1 
ATOM   169  C CG  . PHE A 1 24  ? -3.102  -9.461  0.371   1.00 40.32  ? 24   PHE A CG  1 
ATOM   170  C CD1 . PHE A 1 24  ? -3.697  -10.463 -0.385  1.00 41.35  ? 24   PHE A CD1 1 
ATOM   171  C CD2 . PHE A 1 24  ? -1.832  -9.037  0.023   1.00 40.31  ? 24   PHE A CD2 1 
ATOM   172  C CE1 . PHE A 1 24  ? -3.034  -11.031 -1.465  1.00 40.46  ? 24   PHE A CE1 1 
ATOM   173  C CE2 . PHE A 1 24  ? -1.159  -9.604  -1.059  1.00 40.78  ? 24   PHE A CE2 1 
ATOM   174  C CZ  . PHE A 1 24  ? -1.763  -10.601 -1.800  1.00 40.05  ? 24   PHE A CZ  1 
ATOM   175  N N   . SER A 1 25  ? -5.546  -11.271 2.622   1.00 49.21  ? 25   SER A N   1 
ATOM   176  C CA  . SER A 1 25  ? -6.200  -12.545 2.371   1.00 53.45  ? 25   SER A CA  1 
ATOM   177  C C   . SER A 1 25  ? -7.480  -12.317 1.582   1.00 55.16  ? 25   SER A C   1 
ATOM   178  O O   . SER A 1 25  ? -8.063  -11.238 1.627   1.00 54.36  ? 25   SER A O   1 
ATOM   179  C CB  . SER A 1 25  ? -6.517  -13.261 3.696   1.00 54.97  ? 25   SER A CB  1 
ATOM   180  O OG  . SER A 1 25  ? -7.434  -12.529 4.494   1.00 56.53  ? 25   SER A OG  1 
ATOM   181  N N   . TYR A 1 26  ? -7.903  -13.338 0.850   1.00 60.13  ? 26   TYR A N   1 
ATOM   182  C CA  . TYR A 1 26  ? -9.126  -13.277 0.058   1.00 65.45  ? 26   TYR A CA  1 
ATOM   183  C C   . TYR A 1 26  ? -9.717  -14.688 -0.001  1.00 69.08  ? 26   TYR A C   1 
ATOM   184  O O   . TYR A 1 26  ? -8.985  -15.672 0.098   1.00 69.49  ? 26   TYR A O   1 
ATOM   185  C CB  . TYR A 1 26  ? -8.816  -12.751 -1.345  1.00 65.20  ? 26   TYR A CB  1 
ATOM   186  C CG  . TYR A 1 26  ? -7.657  -13.453 -2.000  1.00 66.26  ? 26   TYR A CG  1 
ATOM   187  C CD1 . TYR A 1 26  ? -7.813  -14.714 -2.572  1.00 66.97  ? 26   TYR A CD1 1 
ATOM   188  C CD2 . TYR A 1 26  ? -6.389  -12.883 -2.002  1.00 66.05  ? 26   TYR A CD2 1 
ATOM   189  C CE1 . TYR A 1 26  ? -6.732  -15.390 -3.128  1.00 67.39  ? 26   TYR A CE1 1 
ATOM   190  C CE2 . TYR A 1 26  ? -5.303  -13.551 -2.553  1.00 66.95  ? 26   TYR A CE2 1 
ATOM   191  C CZ  . TYR A 1 26  ? -5.480  -14.804 -3.111  1.00 66.78  ? 26   TYR A CZ  1 
ATOM   192  O OH  . TYR A 1 26  ? -4.403  -15.479 -3.630  1.00 66.99  ? 26   TYR A OH  1 
ATOM   193  N N   . PRO A 1 27  ? -11.053 -14.801 -0.138  1.00 73.12  ? 27   PRO A N   1 
ATOM   194  C CA  . PRO A 1 27  ? -11.776 -16.078 -0.208  1.00 75.71  ? 27   PRO A CA  1 
ATOM   195  C C   . PRO A 1 27  ? -11.169 -17.129 -1.139  1.00 78.24  ? 27   PRO A C   1 
ATOM   196  O O   . PRO A 1 27  ? -10.813 -16.836 -2.280  1.00 78.22  ? 27   PRO A O   1 
ATOM   197  C CB  . PRO A 1 27  ? -13.171 -15.649 -0.647  1.00 75.45  ? 27   PRO A CB  1 
ATOM   198  C CG  . PRO A 1 27  ? -13.338 -14.349 0.074   1.00 74.50  ? 27   PRO A CG  1 
ATOM   199  C CD  . PRO A 1 27  ? -12.001 -13.672 -0.178  1.00 73.93  ? 27   PRO A CD  1 
ATOM   200  N N   . ALA A 1 28  ? -11.064 -18.357 -0.642  1.00 81.66  ? 28   ALA A N   1 
ATOM   201  C CA  . ALA A 1 28  ? -10.506 -19.448 -1.425  1.00 85.31  ? 28   ALA A CA  1 
ATOM   202  C C   . ALA A 1 28  ? -11.281 -19.661 -2.728  1.00 88.16  ? 28   ALA A C   1 
ATOM   203  O O   . ALA A 1 28  ? -10.801 -20.359 -3.618  1.00 89.30  ? 28   ALA A O   1 
ATOM   204  C CB  . ALA A 1 28  ? -10.488 -20.729 -0.600  1.00 84.40  ? 28   ALA A CB  1 
ATOM   205  N N   . ASP A 1 29  ? -12.473 -19.071 -2.836  1.00 91.24  ? 29   ASP A N   1 
ATOM   206  C CA  . ASP A 1 29  ? -13.283 -19.190 -4.057  1.00 93.93  ? 29   ASP A CA  1 
ATOM   207  C C   . ASP A 1 29  ? -12.420 -18.629 -5.176  1.00 96.17  ? 29   ASP A C   1 
ATOM   208  O O   . ASP A 1 29  ? -12.534 -19.012 -6.341  1.00 96.35  ? 29   ASP A O   1 
ATOM   209  C CB  . ASP A 1 29  ? -14.560 -18.356 -3.948  1.00 93.12  ? 29   ASP A CB  1 
ATOM   210  C CG  . ASP A 1 29  ? -15.454 -18.796 -2.811  1.00 92.91  ? 29   ASP A CG  1 
ATOM   211  O OD1 . ASP A 1 29  ? -16.509 -18.157 -2.611  1.00 92.35  ? 29   ASP A OD1 1 
ATOM   212  O OD2 . ASP A 1 29  ? -15.107 -19.778 -2.122  1.00 92.25  ? 29   ASP A OD2 1 
ATOM   213  N N   . VAL A 1 30  ? -11.566 -17.699 -4.765  1.00 98.69  ? 30   VAL A N   1 
ATOM   214  C CA  . VAL A 1 30  ? -10.595 -16.992 -5.589  1.00 101.08 ? 30   VAL A CA  1 
ATOM   215  C C   . VAL A 1 30  ? -10.469 -17.259 -7.085  1.00 102.22 ? 30   VAL A C   1 
ATOM   216  O O   . VAL A 1 30  ? -10.438 -18.404 -7.535  1.00 102.37 ? 30   VAL A O   1 
ATOM   217  C CB  . VAL A 1 30  ? -9.167  -17.158 -4.983  1.00 101.70 ? 30   VAL A CB  1 
ATOM   218  C CG1 . VAL A 1 30  ? -8.896  -18.620 -4.678  1.00 101.74 ? 30   VAL A CG1 1 
ATOM   219  C CG2 . VAL A 1 30  ? -8.108  -16.643 -5.956  1.00 101.61 ? 30   VAL A CG2 1 
ATOM   220  N N   . PRO A 1 31  ? -10.400 -16.175 -7.873  1.00 103.07 ? 31   PRO A N   1 
ATOM   221  C CA  . PRO A 1 31  ? -10.250 -16.204 -9.328  1.00 103.66 ? 31   PRO A CA  1 
ATOM   222  C C   . PRO A 1 31  ? -8.744  -16.011 -9.541  1.00 104.15 ? 31   PRO A C   1 
ATOM   223  O O   . PRO A 1 31  ? -8.059  -15.495 -8.656  1.00 104.38 ? 31   PRO A O   1 
ATOM   224  C CB  . PRO A 1 31  ? -11.055 -14.996 -9.775  1.00 103.42 ? 31   PRO A CB  1 
ATOM   225  C CG  . PRO A 1 31  ? -10.762 -14.018 -8.700  1.00 103.56 ? 31   PRO A CG  1 
ATOM   226  C CD  . PRO A 1 31  ? -10.887 -14.853 -7.437  1.00 103.12 ? 31   PRO A CD  1 
ATOM   227  N N   . VAL A 1 32  ? -8.217  -16.428 -10.683 1.00 104.22 ? 32   VAL A N   1 
ATOM   228  C CA  . VAL A 1 32  ? -6.788  -16.271 -10.926 1.00 103.52 ? 32   VAL A CA  1 
ATOM   229  C C   . VAL A 1 32  ? -6.517  -15.908 -12.379 1.00 103.09 ? 32   VAL A C   1 
ATOM   230  O O   . VAL A 1 32  ? -6.114  -16.744 -13.188 1.00 103.65 ? 32   VAL A O   1 
ATOM   231  C CB  . VAL A 1 32  ? -6.006  -17.561 -10.536 1.00 103.09 ? 32   VAL A CB  1 
ATOM   232  C CG1 . VAL A 1 32  ? -4.557  -17.465 -10.990 1.00 102.82 ? 32   VAL A CG1 1 
ATOM   233  C CG2 . VAL A 1 32  ? -6.056  -17.759 -9.024  1.00 102.43 ? 32   VAL A CG2 1 
ATOM   234  N N   . SER A 1 33  ? -6.755  -14.646 -12.702 1.00 101.96 ? 33   SER A N   1 
ATOM   235  C CA  . SER A 1 33  ? -6.528  -14.183 -14.052 1.00 100.99 ? 33   SER A CA  1 
ATOM   236  C C   . SER A 1 33  ? -5.992  -12.772 -14.023 1.00 100.72 ? 33   SER A C   1 
ATOM   237  O O   . SER A 1 33  ? -5.271  -12.362 -14.926 1.00 101.85 ? 33   SER A O   1 
ATOM   238  N N   . ASN A 1 34  ? -6.333  -12.031 -12.972 1.00 99.67  ? 34   ASN A N   1 
ATOM   239  C CA  . ASN A 1 34  ? -5.880  -10.654 -12.847 1.00 97.69  ? 34   ASN A CA  1 
ATOM   240  C C   . ASN A 1 34  ? -4.409  -10.468 -12.503 1.00 95.57  ? 34   ASN A C   1 
ATOM   241  O O   . ASN A 1 34  ? -3.874  -9.364  -12.643 1.00 95.92  ? 34   ASN A O   1 
ATOM   242  N N   . GLY A 1 35  ? -3.757  -11.541 -12.055 1.00 92.85  ? 35   GLY A N   1 
ATOM   243  C CA  . GLY A 1 35  ? -2.346  -11.474 -11.700 1.00 87.54  ? 35   GLY A CA  1 
ATOM   244  C C   . GLY A 1 35  ? -2.112  -10.670 -10.436 1.00 83.61  ? 35   GLY A C   1 
ATOM   245  O O   . GLY A 1 35  ? -0.975  -10.335 -10.109 1.00 83.40  ? 35   GLY A O   1 
ATOM   246  N N   . ILE A 1 36  ? -3.207  -10.371 -9.739  1.00 79.37  ? 36   ILE A N   1 
ATOM   247  C CA  . ILE A 1 36  ? -3.221  -9.595  -8.496  1.00 74.19  ? 36   ILE A CA  1 
ATOM   248  C C   . ILE A 1 36  ? -2.387  -8.309  -8.528  1.00 70.33  ? 36   ILE A C   1 
ATOM   249  O O   . ILE A 1 36  ? -1.156  -8.337  -8.510  1.00 69.88  ? 36   ILE A O   1 
ATOM   250  C CB  . ILE A 1 36  ? -2.812  -10.471 -7.276  1.00 73.78  ? 36   ILE A CB  1 
ATOM   251  C CG1 . ILE A 1 36  ? -2.992  -9.674  -5.983  1.00 73.58  ? 36   ILE A CG1 1 
ATOM   252  C CG2 . ILE A 1 36  ? -1.385  -10.958 -7.414  1.00 73.87  ? 36   ILE A CG2 1 
ATOM   253  C CD1 . ILE A 1 36  ? -4.412  -9.213  -5.736  1.00 73.64  ? 36   ILE A CD1 1 
ATOM   254  N N   . THR A 1 37  ? -3.085  -7.178  -8.576  1.00 65.84  ? 37   THR A N   1 
ATOM   255  C CA  . THR A 1 37  ? -2.453  -5.864  -8.617  1.00 61.40  ? 37   THR A CA  1 
ATOM   256  C C   . THR A 1 37  ? -2.433  -5.215  -7.239  1.00 58.11  ? 37   THR A C   1 
ATOM   257  O O   . THR A 1 37  ? -3.485  -4.883  -6.685  1.00 59.36  ? 37   THR A O   1 
ATOM   258  C CB  . THR A 1 37  ? -3.204  -4.916  -9.571  1.00 61.82  ? 37   THR A CB  1 
ATOM   259  O OG1 . THR A 1 37  ? -3.322  -5.531  -10.859 1.00 61.18  ? 37   THR A OG1 1 
ATOM   260  C CG2 . THR A 1 37  ? -2.462  -3.591  -9.706  1.00 60.78  ? 37   THR A CG2 1 
ATOM   261  N N   . ALA A 1 38  ? -1.237  -5.031  -6.692  1.00 52.39  ? 38   ALA A N   1 
ATOM   262  C CA  . ALA A 1 38  ? -1.082  -4.410  -5.386  1.00 47.19  ? 38   ALA A CA  1 
ATOM   263  C C   . ALA A 1 38  ? -0.844  -2.920  -5.570  1.00 43.78  ? 38   ALA A C   1 
ATOM   264  O O   . ALA A 1 38  ? -0.144  -2.496  -6.488  1.00 41.94  ? 38   ALA A O   1 
ATOM   265  C CB  . ALA A 1 38  ? 0.092   -5.041  -4.636  1.00 46.24  ? 38   ALA A CB  1 
ATOM   266  N N   . ILE A 1 39  ? -1.429  -2.120  -4.695  1.00 41.16  ? 39   ILE A N   1 
ATOM   267  C CA  . ILE A 1 39  ? -1.258  -0.682  -4.785  1.00 38.37  ? 39   ILE A CA  1 
ATOM   268  C C   . ILE A 1 39  ? -1.304  -0.049  -3.409  1.00 36.67  ? 39   ILE A C   1 
ATOM   269  O O   . ILE A 1 39  ? -2.232  -0.300  -2.636  1.00 35.76  ? 39   ILE A O   1 
ATOM   270  C CB  . ILE A 1 39  ? -2.382  -0.027  -5.618  1.00 39.98  ? 39   ILE A CB  1 
ATOM   271  C CG1 . ILE A 1 39  ? -2.572  -0.779  -6.936  1.00 38.85  ? 39   ILE A CG1 1 
ATOM   272  C CG2 . ILE A 1 39  ? -2.040  1.441   -5.880  1.00 38.12  ? 39   ILE A CG2 1 
ATOM   273  C CD1 . ILE A 1 39  ? -3.748  -0.293  -7.747  1.00 36.21  ? 39   ILE A CD1 1 
ATOM   274  N N   . TRP A 1 40  ? -0.299  0.760   -3.101  1.00 34.09  ? 40   TRP A N   1 
ATOM   275  C CA  . TRP A 1 40  ? -0.279  1.466   -1.833  1.00 32.17  ? 40   TRP A CA  1 
ATOM   276  C C   . TRP A 1 40  ? -0.677  2.908   -2.108  1.00 32.73  ? 40   TRP A C   1 
ATOM   277  O O   . TRP A 1 40  ? -0.306  3.482   -3.139  1.00 31.53  ? 40   TRP A O   1 
ATOM   278  C CB  . TRP A 1 40  ? 1.105   1.446   -1.200  1.00 32.16  ? 40   TRP A CB  1 
ATOM   279  C CG  . TRP A 1 40  ? 1.343   0.256   -0.350  1.00 30.46  ? 40   TRP A CG  1 
ATOM   280  C CD1 . TRP A 1 40  ? 1.946   -0.909  -0.720  1.00 28.86  ? 40   TRP A CD1 1 
ATOM   281  C CD2 . TRP A 1 40  ? 0.956   0.093   1.018   1.00 28.08  ? 40   TRP A CD2 1 
ATOM   282  N NE1 . TRP A 1 40  ? 1.959   -1.789  0.329   1.00 25.77  ? 40   TRP A NE1 1 
ATOM   283  C CE2 . TRP A 1 40  ? 1.358   -1.201  1.411   1.00 27.01  ? 40   TRP A CE2 1 
ATOM   284  C CE3 . TRP A 1 40  ? 0.309   0.913   1.950   1.00 26.28  ? 40   TRP A CE3 1 
ATOM   285  C CZ2 . TRP A 1 40  ? 1.136   -1.694  2.704   1.00 25.81  ? 40   TRP A CZ2 1 
ATOM   286  C CZ3 . TRP A 1 40  ? 0.089   0.425   3.233   1.00 26.11  ? 40   TRP A CZ3 1 
ATOM   287  C CH2 . TRP A 1 40  ? 0.502   -0.867  3.597   1.00 25.53  ? 40   TRP A CH2 1 
ATOM   288  N N   . TYR A 1 41  ? -1.436  3.483   -1.182  1.00 31.47  ? 41   TYR A N   1 
ATOM   289  C CA  . TYR A 1 41  ? -1.894  4.856   -1.306  1.00 30.51  ? 41   TYR A CA  1 
ATOM   290  C C   . TYR A 1 41  ? -1.443  5.687   -0.128  1.00 29.67  ? 41   TYR A C   1 
ATOM   291  O O   . TYR A 1 41  ? -1.197  5.174   0.963   1.00 29.20  ? 41   TYR A O   1 
ATOM   292  C CB  . TYR A 1 41  ? -3.419  4.909   -1.355  1.00 33.14  ? 41   TYR A CB  1 
ATOM   293  C CG  . TYR A 1 41  ? -4.036  4.442   -2.647  1.00 33.57  ? 41   TYR A CG  1 
ATOM   294  C CD1 . TYR A 1 41  ? -4.052  5.274   -3.769  1.00 30.93  ? 41   TYR A CD1 1 
ATOM   295  C CD2 . TYR A 1 41  ? -4.636  3.178   -2.741  1.00 34.57  ? 41   TYR A CD2 1 
ATOM   296  C CE1 . TYR A 1 41  ? -4.654  4.870   -4.953  1.00 31.91  ? 41   TYR A CE1 1 
ATOM   297  C CE2 . TYR A 1 41  ? -5.244  2.760   -3.927  1.00 35.32  ? 41   TYR A CE2 1 
ATOM   298  C CZ  . TYR A 1 41  ? -5.251  3.618   -5.028  1.00 34.98  ? 41   TYR A CZ  1 
ATOM   299  O OH  . TYR A 1 41  ? -5.880  3.240   -6.194  1.00 36.01  ? 41   TYR A OH  1 
ATOM   300  N N   . TYR A 1 42  ? -1.360  6.984   -0.359  1.00 29.46  ? 42   TYR A N   1 
ATOM   301  C CA  . TYR A 1 42  ? -0.974  7.925   0.672   1.00 30.66  ? 42   TYR A CA  1 
ATOM   302  C C   . TYR A 1 42  ? -2.038  9.023   0.694   1.00 32.35  ? 42   TYR A C   1 
ATOM   303  O O   . TYR A 1 42  ? -2.333  9.617   -0.344  1.00 30.77  ? 42   TYR A O   1 
ATOM   304  C CB  . TYR A 1 42  ? 0.383   8.527   0.343   1.00 29.07  ? 42   TYR A CB  1 
ATOM   305  C CG  . TYR A 1 42  ? 0.765   9.651   1.256   1.00 25.09  ? 42   TYR A CG  1 
ATOM   306  C CD1 . TYR A 1 42  ? 1.272   9.399   2.526   1.00 23.96  ? 42   TYR A CD1 1 
ATOM   307  C CD2 . TYR A 1 42  ? 0.602   10.975  0.856   1.00 26.27  ? 42   TYR A CD2 1 
ATOM   308  C CE1 . TYR A 1 42  ? 1.608   10.434  3.378   1.00 24.97  ? 42   TYR A CE1 1 
ATOM   309  C CE2 . TYR A 1 42  ? 0.936   12.025  1.700   1.00 23.62  ? 42   TYR A CE2 1 
ATOM   310  C CZ  . TYR A 1 42  ? 1.438   11.750  2.956   1.00 24.98  ? 42   TYR A CZ  1 
ATOM   311  O OH  . TYR A 1 42  ? 1.776   12.788  3.792   1.00 24.33  ? 42   TYR A OH  1 
ATOM   312  N N   . ASP A 1 43  ? -2.614  9.272   1.870   1.00 33.58  ? 43   ASP A N   1 
ATOM   313  C CA  . ASP A 1 43  ? -3.653  10.286  2.035   1.00 35.22  ? 43   ASP A CA  1 
ATOM   314  C C   . ASP A 1 43  ? -4.874  9.956   1.167   1.00 34.48  ? 43   ASP A C   1 
ATOM   315  O O   . ASP A 1 43  ? -5.421  10.809  0.485   1.00 32.93  ? 43   ASP A O   1 
ATOM   316  C CB  . ASP A 1 43  ? -3.085  11.665  1.672   1.00 36.44  ? 43   ASP A CB  1 
ATOM   317  C CG  . ASP A 1 43  ? -4.053  12.787  1.968   1.00 39.20  ? 43   ASP A CG  1 
ATOM   318  O OD1 . ASP A 1 43  ? -4.806  12.659  2.956   1.00 42.01  ? 43   ASP A OD1 1 
ATOM   319  O OD2 . ASP A 1 43  ? -4.058  13.796  1.226   1.00 42.35  ? 43   ASP A OD2 1 
ATOM   320  N N   . TYR A 1 44  ? -5.307  8.705   1.221   1.00 35.20  ? 44   TYR A N   1 
ATOM   321  C CA  . TYR A 1 44  ? -6.428  8.242   0.416   1.00 35.81  ? 44   TYR A CA  1 
ATOM   322  C C   . TYR A 1 44  ? -7.625  9.171   0.377   1.00 36.71  ? 44   TYR A C   1 
ATOM   323  O O   . TYR A 1 44  ? -8.253  9.318   -0.670  1.00 37.28  ? 44   TYR A O   1 
ATOM   324  C CB  . TYR A 1 44  ? -6.904  6.872   0.900   1.00 35.42  ? 44   TYR A CB  1 
ATOM   325  C CG  . TYR A 1 44  ? -7.790  6.157   -0.096  1.00 34.51  ? 44   TYR A CG  1 
ATOM   326  C CD1 . TYR A 1 44  ? -7.242  5.539   -1.213  1.00 34.62  ? 44   TYR A CD1 1 
ATOM   327  C CD2 . TYR A 1 44  ? -9.172  6.120   0.060   1.00 35.82  ? 44   TYR A CD2 1 
ATOM   328  C CE1 . TYR A 1 44  ? -8.038  4.904   -2.150  1.00 35.23  ? 44   TYR A CE1 1 
ATOM   329  C CE2 . TYR A 1 44  ? -9.986  5.484   -0.882  1.00 35.99  ? 44   TYR A CE2 1 
ATOM   330  C CZ  . TYR A 1 44  ? -9.405  4.878   -1.982  1.00 35.28  ? 44   TYR A CZ  1 
ATOM   331  O OH  . TYR A 1 44  ? -10.174 4.221   -2.907  1.00 37.90  ? 44   TYR A OH  1 
ATOM   332  N N   . SER A 1 45  ? -7.950  9.778   1.516   1.00 37.24  ? 45   SER A N   1 
ATOM   333  C CA  . SER A 1 45  ? -9.107  10.670  1.619   1.00 38.59  ? 45   SER A CA  1 
ATOM   334  C C   . SER A 1 45  ? -8.867  12.038  1.012   1.00 38.52  ? 45   SER A C   1 
ATOM   335  O O   . SER A 1 45  ? -9.760  12.619  0.395   1.00 39.67  ? 45   SER A O   1 
ATOM   336  C CB  . SER A 1 45  ? -9.499  10.845  3.079   1.00 37.99  ? 45   SER A CB  1 
ATOM   337  O OG  . SER A 1 45  ? -9.559  9.592   3.713   1.00 38.69  ? 45   SER A OG  1 
ATOM   338  N N   . GLY A 1 46  ? -7.661  12.553  1.208   1.00 38.12  ? 46   GLY A N   1 
ATOM   339  C CA  . GLY A 1 46  ? -7.320  13.852  0.666   1.00 38.04  ? 46   GLY A CA  1 
ATOM   340  C C   . GLY A 1 46  ? -6.834  13.744  -0.761  1.00 37.69  ? 46   GLY A C   1 
ATOM   341  O O   . GLY A 1 46  ? -7.605  13.402  -1.654  1.00 36.88  ? 46   GLY A O   1 
ATOM   342  N N   . LYS A 1 47  ? -5.546  14.010  -0.960  1.00 39.06  ? 47   LYS A N   1 
ATOM   343  C CA  . LYS A 1 47  ? -4.924  13.975  -2.277  1.00 41.57  ? 47   LYS A CA  1 
ATOM   344  C C   . LYS A 1 47  ? -4.761  12.588  -2.895  1.00 42.40  ? 47   LYS A C   1 
ATOM   345  O O   . LYS A 1 47  ? -4.499  12.467  -4.090  1.00 45.08  ? 47   LYS A O   1 
ATOM   346  C CB  . LYS A 1 47  ? -3.571  14.666  -2.207  1.00 43.93  ? 47   LYS A CB  1 
ATOM   347  C CG  . LYS A 1 47  ? -3.669  16.096  -1.731  1.00 47.50  ? 47   LYS A CG  1 
ATOM   348  C CD  . LYS A 1 47  ? -2.299  16.717  -1.597  1.00 52.58  ? 47   LYS A CD  1 
ATOM   349  C CE  . LYS A 1 47  ? -2.392  18.175  -1.185  1.00 54.90  ? 47   LYS A CE  1 
ATOM   350  N NZ  . LYS A 1 47  ? -1.025  18.730  -0.945  1.00 58.53  ? 47   LYS A NZ  1 
ATOM   351  N N   . ARG A 1 48  ? -4.913  11.548  -2.084  1.00 42.14  ? 48   ARG A N   1 
ATOM   352  C CA  . ARG A 1 48  ? -4.812  10.161  -2.540  1.00 40.90  ? 48   ARG A CA  1 
ATOM   353  C C   . ARG A 1 48  ? -3.766  9.924   -3.626  1.00 40.26  ? 48   ARG A C   1 
ATOM   354  O O   . ARG A 1 48  ? -4.093  9.837   -4.810  1.00 41.75  ? 48   ARG A O   1 
ATOM   355  C CB  . ARG A 1 48  ? -6.177  9.675   -3.034  1.00 38.63  ? 48   ARG A CB  1 
ATOM   356  C CG  . ARG A 1 48  ? -6.179  8.243   -3.518  1.00 37.55  ? 48   ARG A CG  1 
ATOM   357  C CD  . ARG A 1 48  ? -7.505  7.898   -4.141  1.00 37.29  ? 48   ARG A CD  1 
ATOM   358  N NE  . ARG A 1 48  ? -8.585  8.176   -3.206  1.00 39.49  ? 48   ARG A NE  1 
ATOM   359  C CZ  . ARG A 1 48  ? -9.873  8.037   -3.492  1.00 39.03  ? 48   ARG A CZ  1 
ATOM   360  N NH1 . ARG A 1 48  ? -10.250 7.622   -4.691  1.00 38.02  ? 48   ARG A NH1 1 
ATOM   361  N NH2 . ARG A 1 48  ? -10.784 8.317   -2.572  1.00 40.60  ? 48   ARG A NH2 1 
ATOM   362  N N   . GLN A 1 49  ? -2.512  9.802   -3.212  1.00 39.23  ? 49   GLN A N   1 
ATOM   363  C CA  . GLN A 1 49  ? -1.417  9.581   -4.143  1.00 37.35  ? 49   GLN A CA  1 
ATOM   364  C C   . GLN A 1 49  ? -0.944  8.134   -4.149  1.00 37.47  ? 49   GLN A C   1 
ATOM   365  O O   . GLN A 1 49  ? -0.994  7.441   -3.127  1.00 38.15  ? 49   GLN A O   1 
ATOM   366  C CB  . GLN A 1 49  ? -0.265  10.513  -3.789  1.00 36.85  ? 49   GLN A CB  1 
ATOM   367  C CG  . GLN A 1 49  ? -0.582  11.957  -4.090  1.00 38.01  ? 49   GLN A CG  1 
ATOM   368  C CD  . GLN A 1 49  ? 0.161   12.923  -3.197  1.00 38.08  ? 49   GLN A CD  1 
ATOM   369  O OE1 . GLN A 1 49  ? -0.096  12.999  -1.995  1.00 37.73  ? 49   GLN A OE1 1 
ATOM   370  N NE2 . GLN A 1 49  ? 1.087   13.672  -3.780  1.00 37.72  ? 49   GLN A NE2 1 
ATOM   371  N N   . VAL A 1 50  ? -0.492  7.675   -5.309  1.00 35.89  ? 50   VAL A N   1 
ATOM   372  C CA  . VAL A 1 50  ? -0.011  6.315   -5.440  1.00 34.20  ? 50   VAL A CA  1 
ATOM   373  C C   . VAL A 1 50  ? 1.442   6.230   -4.984  1.00 34.47  ? 50   VAL A C   1 
ATOM   374  O O   . VAL A 1 50  ? 2.283   7.015   -5.417  1.00 32.49  ? 50   VAL A O   1 
ATOM   375  C CB  . VAL A 1 50  ? -0.136  5.833   -6.901  1.00 34.56  ? 50   VAL A CB  1 
ATOM   376  C CG1 . VAL A 1 50  ? 0.488   4.465   -7.060  1.00 33.97  ? 50   VAL A CG1 1 
ATOM   377  C CG2 . VAL A 1 50  ? -1.609  5.783   -7.303  1.00 34.15  ? 50   VAL A CG2 1 
ATOM   378  N N   . VAL A 1 51  ? 1.719   5.280   -4.090  1.00 34.16  ? 51   VAL A N   1 
ATOM   379  C CA  . VAL A 1 51  ? 3.066   5.072   -3.564  1.00 34.43  ? 51   VAL A CA  1 
ATOM   380  C C   . VAL A 1 51  ? 3.763   3.991   -4.388  1.00 36.06  ? 51   VAL A C   1 
ATOM   381  O O   . VAL A 1 51  ? 4.969   4.049   -4.622  1.00 36.71  ? 51   VAL A O   1 
ATOM   382  C CB  . VAL A 1 51  ? 3.023   4.665   -2.078  1.00 32.51  ? 51   VAL A CB  1 
ATOM   383  C CG1 . VAL A 1 51  ? 4.413   4.367   -1.578  1.00 28.74  ? 51   VAL A CG1 1 
ATOM   384  C CG2 . VAL A 1 51  ? 2.418   5.790   -1.255  1.00 29.77  ? 51   VAL A CG2 1 
ATOM   385  N N   . ILE A 1 52  ? 2.993   2.999   -4.822  1.00 37.97  ? 52   ILE A N   1 
ATOM   386  C CA  . ILE A 1 52  ? 3.508   1.927   -5.671  1.00 40.10  ? 52   ILE A CA  1 
ATOM   387  C C   . ILE A 1 52  ? 2.321   1.396   -6.457  1.00 41.76  ? 52   ILE A C   1 
ATOM   388  O O   . ILE A 1 52  ? 1.168   1.632   -6.091  1.00 41.37  ? 52   ILE A O   1 
ATOM   389  C CB  . ILE A 1 52  ? 4.114   0.735   -4.884  1.00 40.06  ? 52   ILE A CB  1 
ATOM   390  C CG1 . ILE A 1 52  ? 3.013   0.022   -4.108  1.00 40.72  ? 52   ILE A CG1 1 
ATOM   391  C CG2 . ILE A 1 52  ? 5.237   1.205   -3.969  1.00 38.78  ? 52   ILE A CG2 1 
ATOM   392  C CD1 . ILE A 1 52  ? 3.400   -1.364  -3.683  1.00 43.85  ? 52   ILE A CD1 1 
ATOM   393  N N   . HIS A 1 53  ? 2.605   0.674   -7.532  1.00 43.65  ? 53   HIS A N   1 
ATOM   394  C CA  . HIS A 1 53  ? 1.552   0.116   -8.358  1.00 46.02  ? 53   HIS A CA  1 
ATOM   395  C C   . HIS A 1 53  ? 2.134   -1.022  -9.176  1.00 47.68  ? 53   HIS A C   1 
ATOM   396  O O   . HIS A 1 53  ? 2.825   -0.796  -10.166 1.00 47.56  ? 53   HIS A O   1 
ATOM   397  C CB  . HIS A 1 53  ? 0.991   1.201   -9.281  1.00 46.97  ? 53   HIS A CB  1 
ATOM   398  C CG  . HIS A 1 53  ? -0.324  0.844   -9.898  1.00 48.17  ? 53   HIS A CG  1 
ATOM   399  N ND1 . HIS A 1 53  ? -0.498  -0.279  -10.677 1.00 49.80  ? 53   HIS A ND1 1 
ATOM   400  C CD2 . HIS A 1 53  ? -1.534  1.448   -9.831  1.00 49.53  ? 53   HIS A CD2 1 
ATOM   401  C CE1 . HIS A 1 53  ? -1.760  -0.352  -11.063 1.00 49.57  ? 53   HIS A CE1 1 
ATOM   402  N NE2 . HIS A 1 53  ? -2.411  0.683   -10.563 1.00 48.87  ? 53   HIS A NE2 1 
ATOM   403  N N   . SER A 1 54  ? 1.866   -2.250  -8.752  1.00 50.42  ? 54   SER A N   1 
ATOM   404  C CA  . SER A 1 54  ? 2.391   -3.409  -9.460  1.00 53.91  ? 54   SER A CA  1 
ATOM   405  C C   . SER A 1 54  ? 1.899   -3.452  -10.904 1.00 56.41  ? 54   SER A C   1 
ATOM   406  O O   . SER A 1 54  ? 2.554   -4.038  -11.766 1.00 57.60  ? 54   SER A O   1 
ATOM   407  C CB  . SER A 1 54  ? 2.019   -4.705  -8.727  1.00 53.30  ? 54   SER A CB  1 
ATOM   408  O OG  . SER A 1 54  ? 0.618   -4.882  -8.630  1.00 55.06  ? 54   SER A OG  1 
ATOM   409  N N   . GLY A 1 55  ? 0.749   -2.829  -11.161 1.00 58.32  ? 55   GLY A N   1 
ATOM   410  C CA  . GLY A 1 55  ? 0.209   -2.799  -12.509 1.00 61.53  ? 55   GLY A CA  1 
ATOM   411  C C   . GLY A 1 55  ? 1.199   -2.073  -13.396 1.00 63.49  ? 55   GLY A C   1 
ATOM   412  O O   . GLY A 1 55  ? 1.897   -2.693  -14.194 1.00 64.80  ? 55   GLY A O   1 
ATOM   413  N N   . ASP A 1 56  ? 1.253   -0.752  -13.264 1.00 64.99  ? 56   ASP A N   1 
ATOM   414  C CA  . ASP A 1 56  ? 2.199   0.054   -14.022 1.00 66.75  ? 56   ASP A CA  1 
ATOM   415  C C   . ASP A 1 56  ? 2.598   1.214   -13.132 1.00 66.34  ? 56   ASP A C   1 
ATOM   416  O O   . ASP A 1 56  ? 1.752   1.966   -12.652 1.00 66.61  ? 56   ASP A O   1 
ATOM   417  C CB  . ASP A 1 56  ? 1.591   0.552   -15.340 1.00 69.32  ? 56   ASP A CB  1 
ATOM   418  C CG  . ASP A 1 56  ? 0.436   1.502   -15.134 1.00 71.62  ? 56   ASP A CG  1 
ATOM   419  O OD1 . ASP A 1 56  ? -0.216  1.412   -14.074 1.00 73.29  ? 56   ASP A OD1 1 
ATOM   420  O OD2 . ASP A 1 56  ? 0.171   2.325   -16.041 1.00 72.33  ? 56   ASP A OD2 1 
ATOM   421  N N   . PRO A 1 57  ? 3.900   1.348   -12.867 1.00 66.12  ? 57   PRO A N   1 
ATOM   422  C CA  . PRO A 1 57  ? 4.421   2.419   -12.020 1.00 65.19  ? 57   PRO A CA  1 
ATOM   423  C C   . PRO A 1 57  ? 4.273   3.827   -12.564 1.00 64.42  ? 57   PRO A C   1 
ATOM   424  O O   . PRO A 1 57  ? 4.498   4.787   -11.831 1.00 64.96  ? 57   PRO A O   1 
ATOM   425  C CB  . PRO A 1 57  ? 5.878   2.022   -11.820 1.00 66.42  ? 57   PRO A CB  1 
ATOM   426  C CG  . PRO A 1 57  ? 6.196   1.270   -13.074 1.00 67.01  ? 57   PRO A CG  1 
ATOM   427  C CD  . PRO A 1 57  ? 4.973   0.419   -13.255 1.00 66.69  ? 57   PRO A CD  1 
ATOM   428  N N   . LYS A 1 58  ? 3.893   3.973   -13.833 1.00 63.70  ? 58   LYS A N   1 
ATOM   429  C CA  . LYS A 1 58  ? 3.737   5.317   -14.386 1.00 62.75  ? 58   LYS A CA  1 
ATOM   430  C C   . LYS A 1 58  ? 2.610   6.034   -13.651 1.00 62.09  ? 58   LYS A C   1 
ATOM   431  O O   . LYS A 1 58  ? 2.436   7.247   -13.786 1.00 62.46  ? 58   LYS A O   1 
ATOM   432  C CB  . LYS A 1 58  ? 3.447   5.282   -15.896 1.00 62.39  ? 58   LYS A CB  1 
ATOM   433  C CG  . LYS A 1 58  ? 2.023   4.928   -16.283 1.00 64.78  ? 58   LYS A CG  1 
ATOM   434  C CD  . LYS A 1 58  ? 1.765   5.212   -17.760 1.00 64.65  ? 58   LYS A CD  1 
ATOM   435  C CE  . LYS A 1 58  ? 0.352   4.793   -18.163 1.00 66.85  ? 58   LYS A CE  1 
ATOM   436  N NZ  . LYS A 1 58  ? -0.712  5.485   -17.366 1.00 66.70  ? 58   LYS A NZ  1 
ATOM   437  N N   . LEU A 1 59  ? 1.857   5.272   -12.861 1.00 61.48  ? 59   LEU A N   1 
ATOM   438  C CA  . LEU A 1 59  ? 0.746   5.809   -12.083 1.00 60.52  ? 59   LEU A CA  1 
ATOM   439  C C   . LEU A 1 59  ? 1.209   6.264   -10.704 1.00 59.15  ? 59   LEU A C   1 
ATOM   440  O O   . LEU A 1 59  ? 0.435   6.860   -9.948  1.00 58.05  ? 59   LEU A O   1 
ATOM   441  C CB  . LEU A 1 59  ? -0.353  4.756   -11.932 1.00 61.88  ? 59   LEU A CB  1 
ATOM   442  C CG  . LEU A 1 59  ? -0.996  4.253   -13.228 1.00 63.61  ? 59   LEU A CG  1 
ATOM   443  C CD1 . LEU A 1 59  ? -2.137  3.314   -12.878 1.00 63.28  ? 59   LEU A CD1 1 
ATOM   444  C CD2 . LEU A 1 59  ? -1.504  5.429   -14.064 1.00 64.27  ? 59   LEU A CD2 1 
ATOM   445  N N   . VAL A 1 60  ? 2.472   5.977   -10.384 1.00 57.70  ? 60   VAL A N   1 
ATOM   446  C CA  . VAL A 1 60  ? 3.059   6.358   -9.103  1.00 56.13  ? 60   VAL A CA  1 
ATOM   447  C C   . VAL A 1 60  ? 3.294   7.857   -9.111  1.00 55.32  ? 60   VAL A C   1 
ATOM   448  O O   . VAL A 1 60  ? 3.768   8.411   -10.094 1.00 53.11  ? 60   VAL A O   1 
ATOM   449  C CB  . VAL A 1 60  ? 4.415   5.633   -8.850  1.00 55.74  ? 60   VAL A CB  1 
ATOM   450  C CG1 . VAL A 1 60  ? 5.017   6.077   -7.522  1.00 53.55  ? 60   VAL A CG1 1 
ATOM   451  C CG2 . VAL A 1 60  ? 4.210   4.126   -8.846  1.00 54.56  ? 60   VAL A CG2 1 
ATOM   452  N N   . ASP A 1 61  ? 2.951   8.513   -8.012  1.00 57.16  ? 61   ASP A N   1 
ATOM   453  C CA  . ASP A 1 61  ? 3.128   9.951   -7.904  1.00 59.75  ? 61   ASP A CA  1 
ATOM   454  C C   . ASP A 1 61  ? 4.606   10.303  -7.798  1.00 60.86  ? 61   ASP A C   1 
ATOM   455  O O   . ASP A 1 61  ? 5.379   9.623   -7.119  1.00 62.33  ? 61   ASP A O   1 
ATOM   456  C CB  . ASP A 1 61  ? 2.378   10.487  -6.679  1.00 62.00  ? 61   ASP A CB  1 
ATOM   457  C CG  . ASP A 1 61  ? 2.363   12.010  -6.613  1.00 63.40  ? 61   ASP A CG  1 
ATOM   458  O OD1 . ASP A 1 61  ? 3.457   12.619  -6.588  1.00 64.62  ? 61   ASP A OD1 1 
ATOM   459  O OD2 . ASP A 1 61  ? 1.255   12.593  -6.578  1.00 62.97  ? 61   ASP A OD2 1 
ATOM   460  N N   . LYS A 1 62  ? 4.985   11.378  -8.477  1.00 60.14  ? 62   LYS A N   1 
ATOM   461  C CA  . LYS A 1 62  ? 6.357   11.851  -8.481  1.00 58.84  ? 62   LYS A CA  1 
ATOM   462  C C   . LYS A 1 62  ? 6.956   12.006  -7.089  1.00 56.41  ? 62   LYS A C   1 
ATOM   463  O O   . LYS A 1 62  ? 8.167   11.950  -6.912  1.00 55.09  ? 62   LYS A O   1 
ATOM   464  C CB  . LYS A 1 62  ? 6.424   13.180  -9.235  1.00 62.98  ? 62   LYS A CB  1 
ATOM   465  C CG  . LYS A 1 62  ? 6.627   12.995  -10.724 1.00 65.90  ? 62   LYS A CG  1 
ATOM   466  C CD  . LYS A 1 62  ? 7.963   12.304  -10.946 1.00 68.71  ? 62   LYS A CD  1 
ATOM   467  C CE  . LYS A 1 62  ? 7.912   11.315  -12.087 1.00 70.13  ? 62   LYS A CE  1 
ATOM   468  N NZ  . LYS A 1 62  ? 9.168   10.508  -12.120 1.00 72.18  ? 62   LYS A NZ  1 
ATOM   469  N N   . ARG A 1 63  ? 6.094   12.198  -6.105  1.00 54.26  ? 63   ARG A N   1 
ATOM   470  C CA  . ARG A 1 63  ? 6.527   12.371  -4.730  1.00 53.06  ? 63   ARG A CA  1 
ATOM   471  C C   . ARG A 1 63  ? 7.240   11.151  -4.167  1.00 52.42  ? 63   ARG A C   1 
ATOM   472  O O   . ARG A 1 63  ? 8.216   11.277  -3.424  1.00 51.81  ? 63   ARG A O   1 
ATOM   473  C CB  . ARG A 1 63  ? 5.308   12.689  -3.871  1.00 52.44  ? 63   ARG A CB  1 
ATOM   474  C CG  . ARG A 1 63  ? 5.585   12.847  -2.394  1.00 51.97  ? 63   ARG A CG  1 
ATOM   475  C CD  . ARG A 1 63  ? 4.293   13.204  -1.669  1.00 51.07  ? 63   ARG A CD  1 
ATOM   476  N NE  . ARG A 1 63  ? 4.513   13.553  -0.272  1.00 51.35  ? 63   ARG A NE  1 
ATOM   477  C CZ  . ARG A 1 63  ? 3.614   14.155  0.497   1.00 50.82  ? 63   ARG A CZ  1 
ATOM   478  N NH1 . ARG A 1 63  ? 2.427   14.475  0.003   1.00 49.59  ? 63   ARG A NH1 1 
ATOM   479  N NH2 . ARG A 1 63  ? 3.905   14.453  1.756   1.00 51.41  ? 63   ARG A NH2 1 
ATOM   480  N N   . PHE A 1 64  ? 6.745   9.971   -4.533  1.00 52.89  ? 64   PHE A N   1 
ATOM   481  C CA  . PHE A 1 64  ? 7.290   8.698   -4.050  1.00 52.80  ? 64   PHE A CA  1 
ATOM   482  C C   . PHE A 1 64  ? 8.179   7.943   -5.042  1.00 52.29  ? 64   PHE A C   1 
ATOM   483  O O   . PHE A 1 64  ? 8.734   6.901   -4.709  1.00 52.57  ? 64   PHE A O   1 
ATOM   484  C CB  . PHE A 1 64  ? 6.137   7.779   -3.597  1.00 50.79  ? 64   PHE A CB  1 
ATOM   485  C CG  . PHE A 1 64  ? 5.252   8.395   -2.552  1.00 47.97  ? 64   PHE A CG  1 
ATOM   486  C CD1 . PHE A 1 64  ? 5.759   8.727   -1.301  1.00 46.59  ? 64   PHE A CD1 1 
ATOM   487  C CD2 . PHE A 1 64  ? 3.924   8.689   -2.835  1.00 48.18  ? 64   PHE A CD2 1 
ATOM   488  C CE1 . PHE A 1 64  ? 4.959   9.344   -0.345  1.00 46.92  ? 64   PHE A CE1 1 
ATOM   489  C CE2 . PHE A 1 64  ? 3.114   9.309   -1.885  1.00 47.65  ? 64   PHE A CE2 1 
ATOM   490  C CZ  . PHE A 1 64  ? 3.634   9.638   -0.637  1.00 46.84  ? 64   PHE A CZ  1 
ATOM   491  N N   . ARG A 1 65  ? 8.305   8.461   -6.257  1.00 52.79  ? 65   ARG A N   1 
ATOM   492  C CA  . ARG A 1 65  ? 9.128   7.819   -7.278  1.00 53.19  ? 65   ARG A CA  1 
ATOM   493  C C   . ARG A 1 65  ? 10.510  7.431   -6.732  1.00 51.65  ? 65   ARG A C   1 
ATOM   494  O O   . ARG A 1 65  ? 11.213  8.260   -6.148  1.00 51.21  ? 65   ARG A O   1 
ATOM   495  C CB  . ARG A 1 65  ? 9.283   8.763   -8.475  1.00 56.95  ? 65   ARG A CB  1 
ATOM   496  C CG  . ARG A 1 65  ? 9.565   8.061   -9.784  1.00 60.70  ? 65   ARG A CG  1 
ATOM   497  C CD  . ARG A 1 65  ? 8.429   7.112   -10.129 1.00 64.85  ? 65   ARG A CD  1 
ATOM   498  N NE  . ARG A 1 65  ? 7.176   7.808   -10.415 1.00 69.31  ? 65   ARG A NE  1 
ATOM   499  C CZ  . ARG A 1 65  ? 6.910   8.435   -11.557 1.00 71.53  ? 65   ARG A CZ  1 
ATOM   500  N NH1 . ARG A 1 65  ? 5.744   9.046   -11.732 1.00 73.43  ? 65   ARG A NH1 1 
ATOM   501  N NH2 . ARG A 1 65  ? 7.807   8.442   -12.532 1.00 73.54  ? 65   ARG A NH2 1 
ATOM   502  N N   . GLY A 1 66  ? 10.881  6.165   -6.917  1.00 49.44  ? 66   GLY A N   1 
ATOM   503  C CA  . GLY A 1 66  ? 12.171  5.680   -6.455  1.00 46.54  ? 66   GLY A CA  1 
ATOM   504  C C   . GLY A 1 66  ? 12.437  5.835   -4.969  1.00 45.62  ? 66   GLY A C   1 
ATOM   505  O O   . GLY A 1 66  ? 13.550  5.598   -4.505  1.00 48.56  ? 66   GLY A O   1 
ATOM   506  N N   . ARG A 1 67  ? 11.424  6.230   -4.212  1.00 44.04  ? 67   ARG A N   1 
ATOM   507  C CA  . ARG A 1 67  ? 11.575  6.414   -2.774  1.00 41.02  ? 67   ARG A CA  1 
ATOM   508  C C   . ARG A 1 67  ? 10.740  5.386   -2.020  1.00 40.15  ? 67   ARG A C   1 
ATOM   509  O O   . ARG A 1 67  ? 10.750  5.340   -0.789  1.00 36.90  ? 67   ARG A O   1 
ATOM   510  C CB  . ARG A 1 67  ? 11.131  7.819   -2.382  1.00 41.22  ? 67   ARG A CB  1 
ATOM   511  C CG  . ARG A 1 67  ? 11.789  8.912   -3.199  1.00 43.10  ? 67   ARG A CG  1 
ATOM   512  C CD  . ARG A 1 67  ? 11.375  10.275  -2.692  1.00 44.23  ? 67   ARG A CD  1 
ATOM   513  N NE  . ARG A 1 67  ? 11.540  10.350  -1.248  1.00 42.54  ? 67   ARG A NE  1 
ATOM   514  C CZ  . ARG A 1 67  ? 10.535  10.438  -0.389  1.00 43.56  ? 67   ARG A CZ  1 
ATOM   515  N NH1 . ARG A 1 67  ? 9.286   10.470  -0.833  1.00 42.22  ? 67   ARG A NH1 1 
ATOM   516  N NH2 . ARG A 1 67  ? 10.782  10.476  0.913   1.00 46.83  ? 67   ARG A NH2 1 
ATOM   517  N N   . ALA A 1 68  ? 10.016  4.562   -2.771  1.00 39.56  ? 68   ALA A N   1 
ATOM   518  C CA  . ALA A 1 68  ? 9.170   3.538   -2.178  1.00 41.41  ? 68   ALA A CA  1 
ATOM   519  C C   . ALA A 1 68  ? 9.330   2.266   -2.980  1.00 41.78  ? 68   ALA A C   1 
ATOM   520  O O   . ALA A 1 68  ? 9.660   2.317   -4.164  1.00 41.15  ? 68   ALA A O   1 
ATOM   521  C CB  . ALA A 1 68  ? 7.720   3.982   -2.187  1.00 41.52  ? 68   ALA A CB  1 
ATOM   522  N N   . GLU A 1 69  ? 9.090   1.128   -2.339  1.00 43.00  ? 69   GLU A N   1 
ATOM   523  C CA  . GLU A 1 69  ? 9.239   -0.149  -3.017  1.00 44.52  ? 69   GLU A CA  1 
ATOM   524  C C   . GLU A 1 69  ? 8.390   -1.211  -2.353  1.00 44.40  ? 69   GLU A C   1 
ATOM   525  O O   . GLU A 1 69  ? 8.213   -1.201  -1.137  1.00 44.05  ? 69   GLU A O   1 
ATOM   526  C CB  . GLU A 1 69  ? 10.709  -0.565  -2.985  1.00 48.01  ? 69   GLU A CB  1 
ATOM   527  C CG  . GLU A 1 69  ? 11.074  -1.811  -3.785  1.00 52.11  ? 69   GLU A CG  1 
ATOM   528  C CD  . GLU A 1 69  ? 12.592  -2.015  -3.872  1.00 55.52  ? 69   GLU A CD  1 
ATOM   529  O OE1 . GLU A 1 69  ? 13.289  -1.167  -4.483  1.00 57.73  ? 69   GLU A OE1 1 
ATOM   530  O OE2 . GLU A 1 69  ? 13.090  -3.019  -3.322  1.00 56.14  ? 69   GLU A OE2 1 
ATOM   531  N N   . LEU A 1 70  ? 7.852   -2.118  -3.158  1.00 46.02  ? 70   LEU A N   1 
ATOM   532  C CA  . LEU A 1 70  ? 7.035   -3.207  -2.639  1.00 47.25  ? 70   LEU A CA  1 
ATOM   533  C C   . LEU A 1 70  ? 7.932   -4.411  -2.334  1.00 49.21  ? 70   LEU A C   1 
ATOM   534  O O   . LEU A 1 70  ? 8.522   -5.014  -3.234  1.00 47.39  ? 70   LEU A O   1 
ATOM   535  C CB  . LEU A 1 70  ? 5.962   -3.604  -3.654  1.00 46.82  ? 70   LEU A CB  1 
ATOM   536  C CG  . LEU A 1 70  ? 5.030   -4.768  -3.282  1.00 46.87  ? 70   LEU A CG  1 
ATOM   537  C CD1 . LEU A 1 70  ? 4.160   -4.391  -2.086  1.00 46.06  ? 70   LEU A CD1 1 
ATOM   538  C CD2 . LEU A 1 70  ? 4.157   -5.123  -4.481  1.00 44.61  ? 70   LEU A CD2 1 
ATOM   539  N N   . MET A 1 71  ? 8.035   -4.737  -1.051  1.00 50.88  ? 71   MET A N   1 
ATOM   540  C CA  . MET A 1 71  ? 8.831   -5.861  -0.593  1.00 53.27  ? 71   MET A CA  1 
ATOM   541  C C   . MET A 1 71  ? 7.885   -7.022  -0.288  1.00 55.78  ? 71   MET A C   1 
ATOM   542  O O   . MET A 1 71  ? 7.740   -7.425  0.864   1.00 56.90  ? 71   MET A O   1 
ATOM   543  C CB  . MET A 1 71  ? 9.593   -5.474  0.675   1.00 53.38  ? 71   MET A CB  1 
ATOM   544  C CG  . MET A 1 71  ? 10.681  -4.427  0.498   1.00 51.86  ? 71   MET A CG  1 
ATOM   545  S SD  . MET A 1 71  ? 12.119  -5.069  -0.383  1.00 52.75  ? 71   MET A SD  1 
ATOM   546  C CE  . MET A 1 71  ? 12.665  -6.393  0.750   1.00 50.54  ? 71   MET A CE  1 
ATOM   547  N N   . GLY A 1 72  ? 7.236   -7.560  -1.313  1.00 57.75  ? 72   GLY A N   1 
ATOM   548  C CA  . GLY A 1 72  ? 6.308   -8.650  -1.075  1.00 61.26  ? 72   GLY A CA  1 
ATOM   549  C C   . GLY A 1 72  ? 6.333   -9.810  -2.054  1.00 63.81  ? 72   GLY A C   1 
ATOM   550  O O   . GLY A 1 72  ? 7.098   -9.819  -3.019  1.00 63.39  ? 72   GLY A O   1 
ATOM   551  N N   . ASN A 1 73  ? 5.489   -10.802 -1.785  1.00 66.06  ? 73   ASN A N   1 
ATOM   552  C CA  . ASN A 1 73  ? 5.376   -11.980 -2.630  1.00 68.30  ? 73   ASN A CA  1 
ATOM   553  C C   . ASN A 1 73  ? 3.898   -12.343 -2.695  1.00 69.13  ? 73   ASN A C   1 
ATOM   554  O O   . ASN A 1 73  ? 3.335   -12.853 -1.729  1.00 69.74  ? 73   ASN A O   1 
ATOM   555  C CB  . ASN A 1 73  ? 6.185   -13.141 -2.039  1.00 69.24  ? 73   ASN A CB  1 
ATOM   556  C CG  . ASN A 1 73  ? 6.216   -14.363 -2.950  1.00 71.41  ? 73   ASN A CG  1 
ATOM   557  O OD1 . ASN A 1 73  ? 6.838   -15.374 -2.625  1.00 71.93  ? 73   ASN A OD1 1 
ATOM   558  N ND2 . ASN A 1 73  ? 5.543   -14.275 -4.093  1.00 72.25  ? 73   ASN A ND2 1 
ATOM   559  N N   . MET A 1 74  ? 3.278   -12.055 -3.836  1.00 69.96  ? 74   MET A N   1 
ATOM   560  C CA  . MET A 1 74  ? 1.864   -12.342 -4.058  1.00 71.60  ? 74   MET A CA  1 
ATOM   561  C C   . MET A 1 74  ? 1.547   -13.795 -3.748  1.00 71.59  ? 74   MET A C   1 
ATOM   562  O O   . MET A 1 74  ? 0.444   -14.127 -3.310  1.00 71.50  ? 74   MET A O   1 
ATOM   563  C CB  . MET A 1 74  ? 1.490   -12.050 -5.517  1.00 73.85  ? 74   MET A CB  1 
ATOM   564  C CG  . MET A 1 74  ? 2.318   -12.829 -6.547  1.00 76.15  ? 74   MET A CG  1 
ATOM   565  S SD  . MET A 1 74  ? 1.946   -12.405 -8.280  1.00 79.17  ? 74   MET A SD  1 
ATOM   566  C CE  . MET A 1 74  ? 3.016   -10.947 -8.553  1.00 76.72  ? 74   MET A CE  1 
ATOM   567  N N   . ASP A 1 75  ? 2.532   -14.654 -3.986  1.00 70.99  ? 75   ASP A N   1 
ATOM   568  C CA  . ASP A 1 75  ? 2.389   -16.079 -3.761  1.00 69.37  ? 75   ASP A CA  1 
ATOM   569  C C   . ASP A 1 75  ? 2.403   -16.450 -2.295  1.00 67.14  ? 75   ASP A C   1 
ATOM   570  O O   . ASP A 1 75  ? 2.179   -17.607 -1.935  1.00 68.60  ? 75   ASP A O   1 
ATOM   571  C CB  . ASP A 1 75  ? 3.483   -16.812 -4.517  1.00 72.26  ? 75   ASP A CB  1 
ATOM   572  C CG  . ASP A 1 75  ? 3.293   -16.716 -6.008  1.00 74.12  ? 75   ASP A CG  1 
ATOM   573  O OD1 . ASP A 1 75  ? 2.552   -17.556 -6.560  1.00 75.35  ? 75   ASP A OD1 1 
ATOM   574  O OD2 . ASP A 1 75  ? 3.860   -15.784 -6.621  1.00 75.93  ? 75   ASP A OD2 1 
ATOM   575  N N   . HIS A 1 76  ? 2.680   -15.468 -1.449  1.00 62.45  ? 76   HIS A N   1 
ATOM   576  C CA  . HIS A 1 76  ? 2.675   -15.685 -0.011  1.00 58.34  ? 76   HIS A CA  1 
ATOM   577  C C   . HIS A 1 76  ? 1.687   -14.706 0.593   1.00 55.02  ? 76   HIS A C   1 
ATOM   578  O O   . HIS A 1 76  ? 1.384   -14.766 1.785   1.00 55.24  ? 76   HIS A O   1 
ATOM   579  C CB  . HIS A 1 76  ? 4.065   -15.466 0.579   1.00 57.66  ? 76   HIS A CB  1 
ATOM   580  C CG  . HIS A 1 76  ? 5.050   -16.517 0.188   1.00 57.57  ? 76   HIS A CG  1 
ATOM   581  N ND1 . HIS A 1 76  ? 6.354   -16.518 0.634   1.00 57.70  ? 76   HIS A ND1 1 
ATOM   582  C CD2 . HIS A 1 76  ? 4.924   -17.598 -0.616  1.00 56.82  ? 76   HIS A CD2 1 
ATOM   583  C CE1 . HIS A 1 76  ? 6.989   -17.553 0.119   1.00 56.42  ? 76   HIS A CE1 1 
ATOM   584  N NE2 . HIS A 1 76  ? 6.144   -18.224 -0.644  1.00 56.88  ? 76   HIS A NE2 1 
ATOM   585  N N   . LYS A 1 77  ? 1.179   -13.813 -0.256  1.00 50.52  ? 77   LYS A N   1 
ATOM   586  C CA  . LYS A 1 77  ? 0.223   -12.792 0.142   1.00 44.91  ? 77   LYS A CA  1 
ATOM   587  C C   . LYS A 1 77  ? 0.890   -11.748 1.035   1.00 41.72  ? 77   LYS A C   1 
ATOM   588  O O   . LYS A 1 77  ? 0.312   -11.292 2.024   1.00 39.19  ? 77   LYS A O   1 
ATOM   589  C CB  . LYS A 1 77  ? -0.969  -13.441 0.850   1.00 45.90  ? 77   LYS A CB  1 
ATOM   590  C CG  . LYS A 1 77  ? -1.777  -14.350 -0.063  1.00 44.98  ? 77   LYS A CG  1 
ATOM   591  C CD  . LYS A 1 77  ? -3.018  -14.883 0.618   1.00 46.13  ? 77   LYS A CD  1 
ATOM   592  C CE  . LYS A 1 77  ? -3.864  -15.716 -0.342  1.00 48.17  ? 77   LYS A CE  1 
ATOM   593  N NZ  . LYS A 1 77  ? -3.149  -16.928 -0.875  1.00 48.31  ? 77   LYS A NZ  1 
ATOM   594  N N   . VAL A 1 78  ? 2.115   -11.380 0.661   1.00 38.35  ? 78   VAL A N   1 
ATOM   595  C CA  . VAL A 1 78  ? 2.918   -10.396 1.382   1.00 35.51  ? 78   VAL A CA  1 
ATOM   596  C C   . VAL A 1 78  ? 2.883   -9.048  0.631   1.00 33.79  ? 78   VAL A C   1 
ATOM   597  O O   . VAL A 1 78  ? 3.092   -9.007  -0.577  1.00 33.45  ? 78   VAL A O   1 
ATOM   598  C CB  . VAL A 1 78  ? 4.374   -10.917 1.520   1.00 34.75  ? 78   VAL A CB  1 
ATOM   599  C CG1 . VAL A 1 78  ? 5.255   -9.892  2.216   1.00 32.22  ? 78   VAL A CG1 1 
ATOM   600  C CG2 . VAL A 1 78  ? 4.369   -12.223 2.293   1.00 32.42  ? 78   VAL A CG2 1 
ATOM   601  N N   . CYS A 1 79  ? 2.615   -7.957  1.352   1.00 31.81  ? 79   CYS A N   1 
ATOM   602  C CA  . CYS A 1 79  ? 2.511   -6.621  0.751   1.00 30.20  ? 79   CYS A CA  1 
ATOM   603  C C   . CYS A 1 79  ? 3.359   -5.568  1.427   1.00 29.78  ? 79   CYS A C   1 
ATOM   604  O O   . CYS A 1 79  ? 3.068   -4.388  1.331   1.00 30.52  ? 79   CYS A O   1 
ATOM   605  C CB  . CYS A 1 79  ? 1.056   -6.148  0.768   1.00 28.93  ? 79   CYS A CB  1 
ATOM   606  S SG  . CYS A 1 79  ? 0.174   -6.690  2.267   1.00 31.63  ? 79   CYS A SG  1 
ATOM   607  N N   . ASN A 1 80  ? 4.415   -5.994  2.104   1.00 29.70  ? 80   ASN A N   1 
ATOM   608  C CA  . ASN A 1 80  ? 5.308   -5.074  2.796   1.00 27.73  ? 80   ASN A CA  1 
ATOM   609  C C   . ASN A 1 80  ? 5.692   -3.865  1.964   1.00 27.11  ? 80   ASN A C   1 
ATOM   610  O O   . ASN A 1 80  ? 6.062   -3.993  0.795   1.00 26.17  ? 80   ASN A O   1 
ATOM   611  C CB  . ASN A 1 80  ? 6.574   -5.808  3.221   1.00 30.84  ? 80   ASN A CB  1 
ATOM   612  C CG  . ASN A 1 80  ? 6.319   -6.809  4.322   1.00 33.28  ? 80   ASN A CG  1 
ATOM   613  O OD1 . ASN A 1 80  ? 5.179   -7.011  4.749   1.00 33.66  ? 80   ASN A OD1 1 
ATOM   614  N ND2 . ASN A 1 80  ? 7.382   -7.441  4.792   1.00 32.68  ? 80   ASN A ND2 1 
ATOM   615  N N   . LEU A 1 81  ? 5.605   -2.690  2.577   1.00 25.56  ? 81   LEU A N   1 
ATOM   616  C CA  . LEU A 1 81  ? 5.965   -1.450  1.904   1.00 22.65  ? 81   LEU A CA  1 
ATOM   617  C C   . LEU A 1 81  ? 7.286   -0.900  2.452   1.00 24.06  ? 81   LEU A C   1 
ATOM   618  O O   . LEU A 1 81  ? 7.433   -0.673  3.662   1.00 24.19  ? 81   LEU A O   1 
ATOM   619  C CB  . LEU A 1 81  ? 4.863   -0.413  2.098   1.00 18.65  ? 81   LEU A CB  1 
ATOM   620  C CG  . LEU A 1 81  ? 5.147   0.980   1.526   1.00 19.09  ? 81   LEU A CG  1 
ATOM   621  C CD1 . LEU A 1 81  ? 5.522   0.875   0.053   1.00 15.30  ? 81   LEU A CD1 1 
ATOM   622  C CD2 . LEU A 1 81  ? 3.923   1.861   1.697   1.00 17.10  ? 81   LEU A CD2 1 
ATOM   623  N N   . LEU A 1 82  ? 8.261   -0.708  1.571   1.00 23.78  ? 82   LEU A N   1 
ATOM   624  C CA  . LEU A 1 82  ? 9.535   -0.156  2.003   1.00 24.36  ? 82   LEU A CA  1 
ATOM   625  C C   . LEU A 1 82  ? 9.624   1.314   1.601   1.00 25.59  ? 82   LEU A C   1 
ATOM   626  O O   . LEU A 1 82  ? 9.387   1.682   0.443   1.00 23.30  ? 82   LEU A O   1 
ATOM   627  C CB  . LEU A 1 82  ? 10.700  -0.918  1.386   1.00 25.61  ? 82   LEU A CB  1 
ATOM   628  C CG  . LEU A 1 82  ? 12.106  -0.394  1.713   1.00 27.52  ? 82   LEU A CG  1 
ATOM   629  C CD1 . LEU A 1 82  ? 12.321  -0.336  3.211   1.00 26.90  ? 82   LEU A CD1 1 
ATOM   630  C CD2 . LEU A 1 82  ? 13.146  -1.295  1.068   1.00 28.00  ? 82   LEU A CD2 1 
ATOM   631  N N   . LEU A 1 83  ? 9.938   2.152   2.576   1.00 27.86  ? 83   LEU A N   1 
ATOM   632  C CA  . LEU A 1 83  ? 10.078  3.575   2.333   1.00 30.82  ? 83   LEU A CA  1 
ATOM   633  C C   . LEU A 1 83  ? 11.565  3.885   2.415   1.00 33.02  ? 83   LEU A C   1 
ATOM   634  O O   . LEU A 1 83  ? 12.198  3.647   3.445   1.00 33.98  ? 83   LEU A O   1 
ATOM   635  C CB  . LEU A 1 83  ? 9.299   4.372   3.385   1.00 30.09  ? 83   LEU A CB  1 
ATOM   636  C CG  . LEU A 1 83  ? 7.791   4.090   3.402   1.00 31.70  ? 83   LEU A CG  1 
ATOM   637  C CD1 . LEU A 1 83  ? 7.149   4.721   4.622   1.00 29.89  ? 83   LEU A CD1 1 
ATOM   638  C CD2 . LEU A 1 83  ? 7.151   4.611   2.122   1.00 29.34  ? 83   LEU A CD2 1 
ATOM   639  N N   . LYS A 1 84  ? 12.112  4.385   1.311   1.00 34.91  ? 84   LYS A N   1 
ATOM   640  C CA  . LYS A 1 84  ? 13.516  4.738   1.228   1.00 37.70  ? 84   LYS A CA  1 
ATOM   641  C C   . LYS A 1 84  ? 13.679  6.227   1.505   1.00 40.30  ? 84   LYS A C   1 
ATOM   642  O O   . LYS A 1 84  ? 12.841  7.046   1.128   1.00 40.69  ? 84   LYS A O   1 
ATOM   643  C CB  . LYS A 1 84  ? 14.053  4.451   -0.170  1.00 38.20  ? 84   LYS A CB  1 
ATOM   644  C CG  . LYS A 1 84  ? 13.629  3.137   -0.780  1.00 38.66  ? 84   LYS A CG  1 
ATOM   645  C CD  . LYS A 1 84  ? 14.081  3.109   -2.231  1.00 39.71  ? 84   LYS A CD  1 
ATOM   646  C CE  . LYS A 1 84  ? 13.777  1.791   -2.907  1.00 41.11  ? 84   LYS A CE  1 
ATOM   647  N NZ  . LYS A 1 84  ? 14.079  1.878   -4.365  1.00 41.41  ? 84   LYS A NZ  1 
ATOM   648  N N   . ASP A 1 85  ? 14.775  6.581   2.153   1.00 43.04  ? 85   ASP A N   1 
ATOM   649  C CA  . ASP A 1 85  ? 15.043  7.978   2.451   1.00 44.15  ? 85   ASP A CA  1 
ATOM   650  C C   . ASP A 1 85  ? 13.846  8.721   3.025   1.00 42.30  ? 85   ASP A C   1 
ATOM   651  O O   . ASP A 1 85  ? 13.220  9.540   2.352   1.00 40.91  ? 85   ASP A O   1 
ATOM   652  C CB  . ASP A 1 85  ? 15.523  8.699   1.192   1.00 46.65  ? 85   ASP A CB  1 
ATOM   653  C CG  . ASP A 1 85  ? 15.895  10.135  1.462   1.00 48.01  ? 85   ASP A CG  1 
ATOM   654  O OD1 . ASP A 1 85  ? 16.785  10.367  2.302   1.00 47.61  ? 85   ASP A OD1 1 
ATOM   655  O OD2 . ASP A 1 85  ? 15.292  11.029  0.839   1.00 52.88  ? 85   ASP A OD2 1 
ATOM   656  N N   . LEU A 1 86  ? 13.539  8.425   4.279   1.00 41.92  ? 86   LEU A N   1 
ATOM   657  C CA  . LEU A 1 86  ? 12.442  9.077   4.968   1.00 43.11  ? 86   LEU A CA  1 
ATOM   658  C C   . LEU A 1 86  ? 12.694  10.577  5.052   1.00 44.46  ? 86   LEU A C   1 
ATOM   659  O O   . LEU A 1 86  ? 13.844  11.035  5.046   1.00 46.10  ? 86   LEU A O   1 
ATOM   660  C CB  . LEU A 1 86  ? 12.310  8.542   6.393   1.00 42.62  ? 86   LEU A CB  1 
ATOM   661  C CG  . LEU A 1 86  ? 11.742  7.155   6.651   1.00 41.55  ? 86   LEU A CG  1 
ATOM   662  C CD1 . LEU A 1 86  ? 11.816  6.866   8.132   1.00 41.14  ? 86   LEU A CD1 1 
ATOM   663  C CD2 . LEU A 1 86  ? 10.304  7.090   6.181   1.00 42.19  ? 86   LEU A CD2 1 
ATOM   664  N N   . LYS A 1 87  ? 11.602  11.328  5.142   1.00 44.68  ? 87   LYS A N   1 
ATOM   665  C CA  . LYS A 1 87  ? 11.619  12.779  5.272   1.00 44.98  ? 87   LYS A CA  1 
ATOM   666  C C   . LYS A 1 87  ? 10.389  13.082  6.110   1.00 45.19  ? 87   LYS A C   1 
ATOM   667  O O   . LYS A 1 87  ? 9.482   12.261  6.199   1.00 45.66  ? 87   LYS A O   1 
ATOM   668  C CB  . LYS A 1 87  ? 11.471  13.458  3.914   1.00 46.26  ? 87   LYS A CB  1 
ATOM   669  C CG  . LYS A 1 87  ? 12.611  13.224  2.942   1.00 48.54  ? 87   LYS A CG  1 
ATOM   670  C CD  . LYS A 1 87  ? 12.233  13.739  1.560   1.00 50.12  ? 87   LYS A CD  1 
ATOM   671  C CE  . LYS A 1 87  ? 13.321  13.476  0.525   1.00 51.26  ? 87   LYS A CE  1 
ATOM   672  N NZ  . LYS A 1 87  ? 14.561  14.272  0.754   1.00 49.74  ? 87   LYS A NZ  1 
ATOM   673  N N   . PRO A 1 88  ? 10.342  14.254  6.745   1.00 45.65  ? 88   PRO A N   1 
ATOM   674  C CA  . PRO A 1 88  ? 9.171   14.584  7.560   1.00 45.70  ? 88   PRO A CA  1 
ATOM   675  C C   . PRO A 1 88  ? 7.876   14.557  6.755   1.00 46.26  ? 88   PRO A C   1 
ATOM   676  O O   . PRO A 1 88  ? 6.832   14.138  7.258   1.00 45.91  ? 88   PRO A O   1 
ATOM   677  C CB  . PRO A 1 88  ? 9.499   15.979  8.074   1.00 45.38  ? 88   PRO A CB  1 
ATOM   678  C CG  . PRO A 1 88  ? 10.988  15.932  8.202   1.00 45.37  ? 88   PRO A CG  1 
ATOM   679  C CD  . PRO A 1 88  ? 11.408  15.252  6.925   1.00 44.56  ? 88   PRO A CD  1 
ATOM   680  N N   . GLU A 1 89  ? 7.953   14.999  5.503   1.00 47.43  ? 89   GLU A N   1 
ATOM   681  C CA  . GLU A 1 89  ? 6.779   15.054  4.631   1.00 49.85  ? 89   GLU A CA  1 
ATOM   682  C C   . GLU A 1 89  ? 6.124   13.692  4.440   1.00 49.33  ? 89   GLU A C   1 
ATOM   683  O O   . GLU A 1 89  ? 4.962   13.601  4.047   1.00 49.54  ? 89   GLU A O   1 
ATOM   684  C CB  . GLU A 1 89  ? 7.151   15.616  3.249   1.00 53.92  ? 89   GLU A CB  1 
ATOM   685  C CG  . GLU A 1 89  ? 7.792   17.001  3.257   1.00 57.48  ? 89   GLU A CG  1 
ATOM   686  C CD  . GLU A 1 89  ? 9.276   16.964  3.599   1.00 59.93  ? 89   GLU A CD  1 
ATOM   687  O OE1 . GLU A 1 89  ? 10.072  16.479  2.761   1.00 59.28  ? 89   GLU A OE1 1 
ATOM   688  O OE2 . GLU A 1 89  ? 9.642   17.417  4.709   1.00 60.94  ? 89   GLU A OE2 1 
ATOM   689  N N   . ASP A 1 90  ? 6.879   12.637  4.717   1.00 46.96  ? 90   ASP A N   1 
ATOM   690  C CA  . ASP A 1 90  ? 6.381   11.287  4.561   1.00 44.59  ? 90   ASP A CA  1 
ATOM   691  C C   . ASP A 1 90  ? 5.380   10.883  5.647   1.00 43.08  ? 90   ASP A C   1 
ATOM   692  O O   . ASP A 1 90  ? 4.742   9.834   5.549   1.00 42.10  ? 90   ASP A O   1 
ATOM   693  C CB  . ASP A 1 90  ? 7.563   10.317  4.533   1.00 46.75  ? 90   ASP A CB  1 
ATOM   694  C CG  . ASP A 1 90  ? 8.546   10.635  3.417   1.00 47.21  ? 90   ASP A CG  1 
ATOM   695  O OD1 . ASP A 1 90  ? 8.098   10.806  2.266   1.00 47.94  ? 90   ASP A OD1 1 
ATOM   696  O OD2 . ASP A 1 90  ? 9.766   10.708  3.682   1.00 49.00  ? 90   ASP A OD2 1 
ATOM   697  N N   . SER A 1 91  ? 5.252   11.708  6.683   1.00 40.82  ? 91   SER A N   1 
ATOM   698  C CA  . SER A 1 91  ? 4.312   11.422  7.764   1.00 39.24  ? 91   SER A CA  1 
ATOM   699  C C   . SER A 1 91  ? 2.903   11.416  7.194   1.00 36.95  ? 91   SER A C   1 
ATOM   700  O O   . SER A 1 91  ? 2.623   12.123  6.234   1.00 36.40  ? 91   SER A O   1 
ATOM   701  C CB  . SER A 1 91  ? 4.422   12.476  8.870   1.00 40.46  ? 91   SER A CB  1 
ATOM   702  O OG  . SER A 1 91  ? 5.700   12.433  9.490   1.00 43.19  ? 91   SER A OG  1 
ATOM   703  N N   . GLY A 1 92  ? 2.023   10.615  7.785   1.00 35.34  ? 92   GLY A N   1 
ATOM   704  C CA  . GLY A 1 92  ? 0.661   10.515  7.298   1.00 32.98  ? 92   GLY A CA  1 
ATOM   705  C C   . GLY A 1 92  ? 0.170   9.075   7.334   1.00 33.61  ? 92   GLY A C   1 
ATOM   706  O O   . GLY A 1 92  ? 0.786   8.230   7.991   1.00 33.41  ? 92   GLY A O   1 
ATOM   707  N N   . THR A 1 93  ? -0.925  8.788   6.627   1.00 31.91  ? 93   THR A N   1 
ATOM   708  C CA  . THR A 1 93  ? -1.491  7.444   6.603   1.00 31.05  ? 93   THR A CA  1 
ATOM   709  C C   . THR A 1 93  ? -1.322  6.747   5.258   1.00 30.72  ? 93   THR A C   1 
ATOM   710  O O   . THR A 1 93  ? -1.428  7.376   4.202   1.00 30.61  ? 93   THR A O   1 
ATOM   711  C CB  . THR A 1 93  ? -2.999  7.461   6.944   1.00 32.04  ? 93   THR A CB  1 
ATOM   712  O OG1 . THR A 1 93  ? -3.194  8.062   8.228   1.00 33.09  ? 93   THR A OG1 1 
ATOM   713  C CG2 . THR A 1 93  ? -3.555  6.042   6.975   1.00 32.85  ? 93   THR A CG2 1 
ATOM   714  N N   . TYR A 1 94  ? -1.064  5.441   5.310   1.00 27.88  ? 94   TYR A N   1 
ATOM   715  C CA  . TYR A 1 94  ? -0.884  4.644   4.108   1.00 25.98  ? 94   TYR A CA  1 
ATOM   716  C C   . TYR A 1 94  ? -1.882  3.507   4.106   1.00 27.14  ? 94   TYR A C   1 
ATOM   717  O O   . TYR A 1 94  ? -2.054  2.827   5.119   1.00 26.51  ? 94   TYR A O   1 
ATOM   718  C CB  . TYR A 1 94  ? 0.522   4.049   4.047   1.00 26.00  ? 94   TYR A CB  1 
ATOM   719  C CG  . TYR A 1 94  ? 1.625   5.057   3.848   1.00 26.51  ? 94   TYR A CG  1 
ATOM   720  C CD1 . TYR A 1 94  ? 1.996   5.932   4.877   1.00 26.75  ? 94   TYR A CD1 1 
ATOM   721  C CD2 . TYR A 1 94  ? 2.283   5.161   2.620   1.00 24.81  ? 94   TYR A CD2 1 
ATOM   722  C CE1 . TYR A 1 94  ? 2.992   6.884   4.685   1.00 25.24  ? 94   TYR A CE1 1 
ATOM   723  C CE2 . TYR A 1 94  ? 3.276   6.111   2.421   1.00 26.34  ? 94   TYR A CE2 1 
ATOM   724  C CZ  . TYR A 1 94  ? 3.623   6.970   3.456   1.00 26.59  ? 94   TYR A CZ  1 
ATOM   725  O OH  . TYR A 1 94  ? 4.588   7.930   3.244   1.00 28.72  ? 94   TYR A OH  1 
ATOM   726  N N   . ASN A 1 95  ? -2.535  3.295   2.968   1.00 25.82  ? 95   ASN A N   1 
ATOM   727  C CA  . ASN A 1 95  ? -3.504  2.217   2.864   1.00 26.10  ? 95   ASN A CA  1 
ATOM   728  C C   . ASN A 1 95  ? -3.226  1.352   1.666   1.00 26.85  ? 95   ASN A C   1 
ATOM   729  O O   . ASN A 1 95  ? -2.932  1.848   0.579   1.00 26.18  ? 95   ASN A O   1 
ATOM   730  C CB  . ASN A 1 95  ? -4.914  2.761   2.754   1.00 25.42  ? 95   ASN A CB  1 
ATOM   731  C CG  . ASN A 1 95  ? -5.264  3.647   3.892   1.00 24.03  ? 95   ASN A CG  1 
ATOM   732  O OD1 . ASN A 1 95  ? -4.868  4.808   3.934   1.00 22.19  ? 95   ASN A OD1 1 
ATOM   733  N ND2 . ASN A 1 95  ? -5.997  3.103   4.849   1.00 27.84  ? 95   ASN A ND2 1 
ATOM   734  N N   . PHE A 1 96  ? -3.343  0.050   1.873   1.00 28.26  ? 96   PHE A N   1 
ATOM   735  C CA  . PHE A 1 96  ? -3.086  -0.900  0.819   1.00 30.03  ? 96   PHE A CA  1 
ATOM   736  C C   . PHE A 1 96  ? -4.323  -1.312  0.035   1.00 32.24  ? 96   PHE A C   1 
ATOM   737  O O   . PHE A 1 96  ? -5.443  -1.342  0.544   1.00 31.46  ? 96   PHE A O   1 
ATOM   738  C CB  . PHE A 1 96  ? -2.424  -2.145  1.395   1.00 29.80  ? 96   PHE A CB  1 
ATOM   739  C CG  . PHE A 1 96  ? -2.075  -3.163  0.356   1.00 31.03  ? 96   PHE A CG  1 
ATOM   740  C CD1 . PHE A 1 96  ? -1.145  -2.868  -0.637  1.00 33.16  ? 96   PHE A CD1 1 
ATOM   741  C CD2 . PHE A 1 96  ? -2.698  -4.401  0.343   1.00 30.98  ? 96   PHE A CD2 1 
ATOM   742  C CE1 . PHE A 1 96  ? -0.840  -3.787  -1.625  1.00 32.65  ? 96   PHE A CE1 1 
ATOM   743  C CE2 . PHE A 1 96  ? -2.405  -5.330  -0.639  1.00 30.44  ? 96   PHE A CE2 1 
ATOM   744  C CZ  . PHE A 1 96  ? -1.472  -5.023  -1.628  1.00 32.63  ? 96   PHE A CZ  1 
ATOM   745  N N   . ARG A 1 97  ? -4.083  -1.662  -1.217  1.00 36.00  ? 97   ARG A N   1 
ATOM   746  C CA  . ARG A 1 97  ? -5.128  -2.086  -2.114  1.00 37.92  ? 97   ARG A CA  1 
ATOM   747  C C   . ARG A 1 97  ? -4.619  -3.224  -3.005  1.00 38.89  ? 97   ARG A C   1 
ATOM   748  O O   . ARG A 1 97  ? -3.455  -3.239  -3.404  1.00 36.54  ? 97   ARG A O   1 
ATOM   749  C CB  . ARG A 1 97  ? -5.546  -0.891  -2.969  1.00 39.59  ? 97   ARG A CB  1 
ATOM   750  C CG  . ARG A 1 97  ? -6.105  -1.271  -4.331  1.00 42.18  ? 97   ARG A CG  1 
ATOM   751  C CD  . ARG A 1 97  ? -7.581  -1.619  -4.268  1.00 41.76  ? 97   ARG A CD  1 
ATOM   752  N NE  . ARG A 1 97  ? -8.406  -0.418  -4.295  1.00 40.41  ? 97   ARG A NE  1 
ATOM   753  C CZ  . ARG A 1 97  ? -9.725  -0.421  -4.140  1.00 40.63  ? 97   ARG A CZ  1 
ATOM   754  N NH1 . ARG A 1 97  ? -10.398 0.721   -4.181  1.00 42.38  ? 97   ARG A NH1 1 
ATOM   755  N NH2 . ARG A 1 97  ? -10.370 -1.565  -3.931  1.00 38.59  ? 97   ARG A NH2 1 
ATOM   756  N N   . PHE A 1 98  ? -5.489  -4.185  -3.294  1.00 42.18  ? 98   PHE A N   1 
ATOM   757  C CA  . PHE A 1 98  ? -5.138  -5.288  -4.177  1.00 46.78  ? 98   PHE A CA  1 
ATOM   758  C C   . PHE A 1 98  ? -6.335  -5.719  -5.022  1.00 50.02  ? 98   PHE A C   1 
ATOM   759  O O   . PHE A 1 98  ? -7.467  -5.742  -4.545  1.00 49.41  ? 98   PHE A O   1 
ATOM   760  C CB  . PHE A 1 98  ? -4.580  -6.474  -3.393  1.00 47.16  ? 98   PHE A CB  1 
ATOM   761  C CG  . PHE A 1 98  ? -5.532  -7.065  -2.396  1.00 50.44  ? 98   PHE A CG  1 
ATOM   762  C CD1 . PHE A 1 98  ? -5.673  -6.505  -1.132  1.00 50.99  ? 98   PHE A CD1 1 
ATOM   763  C CD2 . PHE A 1 98  ? -6.245  -8.228  -2.701  1.00 51.01  ? 98   PHE A CD2 1 
ATOM   764  C CE1 . PHE A 1 98  ? -6.504  -7.097  -0.177  1.00 52.70  ? 98   PHE A CE1 1 
ATOM   765  C CE2 . PHE A 1 98  ? -7.079  -8.829  -1.757  1.00 51.46  ? 98   PHE A CE2 1 
ATOM   766  C CZ  . PHE A 1 98  ? -7.208  -8.265  -0.491  1.00 52.65  ? 98   PHE A CZ  1 
ATOM   767  N N   . GLU A 1 99  ? -6.081  -6.064  -6.279  1.00 54.44  ? 99   GLU A N   1 
ATOM   768  C CA  . GLU A 1 99  ? -7.154  -6.458  -7.186  1.00 59.99  ? 99   GLU A CA  1 
ATOM   769  C C   . GLU A 1 99  ? -6.912  -7.780  -7.908  1.00 63.54  ? 99   GLU A C   1 
ATOM   770  O O   . GLU A 1 99  ? -5.950  -7.920  -8.665  1.00 63.47  ? 99   GLU A O   1 
ATOM   771  C CB  . GLU A 1 99  ? -7.353  -5.362  -8.223  1.00 61.27  ? 99   GLU A CB  1 
ATOM   772  C CG  . GLU A 1 99  ? -7.241  -3.967  -7.654  1.00 65.35  ? 99   GLU A CG  1 
ATOM   773  C CD  . GLU A 1 99  ? -7.162  -2.904  -8.733  1.00 66.75  ? 99   GLU A CD  1 
ATOM   774  O OE1 . GLU A 1 99  ? -6.300  -3.035  -9.627  1.00 69.18  ? 99   GLU A OE1 1 
ATOM   775  O OE2 . GLU A 1 99  ? -7.948  -1.937  -8.685  1.00 67.04  ? 99   GLU A OE2 1 
ATOM   776  N N   . ILE A 1 100 ? -7.794  -8.749  -7.687  1.00 68.36  ? 100  ILE A N   1 
ATOM   777  C CA  . ILE A 1 100 ? -7.652  -10.042 -8.342  1.00 72.88  ? 100  ILE A CA  1 
ATOM   778  C C   . ILE A 1 100 ? -8.474  -10.023 -9.615  1.00 75.47  ? 100  ILE A C   1 
ATOM   779  O O   . ILE A 1 100 ? -8.093  -10.608 -10.629 1.00 76.21  ? 100  ILE A O   1 
ATOM   780  C CB  . ILE A 1 100 ? -8.155  -11.196 -7.456  1.00 73.30  ? 100  ILE A CB  1 
ATOM   781  C CG1 . ILE A 1 100 ? -7.442  -11.164 -6.100  1.00 74.09  ? 100  ILE A CG1 1 
ATOM   782  C CG2 . ILE A 1 100 ? -7.901  -12.526 -8.160  1.00 73.49  ? 100  ILE A CG2 1 
ATOM   783  C CD1 . ILE A 1 100 ? -7.877  -12.253 -5.133  1.00 73.88  ? 100  ILE A CD1 1 
ATOM   784  N N   . SER A 1 101 ? -9.608  -9.336  -9.547  1.00 78.45  ? 101  SER A N   1 
ATOM   785  C CA  . SER A 1 101 ? -10.516 -9.225  -10.679 1.00 81.64  ? 101  SER A CA  1 
ATOM   786  C C   . SER A 1 101 ? -11.209 -7.865  -10.657 1.00 83.12  ? 101  SER A C   1 
ATOM   787  O O   . SER A 1 101 ? -11.086 -7.115  -9.687  1.00 83.10  ? 101  SER A O   1 
ATOM   788  C CB  . SER A 1 101 ? -11.557 -10.346 -10.622 1.00 82.15  ? 101  SER A CB  1 
ATOM   789  O OG  . SER A 1 101 ? -12.466 -10.254 -11.702 1.00 83.82  ? 101  SER A OG  1 
ATOM   790  N N   . ASP A 1 102 ? -11.934 -7.553  -11.728 1.00 85.09  ? 102  ASP A N   1 
ATOM   791  C CA  . ASP A 1 102 ? -12.641 -6.281  -11.830 1.00 86.50  ? 102  ASP A CA  1 
ATOM   792  C C   . ASP A 1 102 ? -13.584 -6.081  -10.650 1.00 85.86  ? 102  ASP A C   1 
ATOM   793  O O   . ASP A 1 102 ? -13.535 -5.055  -9.970  1.00 85.45  ? 102  ASP A O   1 
ATOM   794  C CB  . ASP A 1 102 ? -13.444 -6.210  -13.139 1.00 89.06  ? 102  ASP A CB  1 
ATOM   795  C CG  . ASP A 1 102 ? -12.556 -6.110  -14.371 1.00 91.34  ? 102  ASP A CG  1 
ATOM   796  O OD1 . ASP A 1 102 ? -11.738 -5.166  -14.449 1.00 92.21  ? 102  ASP A OD1 1 
ATOM   797  O OD2 . ASP A 1 102 ? -12.685 -6.973  -15.267 1.00 92.62  ? 102  ASP A OD2 1 
ATOM   798  N N   . SER A 1 103 ? -14.443 -7.066  -10.411 1.00 85.02  ? 103  SER A N   1 
ATOM   799  C CA  . SER A 1 103 ? -15.400 -6.984  -9.316  1.00 84.16  ? 103  SER A CA  1 
ATOM   800  C C   . SER A 1 103 ? -14.911 -7.731  -8.077  1.00 81.78  ? 103  SER A C   1 
ATOM   801  O O   . SER A 1 103 ? -15.701 -8.284  -7.317  1.00 83.42  ? 103  SER A O   1 
ATOM   802  C CB  . SER A 1 103 ? -16.770 -7.519  -9.768  1.00 86.05  ? 103  SER A CB  1 
ATOM   803  O OG  . SER A 1 103 ? -16.661 -8.794  -10.384 1.00 88.34  ? 103  SER A OG  1 
ATOM   804  N N   . ASN A 1 104 ? -13.599 -7.736  -7.881  1.00 77.89  ? 104  ASN A N   1 
ATOM   805  C CA  . ASN A 1 104 ? -12.995 -8.394  -6.733  1.00 72.83  ? 104  ASN A CA  1 
ATOM   806  C C   . ASN A 1 104 ? -11.734 -7.659  -6.320  1.00 69.27  ? 104  ASN A C   1 
ATOM   807  O O   . ASN A 1 104 ? -10.616 -8.159  -6.452  1.00 67.93  ? 104  ASN A O   1 
ATOM   808  C CB  . ASN A 1 104 ? -12.694 -9.846  -7.066  1.00 73.86  ? 104  ASN A CB  1 
ATOM   809  C CG  . ASN A 1 104 ? -13.697 -10.788 -6.450  1.00 74.18  ? 104  ASN A CG  1 
ATOM   810  O OD1 . ASN A 1 104 ? -14.906 -10.577 -6.545  1.00 73.77  ? 104  ASN A OD1 1 
ATOM   811  N ND2 . ASN A 1 104 ? -13.200 -11.837 -5.807  1.00 75.70  ? 104  ASN A ND2 1 
ATOM   812  N N   . ARG A 1 105 ? -11.955 -6.451  -5.817  1.00 65.55  ? 105  ARG A N   1 
ATOM   813  C CA  . ARG A 1 105 ? -10.907 -5.553  -5.368  1.00 60.97  ? 105  ARG A CA  1 
ATOM   814  C C   . ARG A 1 105 ? -11.176 -5.252  -3.896  1.00 56.73  ? 105  ARG A C   1 
ATOM   815  O O   . ARG A 1 105 ? -12.318 -5.339  -3.447  1.00 56.23  ? 105  ARG A O   1 
ATOM   816  C CB  . ARG A 1 105 ? -10.976 -4.263  -6.185  1.00 62.23  ? 105  ARG A CB  1 
ATOM   817  C CG  . ARG A 1 105 ? -10.892 -4.492  -7.683  1.00 65.20  ? 105  ARG A CG  1 
ATOM   818  C CD  . ARG A 1 105 ? -11.337 -3.278  -8.502  1.00 67.38  ? 105  ARG A CD  1 
ATOM   819  N NE  . ARG A 1 105 ? -10.554 -2.068  -8.250  1.00 70.44  ? 105  ARG A NE  1 
ATOM   820  C CZ  . ARG A 1 105 ? -10.899 -1.113  -7.388  1.00 73.01  ? 105  ARG A CZ  1 
ATOM   821  N NH1 . ARG A 1 105 ? -12.021 -1.222  -6.685  1.00 75.35  ? 105  ARG A NH1 1 
ATOM   822  N NH2 . ARG A 1 105 ? -10.125 -0.041  -7.230  1.00 73.28  ? 105  ARG A NH2 1 
ATOM   823  N N   . TRP A 1 106 ? -10.138 -4.893  -3.147  1.00 50.60  ? 106  TRP A N   1 
ATOM   824  C CA  . TRP A 1 106 ? -10.311 -4.587  -1.733  1.00 44.55  ? 106  TRP A CA  1 
ATOM   825  C C   . TRP A 1 106 ? -9.347  -3.535  -1.242  1.00 41.86  ? 106  TRP A C   1 
ATOM   826  O O   . TRP A 1 106 ? -8.194  -3.496  -1.649  1.00 40.48  ? 106  TRP A O   1 
ATOM   827  C CB  . TRP A 1 106 ? -10.147 -5.856  -0.899  1.00 41.77  ? 106  TRP A CB  1 
ATOM   828  C CG  . TRP A 1 106 ? -10.294 -5.674  0.592   1.00 36.95  ? 106  TRP A CG  1 
ATOM   829  C CD1 . TRP A 1 106 ? -9.318  -5.306  1.481   1.00 35.29  ? 106  TRP A CD1 1 
ATOM   830  C CD2 . TRP A 1 106 ? -11.460 -5.935  1.369   1.00 34.10  ? 106  TRP A CD2 1 
ATOM   831  N NE1 . TRP A 1 106 ? -9.806  -5.332  2.763   1.00 30.27  ? 106  TRP A NE1 1 
ATOM   832  C CE2 . TRP A 1 106 ? -11.123 -5.710  2.723   1.00 32.72  ? 106  TRP A CE2 1 
ATOM   833  C CE3 . TRP A 1 106 ? -12.766 -6.334  1.055   1.00 34.63  ? 106  TRP A CE3 1 
ATOM   834  C CZ2 . TRP A 1 106 ? -12.043 -5.880  3.763   1.00 32.20  ? 106  TRP A CZ2 1 
ATOM   835  C CZ3 . TRP A 1 106 ? -13.680 -6.502  2.089   1.00 32.75  ? 106  TRP A CZ3 1 
ATOM   836  C CH2 . TRP A 1 106 ? -13.315 -6.270  3.424   1.00 31.32  ? 106  TRP A CH2 1 
ATOM   837  N N   . LEU A 1 107 ? -9.832  -2.676  -0.360  1.00 40.02  ? 107  LEU A N   1 
ATOM   838  C CA  . LEU A 1 107 ? -8.988  -1.640  0.195   1.00 38.71  ? 107  LEU A CA  1 
ATOM   839  C C   . LEU A 1 107 ? -9.004  -1.709  1.702   1.00 36.66  ? 107  LEU A C   1 
ATOM   840  O O   . LEU A 1 107 ? -10.055 -1.822  2.318   1.00 35.01  ? 107  LEU A O   1 
ATOM   841  C CB  . LEU A 1 107 ? -9.453  -0.261  -0.255  1.00 41.65  ? 107  LEU A CB  1 
ATOM   842  C CG  . LEU A 1 107 ? -8.730  0.926   0.393   1.00 43.71  ? 107  LEU A CG  1 
ATOM   843  C CD1 . LEU A 1 107 ? -8.814  2.096   -0.535  1.00 46.41  ? 107  LEU A CD1 1 
ATOM   844  C CD2 . LEU A 1 107 ? -9.351  1.280   1.742   1.00 44.93  ? 107  LEU A CD2 1 
ATOM   845  N N   . ASP A 1 108 ? -7.822  -1.652  2.292   1.00 35.68  ? 108  ASP A N   1 
ATOM   846  C CA  . ASP A 1 108 ? -7.713  -1.688  3.730   1.00 34.61  ? 108  ASP A CA  1 
ATOM   847  C C   . ASP A 1 108 ? -7.975  -0.281  4.235   1.00 33.59  ? 108  ASP A C   1 
ATOM   848  O O   . ASP A 1 108 ? -7.254  0.647   3.894   1.00 33.96  ? 108  ASP A O   1 
ATOM   849  C CB  . ASP A 1 108 ? -6.321  -2.142  4.135   1.00 34.92  ? 108  ASP A CB  1 
ATOM   850  C CG  . ASP A 1 108 ? -6.086  -2.008  5.609   1.00 35.65  ? 108  ASP A CG  1 
ATOM   851  O OD1 . ASP A 1 108 ? -6.916  -2.545  6.370   1.00 37.33  ? 108  ASP A OD1 1 
ATOM   852  O OD2 . ASP A 1 108 ? -5.084  -1.371  6.004   1.00 35.56  ? 108  ASP A OD2 1 
ATOM   853  N N   . VAL A 1 109 ? -9.019  -0.126  5.037   1.00 34.05  ? 109  VAL A N   1 
ATOM   854  C CA  . VAL A 1 109 ? -9.394  1.179   5.588   1.00 34.00  ? 109  VAL A CA  1 
ATOM   855  C C   . VAL A 1 109 ? -8.610  1.532   6.844   1.00 32.78  ? 109  VAL A C   1 
ATOM   856  O O   . VAL A 1 109 ? -8.473  2.693   7.198   1.00 32.59  ? 109  VAL A O   1 
ATOM   857  C CB  . VAL A 1 109 ? -10.906 1.229   5.934   1.00 33.58  ? 109  VAL A CB  1 
ATOM   858  C CG1 . VAL A 1 109 ? -11.734 1.157   4.668   1.00 34.20  ? 109  VAL A CG1 1 
ATOM   859  C CG2 . VAL A 1 109 ? -11.259 0.081   6.857   1.00 32.90  ? 109  VAL A CG2 1 
ATOM   860  N N   . LYS A 1 110 ? -8.108  0.523   7.531   1.00 32.83  ? 110  LYS A N   1 
ATOM   861  C CA  . LYS A 1 110 ? -7.346  0.769   8.738   1.00 33.01  ? 110  LYS A CA  1 
ATOM   862  C C   . LYS A 1 110 ? -6.119  1.581   8.324   1.00 31.18  ? 110  LYS A C   1 
ATOM   863  O O   . LYS A 1 110 ? -5.924  2.697   8.780   1.00 29.28  ? 110  LYS A O   1 
ATOM   864  C CB  . LYS A 1 110 ? -6.945  -0.574  9.352   1.00 34.75  ? 110  LYS A CB  1 
ATOM   865  C CG  . LYS A 1 110 ? -8.097  -1.611  9.318   1.00 40.99  ? 110  LYS A CG  1 
ATOM   866  C CD  . LYS A 1 110 ? -7.608  -3.075  9.501   1.00 44.01  ? 110  LYS A CD  1 
ATOM   867  C CE  . LYS A 1 110 ? -8.734  -4.081  9.243   1.00 44.48  ? 110  LYS A CE  1 
ATOM   868  N NZ  . LYS A 1 110 ? -8.322  -5.509  9.415   1.00 46.15  ? 110  LYS A NZ  1 
ATOM   869  N N   . GLY A 1 111 ? -5.317  1.018   7.429   1.00 30.28  ? 111  GLY A N   1 
ATOM   870  C CA  . GLY A 1 111 ? -4.119  1.688   6.977   1.00 30.03  ? 111  GLY A CA  1 
ATOM   871  C C   . GLY A 1 111 ? -3.027  1.664   8.027   1.00 30.45  ? 111  GLY A C   1 
ATOM   872  O O   . GLY A 1 111 ? -3.106  0.957   9.022   1.00 30.88  ? 111  GLY A O   1 
ATOM   873  N N   . THR A 1 112 ? -1.990  2.446   7.801   1.00 31.83  ? 112  THR A N   1 
ATOM   874  C CA  . THR A 1 112 ? -0.891  2.523   8.750   1.00 34.01  ? 112  THR A CA  1 
ATOM   875  C C   . THR A 1 112 ? -0.450  3.985   8.866   1.00 35.06  ? 112  THR A C   1 
ATOM   876  O O   . THR A 1 112 ? -0.017  4.598   7.891   1.00 33.84  ? 112  THR A O   1 
ATOM   877  C CB  . THR A 1 112 ? 0.293   1.644   8.289   1.00 34.62  ? 112  THR A CB  1 
ATOM   878  O OG1 . THR A 1 112 ? -0.107  0.269   8.305   1.00 37.20  ? 112  THR A OG1 1 
ATOM   879  C CG2 . THR A 1 112 ? 1.490   1.826   9.208   1.00 36.05  ? 112  THR A CG2 1 
ATOM   880  N N   . THR A 1 113 ? -0.588  4.555   10.054  1.00 35.62  ? 113  THR A N   1 
ATOM   881  C CA  . THR A 1 113 ? -0.188  5.933   10.234  1.00 36.37  ? 113  THR A CA  1 
ATOM   882  C C   . THR A 1 113 ? 1.304   5.962   10.504  1.00 37.10  ? 113  THR A C   1 
ATOM   883  O O   . THR A 1 113 ? 1.775   5.420   11.510  1.00 36.41  ? 113  THR A O   1 
ATOM   884  C CB  . THR A 1 113 ? -0.961  6.613   11.392  1.00 37.43  ? 113  THR A CB  1 
ATOM   885  O OG1 . THR A 1 113 ? -2.325  6.805   10.997  1.00 40.93  ? 113  THR A OG1 1 
ATOM   886  C CG2 . THR A 1 113 ? -0.360  7.972   11.726  1.00 36.01  ? 113  THR A CG2 1 
ATOM   887  N N   . VAL A 1 114 ? 2.029   6.592   9.582   1.00 36.71  ? 114  VAL A N   1 
ATOM   888  C CA  . VAL A 1 114 ? 3.475   6.723   9.660   1.00 35.91  ? 114  VAL A CA  1 
ATOM   889  C C   . VAL A 1 114 ? 3.842   8.146   10.027  1.00 37.46  ? 114  VAL A C   1 
ATOM   890  O O   . VAL A 1 114 ? 3.447   9.085   9.352   1.00 37.80  ? 114  VAL A O   1 
ATOM   891  C CB  . VAL A 1 114 ? 4.142   6.414   8.301   1.00 36.20  ? 114  VAL A CB  1 
ATOM   892  C CG1 . VAL A 1 114 ? 5.626   6.733   8.372   1.00 33.24  ? 114  VAL A CG1 1 
ATOM   893  C CG2 . VAL A 1 114 ? 3.922   4.963   7.913   1.00 32.61  ? 114  VAL A CG2 1 
ATOM   894  N N   . THR A 1 115 ? 4.604   8.303   11.096  1.00 38.56  ? 115  THR A N   1 
ATOM   895  C CA  . THR A 1 115 ? 5.029   9.622   11.516  1.00 41.20  ? 115  THR A CA  1 
ATOM   896  C C   . THR A 1 115 ? 6.559   9.644   11.598  1.00 44.66  ? 115  THR A C   1 
ATOM   897  O O   . THR A 1 115 ? 7.150   8.887   12.368  1.00 44.77  ? 115  THR A O   1 
ATOM   898  C CB  . THR A 1 115 ? 4.411   9.990   12.880  1.00 41.58  ? 115  THR A CB  1 
ATOM   899  O OG1 . THR A 1 115 ? 4.786   9.015   13.855  1.00 41.97  ? 115  THR A OG1 1 
ATOM   900  C CG2 . THR A 1 115 ? 2.890   10.037  12.787  1.00 40.10  ? 115  THR A CG2 1 
ATOM   901  N N   . VAL A 1 116 ? 7.191   10.500  10.787  1.00 46.26  ? 116  VAL A N   1 
ATOM   902  C CA  . VAL A 1 116 ? 8.652   10.621  10.744  1.00 47.30  ? 116  VAL A CA  1 
ATOM   903  C C   . VAL A 1 116 ? 9.186   11.598  11.788  1.00 48.90  ? 116  VAL A C   1 
ATOM   904  O O   . VAL A 1 116 ? 8.818   12.769  11.796  1.00 49.16  ? 116  VAL A O   1 
ATOM   905  C CB  . VAL A 1 116 ? 9.124   11.082  9.348   1.00 47.04  ? 116  VAL A CB  1 
ATOM   906  C CG1 . VAL A 1 116 ? 10.618  11.330  9.357   1.00 46.34  ? 116  VAL A CG1 1 
ATOM   907  C CG2 . VAL A 1 116 ? 8.774   10.031  8.311   1.00 43.96  ? 116  VAL A CG2 1 
ATOM   908  N N   . THR A 1 117 ? 10.071  11.111  12.654  1.00 51.28  ? 117  THR A N   1 
ATOM   909  C CA  . THR A 1 117 ? 10.639  11.927  13.726  1.00 54.66  ? 117  THR A CA  1 
ATOM   910  C C   . THR A 1 117 ? 12.160  12.151  13.589  1.00 57.30  ? 117  THR A C   1 
ATOM   911  O O   . THR A 1 117 ? 12.793  11.657  12.652  1.00 57.39  ? 117  THR A O   1 
ATOM   912  C CB  . THR A 1 117 ? 10.321  11.274  15.099  1.00 54.32  ? 117  THR A CB  1 
ATOM   913  O OG1 . THR A 1 117 ? 10.636  12.181  16.159  1.00 55.02  ? 117  THR A OG1 1 
ATOM   914  C CG2 . THR A 1 117 ? 11.118  9.997   15.283  1.00 55.68  ? 117  THR A CG2 1 
ATOM   915  N N   . THR A 1 118 ? 12.741  12.906  14.522  1.00 60.35  ? 118  THR A N   1 
ATOM   916  C CA  . THR A 1 118 ? 14.177  13.195  14.505  1.00 62.34  ? 118  THR A CA  1 
ATOM   917  C C   . THR A 1 118 ? 14.893  12.610  15.725  1.00 63.30  ? 118  THR A C   1 
ATOM   918  O O   . THR A 1 118 ? 15.414  13.400  16.539  1.00 64.41  ? 118  THR A O   1 
ATOM   919  C CB  . THR A 1 118 ? 14.450  14.713  14.481  1.00 62.78  ? 118  THR A CB  1 
ATOM   920  O OG1 . THR A 1 118 ? 13.638  15.341  13.484  1.00 63.59  ? 118  THR A OG1 1 
ATOM   921  C CG2 . THR A 1 118 ? 15.901  14.969  14.147  1.00 64.19  ? 118  THR A CG2 1 
ATOM   922  O OXT . THR A 1 118 ? 14.925  11.369  15.860  1.00 64.95  ? 118  THR A OXT 1 
ATOM   923  N N   . GLY B 2 2   ? -14.611 2.566   -10.870 1.00 79.53  ? 2    GLY B N   1 
ATOM   924  C CA  . GLY B 2 2   ? -14.225 1.627   -9.766  1.00 78.50  ? 2    GLY B CA  1 
ATOM   925  C C   . GLY B 2 2   ? -15.371 1.424   -8.796  1.00 77.94  ? 2    GLY B C   1 
ATOM   926  O O   . GLY B 2 2   ? -15.920 0.324   -8.695  1.00 77.53  ? 2    GLY B O   1 
ATOM   927  N N   . HIS B 2 3   ? -15.722 2.485   -8.074  1.00 76.46  ? 3    HIS B N   1 
ATOM   928  C CA  . HIS B 2 3   ? -16.833 2.405   -7.145  1.00 73.30  ? 3    HIS B CA  1 
ATOM   929  C C   . HIS B 2 3   ? -16.591 2.635   -5.665  1.00 69.73  ? 3    HIS B C   1 
ATOM   930  O O   . HIS B 2 3   ? -15.870 3.542   -5.257  1.00 69.77  ? 3    HIS B O   1 
ATOM   931  N N   . THR B 2 4   ? -17.237 1.781   -4.878  1.00 67.23  ? 4    THR B N   1 
ATOM   932  C CA  . THR B 2 4   ? -17.216 1.768   -3.417  1.00 65.06  ? 4    THR B CA  1 
ATOM   933  C C   . THR B 2 4   ? -16.982 3.051   -2.632  1.00 65.55  ? 4    THR B C   1 
ATOM   934  O O   . THR B 2 4   ? -17.937 3.650   -2.151  1.00 68.18  ? 4    THR B O   1 
ATOM   935  C CB  . THR B 2 4   ? -16.260 0.658   -2.887  1.00 61.21  ? 4    THR B CB  1 
ATOM   936  O OG1 . THR B 2 4   ? -16.762 -0.624  -3.329  1.00 57.43  ? 4    THR B OG1 1 
ATOM   937  C CG2 . THR B 2 4   ? -16.208 0.683   -1.352  1.00 58.64  ? 4    THR B CG2 1 
ATOM   938  N N   . TRP B 2 5   ? -15.732 3.473   -2.505  1.00 67.01  ? 5    TRP B N   1 
ATOM   939  C CA  . TRP B 2 5   ? -15.414 4.665   -1.729  1.00 67.38  ? 5    TRP B CA  1 
ATOM   940  C C   . TRP B 2 5   ? -15.563 6.023   -2.386  1.00 69.97  ? 5    TRP B C   1 
ATOM   941  O O   . TRP B 2 5   ? -15.611 7.037   -1.702  1.00 70.67  ? 5    TRP B O   1 
ATOM   942  C CB  . TRP B 2 5   ? -14.003 4.523   -1.147  1.00 65.87  ? 5    TRP B CB  1 
ATOM   943  C CG  . TRP B 2 5   ? -13.908 3.366   -0.200  1.00 61.59  ? 5    TRP B CG  1 
ATOM   944  C CD1 . TRP B 2 5   ? -13.334 2.155   -0.435  1.00 59.75  ? 5    TRP B CD1 1 
ATOM   945  C CD2 . TRP B 2 5   ? -14.474 3.298   1.108   1.00 59.61  ? 5    TRP B CD2 1 
ATOM   946  N NE1 . TRP B 2 5   ? -13.510 1.332   0.645   1.00 57.75  ? 5    TRP B NE1 1 
ATOM   947  C CE2 . TRP B 2 5   ? -14.208 2.009   1.608   1.00 58.19  ? 5    TRP B CE2 1 
ATOM   948  C CE3 . TRP B 2 5   ? -15.187 4.202   1.905   1.00 59.67  ? 5    TRP B CE3 1 
ATOM   949  C CZ2 . TRP B 2 5   ? -14.626 1.600   2.873   1.00 58.85  ? 5    TRP B CZ2 1 
ATOM   950  C CZ3 . TRP B 2 5   ? -15.604 3.799   3.161   1.00 59.04  ? 5    TRP B CZ3 1 
ATOM   951  C CH2 . TRP B 2 5   ? -15.322 2.506   3.634   1.00 58.81  ? 5    TRP B CH2 1 
ATOM   952  N N   . GLY B 2 6   ? -15.623 6.048   -3.707  1.00 73.16  ? 6    GLY B N   1 
ATOM   953  C CA  . GLY B 2 6   ? -15.749 7.310   -4.401  1.00 77.24  ? 6    GLY B CA  1 
ATOM   954  C C   . GLY B 2 6   ? -14.404 7.977   -4.576  1.00 80.57  ? 6    GLY B C   1 
ATOM   955  O O   . GLY B 2 6   ? -13.376 7.378   -4.269  1.00 80.66  ? 6    GLY B O   1 
HETATM 956  N N   . HIA B 2 7   ? -14.420 9.209   -5.080  1.00 84.75  ? 7    HIA B N   1 
HETATM 957  C CA  . HIA B 2 7   ? -13.203 9.988   -5.324  1.00 88.12  ? 7    HIA B CA  1 
HETATM 958  C CB  . HIA B 2 7   ? -12.405 10.160  -4.030  1.00 90.81  ? 7    HIA B CB  1 
HETATM 959  C CG  . HIA B 2 7   ? -13.104 10.986  -2.997  1.00 92.44  ? 7    HIA B CG  1 
HETATM 960  N ND1 . HIA B 2 7   ? -14.427 10.796  -2.660  1.00 93.79  ? 7    HIA B ND1 1 
HETATM 961  C CD2 . HIA B 2 7   ? -12.663 12.008  -2.223  1.00 94.24  ? 7    HIA B CD2 1 
HETATM 962  C CE1 . HIA B 2 7   ? -14.772 11.665  -1.726  1.00 94.29  ? 7    HIA B CE1 1 
HETATM 963  N NE2 . HIA B 2 7   ? -13.719 12.411  -1.444  1.00 95.15  ? 7    HIA B NE2 1 
HETATM 964  C C   . HIA B 2 7   ? -12.316 9.362   -6.393  1.00 88.94  ? 7    HIA B C   1 
HETATM 965  O O   . HIA B 2 7   ? -11.836 10.119  -7.261  1.00 89.42  ? 7    HIA B O   1 
HETATM 966  N NXT . HIA B 2 7   ? -12.105 8.133   -6.341  1.00 89.43  ? 7    HIA B NXT 1 
HETATM 967  C C1  . SIA C 3 .   ? -14.490 -1.109  -3.873  1.00 47.13  ? 1004 SIA B C1  1 
HETATM 968  C C2  . SIA C 3 .   ? -15.804 -1.628  -3.316  1.00 48.30  ? 1004 SIA B C2  1 
HETATM 969  C C3  . SIA C 3 .   ? -16.310 -2.791  -4.192  1.00 44.66  ? 1004 SIA B C3  1 
HETATM 970  C C4  . SIA C 3 .   ? -15.505 -4.062  -3.982  1.00 44.48  ? 1004 SIA B C4  1 
HETATM 971  C C5  . SIA C 3 .   ? -15.540 -4.398  -2.512  1.00 44.27  ? 1004 SIA B C5  1 
HETATM 972  C C6  . SIA C 3 .   ? -14.846 -3.259  -1.786  1.00 44.79  ? 1004 SIA B C6  1 
HETATM 973  C C7  . SIA C 3 .   ? -14.708 -3.600  -0.313  1.00 43.48  ? 1004 SIA B C7  1 
HETATM 974  C C8  . SIA C 3 .   ? -14.032 -2.464  0.429   1.00 41.96  ? 1004 SIA B C8  1 
HETATM 975  C C9  . SIA C 3 .   ? -13.731 -2.891  1.855   1.00 39.96  ? 1004 SIA B C9  1 
HETATM 976  C C10 . SIA C 3 .   ? -15.546 -6.714  -1.815  1.00 43.74  ? 1004 SIA B C10 1 
HETATM 977  C C11 . SIA C 3 .   ? -14.778 -8.010  -1.636  1.00 45.25  ? 1004 SIA B C11 1 
HETATM 978  N N5  . SIA C 3 .   ? -14.865 -5.657  -2.256  1.00 47.12  ? 1004 SIA B N5  1 
HETATM 979  O O1A . SIA C 3 .   ? -14.500 -0.531  -4.984  1.00 47.87  ? 1004 SIA B O1A 1 
HETATM 980  O O1B . SIA C 3 .   ? -13.450 -1.282  -3.207  1.00 48.21  ? 1004 SIA B O1B 1 
HETATM 981  O O4  . SIA C 3 .   ? -16.038 -5.132  -4.747  1.00 43.23  ? 1004 SIA B O4  1 
HETATM 982  O O6  . SIA C 3 .   ? -15.607 -2.039  -1.946  1.00 46.17  ? 1004 SIA B O6  1 
HETATM 983  O O7  . SIA C 3 .   ? -15.990 -3.837  0.239   1.00 44.09  ? 1004 SIA B O7  1 
HETATM 984  O O8  . SIA C 3 .   ? -12.825 -2.127  -0.236  1.00 41.95  ? 1004 SIA B O8  1 
HETATM 985  O O9  . SIA C 3 .   ? -12.981 -1.879  2.501   1.00 39.81  ? 1004 SIA B O9  1 
HETATM 986  O O10 . SIA C 3 .   ? -16.751 -6.681  -1.559  1.00 46.28  ? 1004 SIA B O10 1 
HETATM 987  O O   . HOH D 4 .   ? -13.878 -10.896 8.178   1.00 44.63  ? 2001 HOH A O   1 
HETATM 988  O O   . HOH D 4 .   ? -4.313  -3.200  7.986   1.00 41.37  ? 2002 HOH A O   1 
HETATM 989  O O   . HOH D 4 .   ? -4.217  -1.816  10.982  1.00 36.98  ? 2003 HOH A O   1 
HETATM 990  O O   . HOH D 4 .   ? 7.331   1.976   15.033  1.00 28.13  ? 2004 HOH A O   1 
HETATM 991  O O   . HOH D 4 .   ? 15.783  4.417   11.817  1.00 55.81  ? 2005 HOH A O   1 
HETATM 992  O O   . HOH D 4 .   ? 14.765  1.342   10.263  0.50 64.28  ? 2006 HOH A O   1 
HETATM 993  O O   . HOH D 4 .   ? -2.139  10.801  4.533   1.00 28.88  ? 2007 HOH A O   1 
HETATM 994  O O   . HOH D 4 .   ? -12.824 2.956   -3.930  1.00 28.46  ? 2008 HOH A O   1 
HETATM 995  O O   . HOH D 4 .   ? -9.539  11.504  -3.149  1.00 30.53  ? 2009 HOH A O   1 
HETATM 996  O O   . HOH D 4 .   ? -3.419  12.840  -6.341  1.00 47.70  ? 2010 HOH A O   1 
HETATM 997  O O   . HOH D 4 .   ? -6.054  13.575  -5.690  1.00 51.19  ? 2011 HOH A O   1 
HETATM 998  O O   . HOH D 4 .   ? -0.575  14.794  -0.040  1.00 43.07  ? 2012 HOH A O   1 
HETATM 999  O O   . HOH D 4 .   ? -0.471  9.974   -7.544  1.00 41.86  ? 2013 HOH A O   1 
HETATM 1000 O O   . HOH D 4 .   ? 11.012  -5.157  -5.200  1.00 49.76  ? 2014 HOH A O   1 
HETATM 1001 O O   . HOH D 4 .   ? 6.329   12.043  0.979   1.00 59.02  ? 2015 HOH A O   1 
HETATM 1002 O O   . HOH D 4 .   ? -3.696  6.608   2.472   1.00 32.23  ? 2016 HOH A O   1 
HETATM 1003 O O   . HOH D 4 .   ? -9.334  2.884   -5.384  1.00 40.05  ? 2017 HOH A O   1 
HETATM 1004 O O   . HOH D 4 .   ? -8.887  -4.707  5.909   1.00 21.86  ? 2018 HOH A O   1 
# 
loop_
_pdbx_poly_seq_scheme.asym_id 
_pdbx_poly_seq_scheme.entity_id 
_pdbx_poly_seq_scheme.seq_id 
_pdbx_poly_seq_scheme.mon_id 
_pdbx_poly_seq_scheme.ndb_seq_num 
_pdbx_poly_seq_scheme.pdb_seq_num 
_pdbx_poly_seq_scheme.auth_seq_num 
_pdbx_poly_seq_scheme.pdb_mon_id 
_pdbx_poly_seq_scheme.auth_mon_id 
_pdbx_poly_seq_scheme.pdb_strand_id 
_pdbx_poly_seq_scheme.pdb_ins_code 
_pdbx_poly_seq_scheme.hetero 
A 1 1   THR 1   1   1   THR THR A . n 
A 1 2   TRP 2   2   2   TRP TRP A . n 
A 1 3   GLY 3   3   3   GLY GLY A . n 
A 1 4   VAL 4   4   4   VAL VAL A . n 
A 1 5   SER 5   5   5   SER SER A . n 
A 1 6   SER 6   6   6   SER SER A . n 
A 1 7   PRO 7   7   7   PRO PRO A . n 
A 1 8   LYS 8   8   8   LYS LYS A . n 
A 1 9   ASN 9   9   9   ASN ASN A . n 
A 1 10  VAL 10  10  10  VAL VAL A . n 
A 1 11  GLN 11  11  11  GLN GLN A . n 
A 1 12  GLY 12  12  12  GLY GLY A . n 
A 1 13  LEU 13  13  13  LEU LEU A . n 
A 1 14  SER 14  14  14  SER SER A . n 
A 1 15  GLY 15  15  15  GLY GLY A . n 
A 1 16  SER 16  16  16  SER SER A . n 
A 1 17  CYS 17  17  17  CYS CYS A . n 
A 1 18  LEU 18  18  18  LEU LEU A . n 
A 1 19  LEU 19  19  19  LEU LEU A . n 
A 1 20  ILE 20  20  20  ILE ILE A . n 
A 1 21  PRO 21  21  21  PRO PRO A . n 
A 1 22  CYS 22  22  22  CYS CYS A . n 
A 1 23  ILE 23  23  23  ILE ILE A . n 
A 1 24  PHE 24  24  24  PHE PHE A . n 
A 1 25  SER 25  25  25  SER SER A . n 
A 1 26  TYR 26  26  26  TYR TYR A . n 
A 1 27  PRO 27  27  27  PRO PRO A . n 
A 1 28  ALA 28  28  28  ALA ALA A . n 
A 1 29  ASP 29  29  29  ASP ASP A . n 
A 1 30  VAL 30  30  30  VAL VAL A . n 
A 1 31  PRO 31  31  31  PRO PRO A . n 
A 1 32  VAL 32  32  32  VAL VAL A . n 
A 1 33  SER 33  33  33  SER SER A . n 
A 1 34  ASN 34  34  34  ASN ASN A . n 
A 1 35  GLY 35  35  35  GLY GLY A . n 
A 1 36  ILE 36  36  36  ILE ILE A . n 
A 1 37  THR 37  37  37  THR THR A . n 
A 1 38  ALA 38  38  38  ALA ALA A . n 
A 1 39  ILE 39  39  39  ILE ILE A . n 
A 1 40  TRP 40  40  40  TRP TRP A . n 
A 1 41  TYR 41  41  41  TYR TYR A . n 
A 1 42  TYR 42  42  42  TYR TYR A . n 
A 1 43  ASP 43  43  43  ASP ASP A . n 
A 1 44  TYR 44  44  44  TYR TYR A . n 
A 1 45  SER 45  45  45  SER SER A . n 
A 1 46  GLY 46  46  46  GLY GLY A . n 
A 1 47  LYS 47  47  47  LYS LYS A . n 
A 1 48  ARG 48  48  48  ARG ARG A . n 
A 1 49  GLN 49  49  49  GLN GLN A . n 
A 1 50  VAL 50  50  50  VAL VAL A . n 
A 1 51  VAL 51  51  51  VAL VAL A . n 
A 1 52  ILE 52  52  52  ILE ILE A . n 
A 1 53  HIS 53  53  53  HIS HIS A . n 
A 1 54  SER 54  54  54  SER SER A . n 
A 1 55  GLY 55  55  55  GLY GLY A . n 
A 1 56  ASP 56  56  56  ASP ASP A . n 
A 1 57  PRO 57  57  57  PRO PRO A . n 
A 1 58  LYS 58  58  58  LYS LYS A . n 
A 1 59  LEU 59  59  59  LEU LEU A . n 
A 1 60  VAL 60  60  60  VAL VAL A . n 
A 1 61  ASP 61  61  61  ASP ASP A . n 
A 1 62  LYS 62  62  62  LYS LYS A . n 
A 1 63  ARG 63  63  63  ARG ARG A . n 
A 1 64  PHE 64  64  64  PHE PHE A . n 
A 1 65  ARG 65  65  65  ARG ARG A . n 
A 1 66  GLY 66  66  66  GLY GLY A . n 
A 1 67  ARG 67  67  67  ARG ARG A . n 
A 1 68  ALA 68  68  68  ALA ALA A . n 
A 1 69  GLU 69  69  69  GLU GLU A . n 
A 1 70  LEU 70  70  70  LEU LEU A . n 
A 1 71  MET 71  71  71  MET MET A . n 
A 1 72  GLY 72  72  72  GLY GLY A . n 
A 1 73  ASN 73  73  73  ASN ASN A . n 
A 1 74  MET 74  74  74  MET MET A . n 
A 1 75  ASP 75  75  75  ASP ASP A . n 
A 1 76  HIS 76  76  76  HIS HIS A . n 
A 1 77  LYS 77  77  77  LYS LYS A . n 
A 1 78  VAL 78  78  78  VAL VAL A . n 
A 1 79  CYS 79  79  79  CYS CYS A . n 
A 1 80  ASN 80  80  80  ASN ASN A . n 
A 1 81  LEU 81  81  81  LEU LEU A . n 
A 1 82  LEU 82  82  82  LEU LEU A . n 
A 1 83  LEU 83  83  83  LEU LEU A . n 
A 1 84  LYS 84  84  84  LYS LYS A . n 
A 1 85  ASP 85  85  85  ASP ASP A . n 
A 1 86  LEU 86  86  86  LEU LEU A . n 
A 1 87  LYS 87  87  87  LYS LYS A . n 
A 1 88  PRO 88  88  88  PRO PRO A . n 
A 1 89  GLU 89  89  89  GLU GLU A . n 
A 1 90  ASP 90  90  90  ASP ASP A . n 
A 1 91  SER 91  91  91  SER SER A . n 
A 1 92  GLY 92  92  92  GLY GLY A . n 
A 1 93  THR 93  93  93  THR THR A . n 
A 1 94  TYR 94  94  94  TYR TYR A . n 
A 1 95  ASN 95  95  95  ASN ASN A . n 
A 1 96  PHE 96  96  96  PHE PHE A . n 
A 1 97  ARG 97  97  97  ARG ARG A . n 
A 1 98  PHE 98  98  98  PHE PHE A . n 
A 1 99  GLU 99  99  99  GLU GLU A . n 
A 1 100 ILE 100 100 100 ILE ILE A . n 
A 1 101 SER 101 101 101 SER SER A . n 
A 1 102 ASP 102 102 102 ASP ASP A . n 
A 1 103 SER 103 103 103 SER SER A . n 
A 1 104 ASN 104 104 104 ASN ASN A . n 
A 1 105 ARG 105 105 105 ARG ARG A . n 
A 1 106 TRP 106 106 106 TRP TRP A . n 
A 1 107 LEU 107 107 107 LEU LEU A . n 
A 1 108 ASP 108 108 108 ASP ASP A . n 
A 1 109 VAL 109 109 109 VAL VAL A . n 
A 1 110 LYS 110 110 110 LYS LYS A . n 
A 1 111 GLY 111 111 111 GLY GLY A . n 
A 1 112 THR 112 112 112 THR THR A . n 
A 1 113 THR 113 113 113 THR THR A . n 
A 1 114 VAL 114 114 114 VAL VAL A . n 
A 1 115 THR 115 115 115 THR THR A . n 
A 1 116 VAL 116 116 116 VAL VAL A . n 
A 1 117 THR 117 117 117 THR THR A . n 
A 1 118 THR 118 118 118 THR THR A . n 
B 2 1   ALA 1   1   ?   ?   ?   B . n 
B 2 2   GLY 2   2   2   GLY GLY B . n 
B 2 3   HIS 3   3   3   HIS HIS B . n 
B 2 4   THR 4   4   4   THR THR B . n 
B 2 5   TRP 5   5   5   TRP TRP B . n 
B 2 6   GLY 6   6   6   GLY GLY B . n 
B 2 7   HIA 7   7   7   HIA HIA B . n 
# 
loop_
_pdbx_nonpoly_scheme.asym_id 
_pdbx_nonpoly_scheme.entity_id 
_pdbx_nonpoly_scheme.mon_id 
_pdbx_nonpoly_scheme.ndb_seq_num 
_pdbx_nonpoly_scheme.pdb_seq_num 
_pdbx_nonpoly_scheme.auth_seq_num 
_pdbx_nonpoly_scheme.pdb_mon_id 
_pdbx_nonpoly_scheme.auth_mon_id 
_pdbx_nonpoly_scheme.pdb_strand_id 
_pdbx_nonpoly_scheme.pdb_ins_code 
C 3 SIA 1  1004 1004 SIA SIA B . 
D 4 HOH 1  2001 2001 HOH HOH A . 
D 4 HOH 2  2002 2002 HOH HOH A . 
D 4 HOH 3  2003 2003 HOH HOH A . 
D 4 HOH 4  2004 2004 HOH HOH A . 
D 4 HOH 5  2005 2005 HOH HOH A . 
D 4 HOH 6  2006 2006 HOH HOH A . 
D 4 HOH 7  2007 2007 HOH HOH A . 
D 4 HOH 8  2008 2008 HOH HOH A . 
D 4 HOH 9  2009 2009 HOH HOH A . 
D 4 HOH 10 2010 2010 HOH HOH A . 
D 4 HOH 11 2011 2011 HOH HOH A . 
D 4 HOH 12 2012 2012 HOH HOH A . 
D 4 HOH 13 2013 2013 HOH HOH A . 
D 4 HOH 14 2014 2014 HOH HOH A . 
D 4 HOH 15 2015 2015 HOH HOH A . 
D 4 HOH 16 2016 2016 HOH HOH A . 
D 4 HOH 17 2017 2017 HOH HOH A . 
D 4 HOH 18 2018 2018 HOH HOH A . 
# 
loop_
_pdbx_struct_mod_residue.id 
_pdbx_struct_mod_residue.label_asym_id 
_pdbx_struct_mod_residue.label_comp_id 
_pdbx_struct_mod_residue.label_seq_id 
_pdbx_struct_mod_residue.auth_asym_id 
_pdbx_struct_mod_residue.auth_comp_id 
_pdbx_struct_mod_residue.auth_seq_id 
_pdbx_struct_mod_residue.PDB_ins_code 
_pdbx_struct_mod_residue.parent_comp_id 
_pdbx_struct_mod_residue.details 
1 B THR 4 B THR 4 ? THR 'GLYCOSYLATION SITE' 
2 B HIA 7 B HIA 7 ? HIS 'L-HISTIDINE AMIDE'  
# 
_pdbx_struct_assembly.id                   1 
_pdbx_struct_assembly.details              author_and_software_defined_assembly 
_pdbx_struct_assembly.method_details       PQS 
_pdbx_struct_assembly.oligomeric_details   dimeric 
_pdbx_struct_assembly.oligomeric_count     2 
# 
_pdbx_struct_assembly_gen.assembly_id       1 
_pdbx_struct_assembly_gen.oper_expression   1 
_pdbx_struct_assembly_gen.asym_id_list      A,B,C,D 
# 
_pdbx_struct_oper_list.id                   1 
_pdbx_struct_oper_list.type                 'identity operation' 
_pdbx_struct_oper_list.name                 1_555 
_pdbx_struct_oper_list.symmetry_operation   x,y,z 
_pdbx_struct_oper_list.matrix[1][1]         1.0000000000 
_pdbx_struct_oper_list.matrix[1][2]         0.0000000000 
_pdbx_struct_oper_list.matrix[1][3]         0.0000000000 
_pdbx_struct_oper_list.vector[1]            0.0000000000 
_pdbx_struct_oper_list.matrix[2][1]         0.0000000000 
_pdbx_struct_oper_list.matrix[2][2]         1.0000000000 
_pdbx_struct_oper_list.matrix[2][3]         0.0000000000 
_pdbx_struct_oper_list.vector[2]            0.0000000000 
_pdbx_struct_oper_list.matrix[3][1]         0.0000000000 
_pdbx_struct_oper_list.matrix[3][2]         0.0000000000 
_pdbx_struct_oper_list.matrix[3][3]         1.0000000000 
_pdbx_struct_oper_list.vector[3]            0.0000000000 
# 
_pdbx_struct_special_symmetry.id              1 
_pdbx_struct_special_symmetry.PDB_model_num   1 
_pdbx_struct_special_symmetry.auth_asym_id    A 
_pdbx_struct_special_symmetry.auth_comp_id    HOH 
_pdbx_struct_special_symmetry.auth_seq_id     2006 
_pdbx_struct_special_symmetry.PDB_ins_code    ? 
_pdbx_struct_special_symmetry.label_asym_id   D 
_pdbx_struct_special_symmetry.label_comp_id   HOH 
_pdbx_struct_special_symmetry.label_seq_id    . 
# 
loop_
_pdbx_audit_revision_history.ordinal 
_pdbx_audit_revision_history.data_content_type 
_pdbx_audit_revision_history.major_revision 
_pdbx_audit_revision_history.minor_revision 
_pdbx_audit_revision_history.revision_date 
1 'Structure model' 1 0 2004-10-20 
2 'Structure model' 1 1 2011-05-08 
3 'Structure model' 1 2 2011-07-13 
4 'Structure model' 1 3 2018-01-17 
5 'Structure model' 1 4 2020-07-29 
6 'Structure model' 1 5 2023-12-13 
# 
loop_
_pdbx_audit_revision_details.ordinal 
_pdbx_audit_revision_details.revision_ordinal 
_pdbx_audit_revision_details.data_content_type 
_pdbx_audit_revision_details.provider 
_pdbx_audit_revision_details.type 
_pdbx_audit_revision_details.description 
_pdbx_audit_revision_details.details 
1 1 'Structure model' repository 'Initial release' ?                          ? 
2 5 'Structure model' repository Remediation       'Carbohydrate remediation' ? 
# 
loop_
_pdbx_audit_revision_group.ordinal 
_pdbx_audit_revision_group.revision_ordinal 
_pdbx_audit_revision_group.data_content_type 
_pdbx_audit_revision_group.group 
1  2 'Structure model' 'Version format compliance' 
2  3 'Structure model' 'Version format compliance' 
3  4 'Structure model' 'Data collection'           
4  4 'Structure model' 'Source and taxonomy'       
5  5 'Structure model' 'Data collection'           
6  5 'Structure model' 'Derived calculations'      
7  5 'Structure model' Other                       
8  5 'Structure model' 'Structure summary'         
9  6 'Structure model' 'Data collection'           
10 6 'Structure model' 'Database references'       
11 6 'Structure model' 'Refinement description'    
12 6 'Structure model' 'Structure summary'         
# 
loop_
_pdbx_audit_revision_category.ordinal 
_pdbx_audit_revision_category.revision_ordinal 
_pdbx_audit_revision_category.data_content_type 
_pdbx_audit_revision_category.category 
1  4 'Structure model' diffrn_source                 
2  4 'Structure model' pdbx_entity_src_syn           
3  5 'Structure model' chem_comp                     
4  5 'Structure model' entity                        
5  5 'Structure model' pdbx_chem_comp_identifier     
6  5 'Structure model' pdbx_database_status          
7  5 'Structure model' pdbx_entity_nonpoly           
8  5 'Structure model' struct_conn                   
9  5 'Structure model' struct_site                   
10 5 'Structure model' struct_site_gen               
11 6 'Structure model' chem_comp                     
12 6 'Structure model' chem_comp_atom                
13 6 'Structure model' chem_comp_bond                
14 6 'Structure model' database_2                    
15 6 'Structure model' pdbx_initial_refinement_model 
# 
loop_
_pdbx_audit_revision_item.ordinal 
_pdbx_audit_revision_item.revision_ordinal 
_pdbx_audit_revision_item.data_content_type 
_pdbx_audit_revision_item.item 
1  4 'Structure model' '_diffrn_source.pdbx_synchrotron_site' 
2  5 'Structure model' '_chem_comp.name'                      
3  5 'Structure model' '_chem_comp.type'                      
4  5 'Structure model' '_entity.pdbx_description'             
5  5 'Structure model' '_pdbx_database_status.status_code_sf' 
6  5 'Structure model' '_pdbx_entity_nonpoly.name'            
7  5 'Structure model' '_struct_conn.pdbx_leaving_atom_flag'  
8  6 'Structure model' '_chem_comp.pdbx_synonyms'             
9  6 'Structure model' '_database_2.pdbx_DOI'                 
10 6 'Structure model' '_database_2.pdbx_database_accession'  
# 
loop_
_software.name 
_software.classification 
_software.version 
_software.citation_id 
_software.pdbx_ordinal 
CNS    refinement       1.1 ? 1 
MOSFLM 'data reduction' .   ? 2 
SCALA  'data scaling'   .   ? 3 
AMoRE  phasing          .   ? 4 
# 
_pdbx_database_remark.id     700 
_pdbx_database_remark.text   
;
SHEET
THE SHEET STRUCTURE OF THIS MOLECULE IS BIFURCATED. IN
ORDER TO REPRESENT THIS FEATURE IN THE SHEET RECORDS BELOW,
TWO SHEETS ARE DEFINED.
;
# 
_pdbx_entry_details.entry_id                 1URL 
_pdbx_entry_details.compound_details         
;MOL_ID 1 IS MACROPHAGE-RESTRICTED ADHESION MOLECULE THAT
 MEDIATES SIALIC-ACID DEPENDENT BINDING TO LYMPHOCYTES
 GRANULOCYTES, MONOCYTES, NATURAL KILLER CELLS, B-CELLS
 AND CD8 T-CELLS. COULD ALSO PLAY A ROLE IN HEMOPOIESIS
;
_pdbx_entry_details.source_details           ? 
_pdbx_entry_details.nonpolymer_details       ? 
_pdbx_entry_details.sequence_details         ? 
_pdbx_entry_details.has_ligand_of_interest   ? 
# 
loop_
_pdbx_validate_torsion.id 
_pdbx_validate_torsion.PDB_model_num 
_pdbx_validate_torsion.auth_comp_id 
_pdbx_validate_torsion.auth_asym_id 
_pdbx_validate_torsion.auth_seq_id 
_pdbx_validate_torsion.PDB_ins_code 
_pdbx_validate_torsion.label_alt_id 
_pdbx_validate_torsion.phi 
_pdbx_validate_torsion.psi 
1  1 SER A 16  ? ? -78.76  -149.58 
2  1 VAL A 30  ? ? 0.59    133.65  
3  1 SER A 33  ? ? -143.32 -27.30  
4  1 ILE A 36  ? ? 46.69   107.33  
5  1 ARG A 48  ? ? 35.88   81.04   
6  1 HIS A 53  ? ? -160.10 102.21  
7  1 MET A 71  ? ? -101.86 66.32   
8  1 ASP A 85  ? ? 46.50   73.36   
9  1 SER A 103 ? ? -97.86  32.68   
10 1 HIS B 3   ? ? 118.52  -137.64 
11 1 THR B 4   ? ? 27.95   -80.15  
# 
loop_
_pdbx_unobs_or_zero_occ_atoms.id 
_pdbx_unobs_or_zero_occ_atoms.PDB_model_num 
_pdbx_unobs_or_zero_occ_atoms.polymer_flag 
_pdbx_unobs_or_zero_occ_atoms.occupancy_flag 
_pdbx_unobs_or_zero_occ_atoms.auth_asym_id 
_pdbx_unobs_or_zero_occ_atoms.auth_comp_id 
_pdbx_unobs_or_zero_occ_atoms.auth_seq_id 
_pdbx_unobs_or_zero_occ_atoms.PDB_ins_code 
_pdbx_unobs_or_zero_occ_atoms.auth_atom_id 
_pdbx_unobs_or_zero_occ_atoms.label_alt_id 
_pdbx_unobs_or_zero_occ_atoms.label_asym_id 
_pdbx_unobs_or_zero_occ_atoms.label_comp_id 
_pdbx_unobs_or_zero_occ_atoms.label_seq_id 
_pdbx_unobs_or_zero_occ_atoms.label_atom_id 
1  1 Y 1 A SER 33 ? CB  ? A SER 33 CB  
2  1 Y 1 A SER 33 ? OG  ? A SER 33 OG  
3  1 Y 1 A ASN 34 ? CB  ? A ASN 34 CB  
4  1 Y 1 A ASN 34 ? CG  ? A ASN 34 CG  
5  1 Y 1 A ASN 34 ? OD1 ? A ASN 34 OD1 
6  1 Y 1 A ASN 34 ? ND2 ? A ASN 34 ND2 
7  1 Y 1 B HIS 3  ? CB  ? B HIS 3  CB  
8  1 Y 1 B HIS 3  ? CG  ? B HIS 3  CG  
9  1 Y 1 B HIS 3  ? ND1 ? B HIS 3  ND1 
10 1 Y 1 B HIS 3  ? CD2 ? B HIS 3  CD2 
11 1 Y 1 B HIS 3  ? CE1 ? B HIS 3  CE1 
12 1 Y 1 B HIS 3  ? NE2 ? B HIS 3  NE2 
# 
_pdbx_unobs_or_zero_occ_residues.id               1 
_pdbx_unobs_or_zero_occ_residues.PDB_model_num    1 
_pdbx_unobs_or_zero_occ_residues.polymer_flag     Y 
_pdbx_unobs_or_zero_occ_residues.occupancy_flag   1 
_pdbx_unobs_or_zero_occ_residues.auth_asym_id     B 
_pdbx_unobs_or_zero_occ_residues.auth_comp_id     ALA 
_pdbx_unobs_or_zero_occ_residues.auth_seq_id      1 
_pdbx_unobs_or_zero_occ_residues.PDB_ins_code     ? 
_pdbx_unobs_or_zero_occ_residues.label_asym_id    B 
_pdbx_unobs_or_zero_occ_residues.label_comp_id    ALA 
_pdbx_unobs_or_zero_occ_residues.label_seq_id     1 
# 
loop_
_chem_comp_atom.comp_id 
_chem_comp_atom.atom_id 
_chem_comp_atom.type_symbol 
_chem_comp_atom.pdbx_aromatic_flag 
_chem_comp_atom.pdbx_stereo_config 
_chem_comp_atom.pdbx_ordinal 
ALA N    N N N 1   
ALA CA   C N S 2   
ALA C    C N N 3   
ALA O    O N N 4   
ALA CB   C N N 5   
ALA OXT  O N N 6   
ALA H    H N N 7   
ALA H2   H N N 8   
ALA HA   H N N 9   
ALA HB1  H N N 10  
ALA HB2  H N N 11  
ALA HB3  H N N 12  
ALA HXT  H N N 13  
ARG N    N N N 14  
ARG CA   C N S 15  
ARG C    C N N 16  
ARG O    O N N 17  
ARG CB   C N N 18  
ARG CG   C N N 19  
ARG CD   C N N 20  
ARG NE   N N N 21  
ARG CZ   C N N 22  
ARG NH1  N N N 23  
ARG NH2  N N N 24  
ARG OXT  O N N 25  
ARG H    H N N 26  
ARG H2   H N N 27  
ARG HA   H N N 28  
ARG HB2  H N N 29  
ARG HB3  H N N 30  
ARG HG2  H N N 31  
ARG HG3  H N N 32  
ARG HD2  H N N 33  
ARG HD3  H N N 34  
ARG HE   H N N 35  
ARG HH11 H N N 36  
ARG HH12 H N N 37  
ARG HH21 H N N 38  
ARG HH22 H N N 39  
ARG HXT  H N N 40  
ASN N    N N N 41  
ASN CA   C N S 42  
ASN C    C N N 43  
ASN O    O N N 44  
ASN CB   C N N 45  
ASN CG   C N N 46  
ASN OD1  O N N 47  
ASN ND2  N N N 48  
ASN OXT  O N N 49  
ASN H    H N N 50  
ASN H2   H N N 51  
ASN HA   H N N 52  
ASN HB2  H N N 53  
ASN HB3  H N N 54  
ASN HD21 H N N 55  
ASN HD22 H N N 56  
ASN HXT  H N N 57  
ASP N    N N N 58  
ASP CA   C N S 59  
ASP C    C N N 60  
ASP O    O N N 61  
ASP CB   C N N 62  
ASP CG   C N N 63  
ASP OD1  O N N 64  
ASP OD2  O N N 65  
ASP OXT  O N N 66  
ASP H    H N N 67  
ASP H2   H N N 68  
ASP HA   H N N 69  
ASP HB2  H N N 70  
ASP HB3  H N N 71  
ASP HD2  H N N 72  
ASP HXT  H N N 73  
CYS N    N N N 74  
CYS CA   C N R 75  
CYS C    C N N 76  
CYS O    O N N 77  
CYS CB   C N N 78  
CYS SG   S N N 79  
CYS OXT  O N N 80  
CYS H    H N N 81  
CYS H2   H N N 82  
CYS HA   H N N 83  
CYS HB2  H N N 84  
CYS HB3  H N N 85  
CYS HG   H N N 86  
CYS HXT  H N N 87  
GLN N    N N N 88  
GLN CA   C N S 89  
GLN C    C N N 90  
GLN O    O N N 91  
GLN CB   C N N 92  
GLN CG   C N N 93  
GLN CD   C N N 94  
GLN OE1  O N N 95  
GLN NE2  N N N 96  
GLN OXT  O N N 97  
GLN H    H N N 98  
GLN H2   H N N 99  
GLN HA   H N N 100 
GLN HB2  H N N 101 
GLN HB3  H N N 102 
GLN HG2  H N N 103 
GLN HG3  H N N 104 
GLN HE21 H N N 105 
GLN HE22 H N N 106 
GLN HXT  H N N 107 
GLU N    N N N 108 
GLU CA   C N S 109 
GLU C    C N N 110 
GLU O    O N N 111 
GLU CB   C N N 112 
GLU CG   C N N 113 
GLU CD   C N N 114 
GLU OE1  O N N 115 
GLU OE2  O N N 116 
GLU OXT  O N N 117 
GLU H    H N N 118 
GLU H2   H N N 119 
GLU HA   H N N 120 
GLU HB2  H N N 121 
GLU HB3  H N N 122 
GLU HG2  H N N 123 
GLU HG3  H N N 124 
GLU HE2  H N N 125 
GLU HXT  H N N 126 
GLY N    N N N 127 
GLY CA   C N N 128 
GLY C    C N N 129 
GLY O    O N N 130 
GLY OXT  O N N 131 
GLY H    H N N 132 
GLY H2   H N N 133 
GLY HA2  H N N 134 
GLY HA3  H N N 135 
GLY HXT  H N N 136 
HIA N    N N N 137 
HIA CA   C N S 138 
HIA CB   C N N 139 
HIA CG   C Y N 140 
HIA ND1  N Y N 141 
HIA CD2  C Y N 142 
HIA CE1  C Y N 143 
HIA NE2  N Y N 144 
HIA C    C N N 145 
HIA O    O N N 146 
HIA NXT  N N N 147 
HIA H    H N N 148 
HIA H2   H N N 149 
HIA HA   H N N 150 
HIA HB2  H N N 151 
HIA HB3  H N N 152 
HIA HD1  H N N 153 
HIA HD2  H N N 154 
HIA HE1  H N N 155 
HIA HXT1 H N N 156 
HIA HXT2 H N N 157 
HIS N    N N N 158 
HIS CA   C N S 159 
HIS C    C N N 160 
HIS O    O N N 161 
HIS CB   C N N 162 
HIS CG   C Y N 163 
HIS ND1  N Y N 164 
HIS CD2  C Y N 165 
HIS CE1  C Y N 166 
HIS NE2  N Y N 167 
HIS OXT  O N N 168 
HIS H    H N N 169 
HIS H2   H N N 170 
HIS HA   H N N 171 
HIS HB2  H N N 172 
HIS HB3  H N N 173 
HIS HD1  H N N 174 
HIS HD2  H N N 175 
HIS HE1  H N N 176 
HIS HE2  H N N 177 
HIS HXT  H N N 178 
HOH O    O N N 179 
HOH H1   H N N 180 
HOH H2   H N N 181 
ILE N    N N N 182 
ILE CA   C N S 183 
ILE C    C N N 184 
ILE O    O N N 185 
ILE CB   C N S 186 
ILE CG1  C N N 187 
ILE CG2  C N N 188 
ILE CD1  C N N 189 
ILE OXT  O N N 190 
ILE H    H N N 191 
ILE H2   H N N 192 
ILE HA   H N N 193 
ILE HB   H N N 194 
ILE HG12 H N N 195 
ILE HG13 H N N 196 
ILE HG21 H N N 197 
ILE HG22 H N N 198 
ILE HG23 H N N 199 
ILE HD11 H N N 200 
ILE HD12 H N N 201 
ILE HD13 H N N 202 
ILE HXT  H N N 203 
LEU N    N N N 204 
LEU CA   C N S 205 
LEU C    C N N 206 
LEU O    O N N 207 
LEU CB   C N N 208 
LEU CG   C N N 209 
LEU CD1  C N N 210 
LEU CD2  C N N 211 
LEU OXT  O N N 212 
LEU H    H N N 213 
LEU H2   H N N 214 
LEU HA   H N N 215 
LEU HB2  H N N 216 
LEU HB3  H N N 217 
LEU HG   H N N 218 
LEU HD11 H N N 219 
LEU HD12 H N N 220 
LEU HD13 H N N 221 
LEU HD21 H N N 222 
LEU HD22 H N N 223 
LEU HD23 H N N 224 
LEU HXT  H N N 225 
LYS N    N N N 226 
LYS CA   C N S 227 
LYS C    C N N 228 
LYS O    O N N 229 
LYS CB   C N N 230 
LYS CG   C N N 231 
LYS CD   C N N 232 
LYS CE   C N N 233 
LYS NZ   N N N 234 
LYS OXT  O N N 235 
LYS H    H N N 236 
LYS H2   H N N 237 
LYS HA   H N N 238 
LYS HB2  H N N 239 
LYS HB3  H N N 240 
LYS HG2  H N N 241 
LYS HG3  H N N 242 
LYS HD2  H N N 243 
LYS HD3  H N N 244 
LYS HE2  H N N 245 
LYS HE3  H N N 246 
LYS HZ1  H N N 247 
LYS HZ2  H N N 248 
LYS HZ3  H N N 249 
LYS HXT  H N N 250 
MET N    N N N 251 
MET CA   C N S 252 
MET C    C N N 253 
MET O    O N N 254 
MET CB   C N N 255 
MET CG   C N N 256 
MET SD   S N N 257 
MET CE   C N N 258 
MET OXT  O N N 259 
MET H    H N N 260 
MET H2   H N N 261 
MET HA   H N N 262 
MET HB2  H N N 263 
MET HB3  H N N 264 
MET HG2  H N N 265 
MET HG3  H N N 266 
MET HE1  H N N 267 
MET HE2  H N N 268 
MET HE3  H N N 269 
MET HXT  H N N 270 
PHE N    N N N 271 
PHE CA   C N S 272 
PHE C    C N N 273 
PHE O    O N N 274 
PHE CB   C N N 275 
PHE CG   C Y N 276 
PHE CD1  C Y N 277 
PHE CD2  C Y N 278 
PHE CE1  C Y N 279 
PHE CE2  C Y N 280 
PHE CZ   C Y N 281 
PHE OXT  O N N 282 
PHE H    H N N 283 
PHE H2   H N N 284 
PHE HA   H N N 285 
PHE HB2  H N N 286 
PHE HB3  H N N 287 
PHE HD1  H N N 288 
PHE HD2  H N N 289 
PHE HE1  H N N 290 
PHE HE2  H N N 291 
PHE HZ   H N N 292 
PHE HXT  H N N 293 
PRO N    N N N 294 
PRO CA   C N S 295 
PRO C    C N N 296 
PRO O    O N N 297 
PRO CB   C N N 298 
PRO CG   C N N 299 
PRO CD   C N N 300 
PRO OXT  O N N 301 
PRO H    H N N 302 
PRO HA   H N N 303 
PRO HB2  H N N 304 
PRO HB3  H N N 305 
PRO HG2  H N N 306 
PRO HG3  H N N 307 
PRO HD2  H N N 308 
PRO HD3  H N N 309 
PRO HXT  H N N 310 
SER N    N N N 311 
SER CA   C N S 312 
SER C    C N N 313 
SER O    O N N 314 
SER CB   C N N 315 
SER OG   O N N 316 
SER OXT  O N N 317 
SER H    H N N 318 
SER H2   H N N 319 
SER HA   H N N 320 
SER HB2  H N N 321 
SER HB3  H N N 322 
SER HG   H N N 323 
SER HXT  H N N 324 
SIA C1   C N N 325 
SIA C2   C N R 326 
SIA C3   C N N 327 
SIA C4   C N S 328 
SIA C5   C N R 329 
SIA C6   C N R 330 
SIA C7   C N R 331 
SIA C8   C N R 332 
SIA C9   C N N 333 
SIA C10  C N N 334 
SIA C11  C N N 335 
SIA N5   N N N 336 
SIA O1A  O N N 337 
SIA O1B  O N N 338 
SIA O2   O N N 339 
SIA O4   O N N 340 
SIA O6   O N N 341 
SIA O7   O N N 342 
SIA O8   O N N 343 
SIA O9   O N N 344 
SIA O10  O N N 345 
SIA H32  H N N 346 
SIA H31  H N N 347 
SIA H4   H N N 348 
SIA H5   H N N 349 
SIA H6   H N N 350 
SIA H7   H N N 351 
SIA H8   H N N 352 
SIA H92  H N N 353 
SIA H91  H N N 354 
SIA H111 H N N 355 
SIA H113 H N N 356 
SIA H112 H N N 357 
SIA HN5  H N N 358 
SIA HO1B H N N 359 
SIA HO2  H N N 360 
SIA HO4  H N N 361 
SIA HO7  H N N 362 
SIA HO8  H N N 363 
SIA HO9  H N N 364 
THR N    N N N 365 
THR CA   C N S 366 
THR C    C N N 367 
THR O    O N N 368 
THR CB   C N R 369 
THR OG1  O N N 370 
THR CG2  C N N 371 
THR OXT  O N N 372 
THR H    H N N 373 
THR H2   H N N 374 
THR HA   H N N 375 
THR HB   H N N 376 
THR HG1  H N N 377 
THR HG21 H N N 378 
THR HG22 H N N 379 
THR HG23 H N N 380 
THR HXT  H N N 381 
TRP N    N N N 382 
TRP CA   C N S 383 
TRP C    C N N 384 
TRP O    O N N 385 
TRP CB   C N N 386 
TRP CG   C Y N 387 
TRP CD1  C Y N 388 
TRP CD2  C Y N 389 
TRP NE1  N Y N 390 
TRP CE2  C Y N 391 
TRP CE3  C Y N 392 
TRP CZ2  C Y N 393 
TRP CZ3  C Y N 394 
TRP CH2  C Y N 395 
TRP OXT  O N N 396 
TRP H    H N N 397 
TRP H2   H N N 398 
TRP HA   H N N 399 
TRP HB2  H N N 400 
TRP HB3  H N N 401 
TRP HD1  H N N 402 
TRP HE1  H N N 403 
TRP HE3  H N N 404 
TRP HZ2  H N N 405 
TRP HZ3  H N N 406 
TRP HH2  H N N 407 
TRP HXT  H N N 408 
TYR N    N N N 409 
TYR CA   C N S 410 
TYR C    C N N 411 
TYR O    O N N 412 
TYR CB   C N N 413 
TYR CG   C Y N 414 
TYR CD1  C Y N 415 
TYR CD2  C Y N 416 
TYR CE1  C Y N 417 
TYR CE2  C Y N 418 
TYR CZ   C Y N 419 
TYR OH   O N N 420 
TYR OXT  O N N 421 
TYR H    H N N 422 
TYR H2   H N N 423 
TYR HA   H N N 424 
TYR HB2  H N N 425 
TYR HB3  H N N 426 
TYR HD1  H N N 427 
TYR HD2  H N N 428 
TYR HE1  H N N 429 
TYR HE2  H N N 430 
TYR HH   H N N 431 
TYR HXT  H N N 432 
VAL N    N N N 433 
VAL CA   C N S 434 
VAL C    C N N 435 
VAL O    O N N 436 
VAL CB   C N N 437 
VAL CG1  C N N 438 
VAL CG2  C N N 439 
VAL OXT  O N N 440 
VAL H    H N N 441 
VAL H2   H N N 442 
VAL HA   H N N 443 
VAL HB   H N N 444 
VAL HG11 H N N 445 
VAL HG12 H N N 446 
VAL HG13 H N N 447 
VAL HG21 H N N 448 
VAL HG22 H N N 449 
VAL HG23 H N N 450 
VAL HXT  H N N 451 
# 
loop_
_chem_comp_bond.comp_id 
_chem_comp_bond.atom_id_1 
_chem_comp_bond.atom_id_2 
_chem_comp_bond.value_order 
_chem_comp_bond.pdbx_aromatic_flag 
_chem_comp_bond.pdbx_stereo_config 
_chem_comp_bond.pdbx_ordinal 
ALA N   CA   sing N N 1   
ALA N   H    sing N N 2   
ALA N   H2   sing N N 3   
ALA CA  C    sing N N 4   
ALA CA  CB   sing N N 5   
ALA CA  HA   sing N N 6   
ALA C   O    doub N N 7   
ALA C   OXT  sing N N 8   
ALA CB  HB1  sing N N 9   
ALA CB  HB2  sing N N 10  
ALA CB  HB3  sing N N 11  
ALA OXT HXT  sing N N 12  
ARG N   CA   sing N N 13  
ARG N   H    sing N N 14  
ARG N   H2   sing N N 15  
ARG CA  C    sing N N 16  
ARG CA  CB   sing N N 17  
ARG CA  HA   sing N N 18  
ARG C   O    doub N N 19  
ARG C   OXT  sing N N 20  
ARG CB  CG   sing N N 21  
ARG CB  HB2  sing N N 22  
ARG CB  HB3  sing N N 23  
ARG CG  CD   sing N N 24  
ARG CG  HG2  sing N N 25  
ARG CG  HG3  sing N N 26  
ARG CD  NE   sing N N 27  
ARG CD  HD2  sing N N 28  
ARG CD  HD3  sing N N 29  
ARG NE  CZ   sing N N 30  
ARG NE  HE   sing N N 31  
ARG CZ  NH1  sing N N 32  
ARG CZ  NH2  doub N N 33  
ARG NH1 HH11 sing N N 34  
ARG NH1 HH12 sing N N 35  
ARG NH2 HH21 sing N N 36  
ARG NH2 HH22 sing N N 37  
ARG OXT HXT  sing N N 38  
ASN N   CA   sing N N 39  
ASN N   H    sing N N 40  
ASN N   H2   sing N N 41  
ASN CA  C    sing N N 42  
ASN CA  CB   sing N N 43  
ASN CA  HA   sing N N 44  
ASN C   O    doub N N 45  
ASN C   OXT  sing N N 46  
ASN CB  CG   sing N N 47  
ASN CB  HB2  sing N N 48  
ASN CB  HB3  sing N N 49  
ASN CG  OD1  doub N N 50  
ASN CG  ND2  sing N N 51  
ASN ND2 HD21 sing N N 52  
ASN ND2 HD22 sing N N 53  
ASN OXT HXT  sing N N 54  
ASP N   CA   sing N N 55  
ASP N   H    sing N N 56  
ASP N   H2   sing N N 57  
ASP CA  C    sing N N 58  
ASP CA  CB   sing N N 59  
ASP CA  HA   sing N N 60  
ASP C   O    doub N N 61  
ASP C   OXT  sing N N 62  
ASP CB  CG   sing N N 63  
ASP CB  HB2  sing N N 64  
ASP CB  HB3  sing N N 65  
ASP CG  OD1  doub N N 66  
ASP CG  OD2  sing N N 67  
ASP OD2 HD2  sing N N 68  
ASP OXT HXT  sing N N 69  
CYS N   CA   sing N N 70  
CYS N   H    sing N N 71  
CYS N   H2   sing N N 72  
CYS CA  C    sing N N 73  
CYS CA  CB   sing N N 74  
CYS CA  HA   sing N N 75  
CYS C   O    doub N N 76  
CYS C   OXT  sing N N 77  
CYS CB  SG   sing N N 78  
CYS CB  HB2  sing N N 79  
CYS CB  HB3  sing N N 80  
CYS SG  HG   sing N N 81  
CYS OXT HXT  sing N N 82  
GLN N   CA   sing N N 83  
GLN N   H    sing N N 84  
GLN N   H2   sing N N 85  
GLN CA  C    sing N N 86  
GLN CA  CB   sing N N 87  
GLN CA  HA   sing N N 88  
GLN C   O    doub N N 89  
GLN C   OXT  sing N N 90  
GLN CB  CG   sing N N 91  
GLN CB  HB2  sing N N 92  
GLN CB  HB3  sing N N 93  
GLN CG  CD   sing N N 94  
GLN CG  HG2  sing N N 95  
GLN CG  HG3  sing N N 96  
GLN CD  OE1  doub N N 97  
GLN CD  NE2  sing N N 98  
GLN NE2 HE21 sing N N 99  
GLN NE2 HE22 sing N N 100 
GLN OXT HXT  sing N N 101 
GLU N   CA   sing N N 102 
GLU N   H    sing N N 103 
GLU N   H2   sing N N 104 
GLU CA  C    sing N N 105 
GLU CA  CB   sing N N 106 
GLU CA  HA   sing N N 107 
GLU C   O    doub N N 108 
GLU C   OXT  sing N N 109 
GLU CB  CG   sing N N 110 
GLU CB  HB2  sing N N 111 
GLU CB  HB3  sing N N 112 
GLU CG  CD   sing N N 113 
GLU CG  HG2  sing N N 114 
GLU CG  HG3  sing N N 115 
GLU CD  OE1  doub N N 116 
GLU CD  OE2  sing N N 117 
GLU OE2 HE2  sing N N 118 
GLU OXT HXT  sing N N 119 
GLY N   CA   sing N N 120 
GLY N   H    sing N N 121 
GLY N   H2   sing N N 122 
GLY CA  C    sing N N 123 
GLY CA  HA2  sing N N 124 
GLY CA  HA3  sing N N 125 
GLY C   O    doub N N 126 
GLY C   OXT  sing N N 127 
GLY OXT HXT  sing N N 128 
HIA N   CA   sing N N 129 
HIA N   H    sing N N 130 
HIA N   H2   sing N N 131 
HIA CA  CB   sing N N 132 
HIA CA  C    sing N N 133 
HIA CA  HA   sing N N 134 
HIA CB  CG   sing N N 135 
HIA CB  HB2  sing N N 136 
HIA CB  HB3  sing N N 137 
HIA CG  ND1  sing Y N 138 
HIA CG  CD2  doub Y N 139 
HIA ND1 CE1  sing Y N 140 
HIA ND1 HD1  sing N N 141 
HIA CD2 NE2  sing Y N 142 
HIA CD2 HD2  sing N N 143 
HIA CE1 NE2  doub Y N 144 
HIA CE1 HE1  sing N N 145 
HIA C   O    doub N N 146 
HIA C   NXT  sing N N 147 
HIA NXT HXT1 sing N N 148 
HIA NXT HXT2 sing N N 149 
HIS N   CA   sing N N 150 
HIS N   H    sing N N 151 
HIS N   H2   sing N N 152 
HIS CA  C    sing N N 153 
HIS CA  CB   sing N N 154 
HIS CA  HA   sing N N 155 
HIS C   O    doub N N 156 
HIS C   OXT  sing N N 157 
HIS CB  CG   sing N N 158 
HIS CB  HB2  sing N N 159 
HIS CB  HB3  sing N N 160 
HIS CG  ND1  sing Y N 161 
HIS CG  CD2  doub Y N 162 
HIS ND1 CE1  doub Y N 163 
HIS ND1 HD1  sing N N 164 
HIS CD2 NE2  sing Y N 165 
HIS CD2 HD2  sing N N 166 
HIS CE1 NE2  sing Y N 167 
HIS CE1 HE1  sing N N 168 
HIS NE2 HE2  sing N N 169 
HIS OXT HXT  sing N N 170 
HOH O   H1   sing N N 171 
HOH O   H2   sing N N 172 
ILE N   CA   sing N N 173 
ILE N   H    sing N N 174 
ILE N   H2   sing N N 175 
ILE CA  C    sing N N 176 
ILE CA  CB   sing N N 177 
ILE CA  HA   sing N N 178 
ILE C   O    doub N N 179 
ILE C   OXT  sing N N 180 
ILE CB  CG1  sing N N 181 
ILE CB  CG2  sing N N 182 
ILE CB  HB   sing N N 183 
ILE CG1 CD1  sing N N 184 
ILE CG1 HG12 sing N N 185 
ILE CG1 HG13 sing N N 186 
ILE CG2 HG21 sing N N 187 
ILE CG2 HG22 sing N N 188 
ILE CG2 HG23 sing N N 189 
ILE CD1 HD11 sing N N 190 
ILE CD1 HD12 sing N N 191 
ILE CD1 HD13 sing N N 192 
ILE OXT HXT  sing N N 193 
LEU N   CA   sing N N 194 
LEU N   H    sing N N 195 
LEU N   H2   sing N N 196 
LEU CA  C    sing N N 197 
LEU CA  CB   sing N N 198 
LEU CA  HA   sing N N 199 
LEU C   O    doub N N 200 
LEU C   OXT  sing N N 201 
LEU CB  CG   sing N N 202 
LEU CB  HB2  sing N N 203 
LEU CB  HB3  sing N N 204 
LEU CG  CD1  sing N N 205 
LEU CG  CD2  sing N N 206 
LEU CG  HG   sing N N 207 
LEU CD1 HD11 sing N N 208 
LEU CD1 HD12 sing N N 209 
LEU CD1 HD13 sing N N 210 
LEU CD2 HD21 sing N N 211 
LEU CD2 HD22 sing N N 212 
LEU CD2 HD23 sing N N 213 
LEU OXT HXT  sing N N 214 
LYS N   CA   sing N N 215 
LYS N   H    sing N N 216 
LYS N   H2   sing N N 217 
LYS CA  C    sing N N 218 
LYS CA  CB   sing N N 219 
LYS CA  HA   sing N N 220 
LYS C   O    doub N N 221 
LYS C   OXT  sing N N 222 
LYS CB  CG   sing N N 223 
LYS CB  HB2  sing N N 224 
LYS CB  HB3  sing N N 225 
LYS CG  CD   sing N N 226 
LYS CG  HG2  sing N N 227 
LYS CG  HG3  sing N N 228 
LYS CD  CE   sing N N 229 
LYS CD  HD2  sing N N 230 
LYS CD  HD3  sing N N 231 
LYS CE  NZ   sing N N 232 
LYS CE  HE2  sing N N 233 
LYS CE  HE3  sing N N 234 
LYS NZ  HZ1  sing N N 235 
LYS NZ  HZ2  sing N N 236 
LYS NZ  HZ3  sing N N 237 
LYS OXT HXT  sing N N 238 
MET N   CA   sing N N 239 
MET N   H    sing N N 240 
MET N   H2   sing N N 241 
MET CA  C    sing N N 242 
MET CA  CB   sing N N 243 
MET CA  HA   sing N N 244 
MET C   O    doub N N 245 
MET C   OXT  sing N N 246 
MET CB  CG   sing N N 247 
MET CB  HB2  sing N N 248 
MET CB  HB3  sing N N 249 
MET CG  SD   sing N N 250 
MET CG  HG2  sing N N 251 
MET CG  HG3  sing N N 252 
MET SD  CE   sing N N 253 
MET CE  HE1  sing N N 254 
MET CE  HE2  sing N N 255 
MET CE  HE3  sing N N 256 
MET OXT HXT  sing N N 257 
PHE N   CA   sing N N 258 
PHE N   H    sing N N 259 
PHE N   H2   sing N N 260 
PHE CA  C    sing N N 261 
PHE CA  CB   sing N N 262 
PHE CA  HA   sing N N 263 
PHE C   O    doub N N 264 
PHE C   OXT  sing N N 265 
PHE CB  CG   sing N N 266 
PHE CB  HB2  sing N N 267 
PHE CB  HB3  sing N N 268 
PHE CG  CD1  doub Y N 269 
PHE CG  CD2  sing Y N 270 
PHE CD1 CE1  sing Y N 271 
PHE CD1 HD1  sing N N 272 
PHE CD2 CE2  doub Y N 273 
PHE CD2 HD2  sing N N 274 
PHE CE1 CZ   doub Y N 275 
PHE CE1 HE1  sing N N 276 
PHE CE2 CZ   sing Y N 277 
PHE CE2 HE2  sing N N 278 
PHE CZ  HZ   sing N N 279 
PHE OXT HXT  sing N N 280 
PRO N   CA   sing N N 281 
PRO N   CD   sing N N 282 
PRO N   H    sing N N 283 
PRO CA  C    sing N N 284 
PRO CA  CB   sing N N 285 
PRO CA  HA   sing N N 286 
PRO C   O    doub N N 287 
PRO C   OXT  sing N N 288 
PRO CB  CG   sing N N 289 
PRO CB  HB2  sing N N 290 
PRO CB  HB3  sing N N 291 
PRO CG  CD   sing N N 292 
PRO CG  HG2  sing N N 293 
PRO CG  HG3  sing N N 294 
PRO CD  HD2  sing N N 295 
PRO CD  HD3  sing N N 296 
PRO OXT HXT  sing N N 297 
SER N   CA   sing N N 298 
SER N   H    sing N N 299 
SER N   H2   sing N N 300 
SER CA  C    sing N N 301 
SER CA  CB   sing N N 302 
SER CA  HA   sing N N 303 
SER C   O    doub N N 304 
SER C   OXT  sing N N 305 
SER CB  OG   sing N N 306 
SER CB  HB2  sing N N 307 
SER CB  HB3  sing N N 308 
SER OG  HG   sing N N 309 
SER OXT HXT  sing N N 310 
SIA C1  C2   sing N N 311 
SIA C1  O1A  doub N N 312 
SIA C1  O1B  sing N N 313 
SIA C2  C3   sing N N 314 
SIA C2  O2   sing N N 315 
SIA C2  O6   sing N N 316 
SIA C3  C4   sing N N 317 
SIA C3  H32  sing N N 318 
SIA C3  H31  sing N N 319 
SIA C4  C5   sing N N 320 
SIA C4  O4   sing N N 321 
SIA C4  H4   sing N N 322 
SIA C5  C6   sing N N 323 
SIA C5  N5   sing N N 324 
SIA C5  H5   sing N N 325 
SIA C6  C7   sing N N 326 
SIA C6  O6   sing N N 327 
SIA C6  H6   sing N N 328 
SIA C7  C8   sing N N 329 
SIA C7  O7   sing N N 330 
SIA C7  H7   sing N N 331 
SIA C8  C9   sing N N 332 
SIA C8  O8   sing N N 333 
SIA C8  H8   sing N N 334 
SIA C9  O9   sing N N 335 
SIA C9  H92  sing N N 336 
SIA C9  H91  sing N N 337 
SIA C10 C11  sing N N 338 
SIA C10 N5   sing N N 339 
SIA C10 O10  doub N N 340 
SIA C11 H111 sing N N 341 
SIA C11 H113 sing N N 342 
SIA C11 H112 sing N N 343 
SIA N5  HN5  sing N N 344 
SIA O1B HO1B sing N N 345 
SIA O2  HO2  sing N N 346 
SIA O4  HO4  sing N N 347 
SIA O7  HO7  sing N N 348 
SIA O8  HO8  sing N N 349 
SIA O9  HO9  sing N N 350 
THR N   CA   sing N N 351 
THR N   H    sing N N 352 
THR N   H2   sing N N 353 
THR CA  C    sing N N 354 
THR CA  CB   sing N N 355 
THR CA  HA   sing N N 356 
THR C   O    doub N N 357 
THR C   OXT  sing N N 358 
THR CB  OG1  sing N N 359 
THR CB  CG2  sing N N 360 
THR CB  HB   sing N N 361 
THR OG1 HG1  sing N N 362 
THR CG2 HG21 sing N N 363 
THR CG2 HG22 sing N N 364 
THR CG2 HG23 sing N N 365 
THR OXT HXT  sing N N 366 
TRP N   CA   sing N N 367 
TRP N   H    sing N N 368 
TRP N   H2   sing N N 369 
TRP CA  C    sing N N 370 
TRP CA  CB   sing N N 371 
TRP CA  HA   sing N N 372 
TRP C   O    doub N N 373 
TRP C   OXT  sing N N 374 
TRP CB  CG   sing N N 375 
TRP CB  HB2  sing N N 376 
TRP CB  HB3  sing N N 377 
TRP CG  CD1  doub Y N 378 
TRP CG  CD2  sing Y N 379 
TRP CD1 NE1  sing Y N 380 
TRP CD1 HD1  sing N N 381 
TRP CD2 CE2  doub Y N 382 
TRP CD2 CE3  sing Y N 383 
TRP NE1 CE2  sing Y N 384 
TRP NE1 HE1  sing N N 385 
TRP CE2 CZ2  sing Y N 386 
TRP CE3 CZ3  doub Y N 387 
TRP CE3 HE3  sing N N 388 
TRP CZ2 CH2  doub Y N 389 
TRP CZ2 HZ2  sing N N 390 
TRP CZ3 CH2  sing Y N 391 
TRP CZ3 HZ3  sing N N 392 
TRP CH2 HH2  sing N N 393 
TRP OXT HXT  sing N N 394 
TYR N   CA   sing N N 395 
TYR N   H    sing N N 396 
TYR N   H2   sing N N 397 
TYR CA  C    sing N N 398 
TYR CA  CB   sing N N 399 
TYR CA  HA   sing N N 400 
TYR C   O    doub N N 401 
TYR C   OXT  sing N N 402 
TYR CB  CG   sing N N 403 
TYR CB  HB2  sing N N 404 
TYR CB  HB3  sing N N 405 
TYR CG  CD1  doub Y N 406 
TYR CG  CD2  sing Y N 407 
TYR CD1 CE1  sing Y N 408 
TYR CD1 HD1  sing N N 409 
TYR CD2 CE2  doub Y N 410 
TYR CD2 HD2  sing N N 411 
TYR CE1 CZ   doub Y N 412 
TYR CE1 HE1  sing N N 413 
TYR CE2 CZ   sing Y N 414 
TYR CE2 HE2  sing N N 415 
TYR CZ  OH   sing N N 416 
TYR OH  HH   sing N N 417 
TYR OXT HXT  sing N N 418 
VAL N   CA   sing N N 419 
VAL N   H    sing N N 420 
VAL N   H2   sing N N 421 
VAL CA  C    sing N N 422 
VAL CA  CB   sing N N 423 
VAL CA  HA   sing N N 424 
VAL C   O    doub N N 425 
VAL C   OXT  sing N N 426 
VAL CB  CG1  sing N N 427 
VAL CB  CG2  sing N N 428 
VAL CB  HB   sing N N 429 
VAL CG1 HG11 sing N N 430 
VAL CG1 HG12 sing N N 431 
VAL CG1 HG13 sing N N 432 
VAL CG2 HG21 sing N N 433 
VAL CG2 HG22 sing N N 434 
VAL CG2 HG23 sing N N 435 
VAL OXT HXT  sing N N 436 
# 
loop_
_pdbx_chem_comp_identifier.comp_id 
_pdbx_chem_comp_identifier.type 
_pdbx_chem_comp_identifier.program 
_pdbx_chem_comp_identifier.program_version 
_pdbx_chem_comp_identifier.identifier 
SIA 'CONDENSED IUPAC CARBOHYDRATE SYMBOL' GMML     1.0 DNeup5Aca                      
SIA 'COMMON NAME'                         GMML     1.0 'N-acetyl-a-D-neuraminic acid' 
SIA 'IUPAC CARBOHYDRATE SYMBOL'           PDB-CARE 1.0 a-D-Neup5Ac                    
SIA 'SNFG CARBOHYDRATE SYMBOL'            GMML     1.0 Neu5Ac                         
# 
loop_
_pdbx_entity_nonpoly.entity_id 
_pdbx_entity_nonpoly.name 
_pdbx_entity_nonpoly.comp_id 
3 'N-acetyl-alpha-neuraminic acid' SIA 
4 water                            HOH 
# 
_pdbx_initial_refinement_model.id               1 
_pdbx_initial_refinement_model.entity_id_list   ? 
_pdbx_initial_refinement_model.type             'experimental model' 
_pdbx_initial_refinement_model.source_name      PDB 
_pdbx_initial_refinement_model.accession_code   1QFO 
_pdbx_initial_refinement_model.details          'PDB ENTRY 1QFO' 
# 
